data_3CZO
#
_entry.id   3CZO
#
_cell.length_a   195.153
_cell.length_b   78.054
_cell.length_c   156.758
_cell.angle_alpha   90.00
_cell.angle_beta   120.43
_cell.angle_gamma   90.00
#
_symmetry.space_group_name_H-M   'C 1 2 1'
#
loop_
_entity.id
_entity.type
_entity.pdbx_description
1 polymer 'Histidine ammonia-lyase'
2 water water
#
_entity_poly.entity_id   1
_entity_poly.type   'polypeptide(L)'
_entity_poly.pdbx_seq_one_letter_code
;NVIIGNQKLTINDVARVARNGTLVSLTNNTDILQGIQASCDYINNAVESGEPIYGVTSGFGG(MSE)ANVAISREQASEL
QTNLVWFLKTGAGNKLPLADVRAA(MSE)LLRANSH(MSE)RGASGIRLELIKR(MSE)EIFLNAGVTPYVYEFGSIG
(MDO)DLVPLSYITGSLIGLDPSFKVDFNGKE(MSE)DAPTALRQLNLSPLTLLPKEGLA(MSE)(MSE)NGTSV(MSE)
TGIAANCVYDTQILTAIA(MSE)GVHALDIQALNGTNQSFHPFIHNSKPHPGQLWAADQ(MSE)ISLLANSQLVRDELDG
KHDYRDHELIQDRYSLRCLPQYLGPIVDGISQIAKQIEIEINSVTDNPLIDVDNQASYHGGNFLGQYVG(MSE)G(MSE)
DHLRYYIGLLAKHLDVQIALLASPEFSNGLPPSLLGNRERKVN(MSE)GLKGLQICGNSI(MSE)PLLTFYGNSIADRFP
THAEQFNQNINSQGYTSATLARRSVDIFQNYVAIAL(MSE)FGVQAVDLRTYKKTGHYDARASLSPATERLYSAVRHVVG
QKPTSDRPYIWNDNEQGLDEHIARISADIAAGGVIVQAVQDILPS
;
_entity_poly.pdbx_strand_id   A,B,C,D
#
# COMPACT_ATOMS: atom_id res chain seq x y z
N ASN A 1 -1.27 6.25 -29.52
CA ASN A 1 -2.66 6.38 -28.93
C ASN A 1 -2.92 5.61 -27.62
N VAL A 2 -2.67 4.30 -27.58
CA VAL A 2 -2.49 3.60 -26.29
C VAL A 2 -1.00 3.54 -25.95
N ILE A 3 -0.61 4.16 -24.83
CA ILE A 3 0.78 4.21 -24.44
C ILE A 3 1.06 3.12 -23.42
N ILE A 4 2.15 2.37 -23.66
CA ILE A 4 2.57 1.25 -22.82
C ILE A 4 3.78 1.64 -21.97
N GLY A 5 3.64 1.47 -20.66
CA GLY A 5 4.76 1.66 -19.75
C GLY A 5 4.46 2.61 -18.62
N ASN A 6 3.66 3.64 -18.95
CA ASN A 6 3.26 4.69 -18.00
C ASN A 6 2.19 4.31 -16.99
N GLN A 7 0.95 4.39 -17.44
CA GLN A 7 -0.22 4.15 -16.59
C GLN A 7 -0.79 2.74 -16.82
N LYS A 8 -1.54 2.26 -15.84
CA LYS A 8 -2.10 0.92 -15.91
C LYS A 8 -3.10 0.77 -17.04
N LEU A 9 -3.08 -0.39 -17.70
CA LEU A 9 -4.02 -0.68 -18.77
C LEU A 9 -5.37 -1.04 -18.20
N THR A 10 -6.42 -0.63 -18.89
CA THR A 10 -7.77 -1.01 -18.54
C THR A 10 -8.25 -2.10 -19.49
N ILE A 11 -9.30 -2.79 -19.12
CA ILE A 11 -9.93 -3.76 -20.01
C ILE A 11 -10.34 -3.05 -21.31
N ASN A 12 -10.81 -1.80 -21.22
CA ASN A 12 -11.22 -1.04 -22.40
C ASN A 12 -10.06 -0.75 -23.32
N ASP A 13 -8.92 -0.36 -22.74
CA ASP A 13 -7.66 -0.17 -23.46
C ASP A 13 -7.32 -1.43 -24.20
N VAL A 14 -7.34 -2.55 -23.48
CA VAL A 14 -7.01 -3.86 -24.11
C VAL A 14 -7.90 -4.13 -25.30
N ALA A 15 -9.18 -3.81 -25.17
CA ALA A 15 -10.21 -4.10 -26.20
C ALA A 15 -10.06 -3.24 -27.43
N ARG A 16 -9.82 -1.95 -27.24
CA ARG A 16 -9.50 -1.01 -28.32
C ARG A 16 -8.33 -1.50 -29.18
N VAL A 17 -7.23 -1.90 -28.54
CA VAL A 17 -6.08 -2.39 -29.29
C VAL A 17 -6.43 -3.72 -29.99
N ALA A 18 -7.04 -4.67 -29.27
CA ALA A 18 -7.30 -6.02 -29.82
C ALA A 18 -8.23 -6.01 -31.03
N ARG A 19 -9.34 -5.31 -30.92
CA ARG A 19 -10.47 -5.37 -31.86
C ARG A 19 -10.48 -4.25 -32.85
N ASN A 20 -10.07 -3.07 -32.40
CA ASN A 20 -10.26 -1.86 -33.16
C ASN A 20 -9.00 -1.38 -33.87
N GLY A 21 -7.87 -2.05 -33.62
CA GLY A 21 -6.62 -1.71 -34.30
C GLY A 21 -5.94 -0.48 -33.73
N THR A 22 -6.47 0.03 -32.62
CA THR A 22 -5.88 1.18 -31.92
C THR A 22 -4.36 1.04 -31.87
N LEU A 23 -3.68 2.09 -32.32
CA LEU A 23 -2.21 2.13 -32.32
C LEU A 23 -1.64 2.06 -30.91
N VAL A 24 -0.38 1.63 -30.83
CA VAL A 24 0.25 1.44 -29.55
C VAL A 24 1.66 2.05 -29.56
N SER A 25 2.12 2.50 -28.39
CA SER A 25 3.45 3.12 -28.29
C SER A 25 4.07 2.83 -26.93
N LEU A 26 5.37 2.51 -26.92
CA LEU A 26 6.13 2.40 -25.67
C LEU A 26 6.41 3.78 -25.16
N THR A 27 6.33 3.96 -23.84
CA THR A 27 6.68 5.23 -23.24
C THR A 27 8.14 5.53 -23.53
N ASN A 28 8.49 6.81 -23.50
CA ASN A 28 9.85 7.27 -23.77
C ASN A 28 10.52 7.67 -22.47
N ASN A 29 9.72 7.71 -21.41
CA ASN A 29 10.15 7.89 -20.04
C ASN A 29 11.43 7.13 -19.74
N THR A 30 12.49 7.88 -19.42
CA THR A 30 13.84 7.32 -19.26
C THR A 30 14.07 6.50 -17.98
N ASP A 31 13.25 6.73 -16.95
CA ASP A 31 13.28 5.88 -15.75
C ASP A 31 12.77 4.47 -16.09
N ILE A 32 11.77 4.40 -16.96
CA ILE A 32 11.19 3.16 -17.39
C ILE A 32 12.19 2.40 -18.25
N LEU A 33 12.80 3.11 -19.19
CA LEU A 33 13.79 2.52 -20.07
C LEU A 33 15.07 2.13 -19.33
N GLN A 34 15.48 2.94 -18.36
CA GLN A 34 16.60 2.60 -17.46
C GLN A 34 16.35 1.26 -16.74
N GLY A 35 15.13 1.10 -16.20
CA GLY A 35 14.72 -0.13 -15.54
C GLY A 35 14.90 -1.35 -16.43
N ILE A 36 14.37 -1.27 -17.64
CA ILE A 36 14.50 -2.32 -18.65
C ILE A 36 15.99 -2.63 -18.94
N GLN A 37 16.82 -1.59 -19.04
CA GLN A 37 18.25 -1.81 -19.34
C GLN A 37 18.98 -2.39 -18.15
N ALA A 38 18.65 -1.87 -16.95
CA ALA A 38 19.26 -2.35 -15.71
C ALA A 38 19.11 -3.87 -15.49
N SER A 39 17.91 -4.42 -15.70
CA SER A 39 17.69 -5.85 -15.43
C SER A 39 18.41 -6.70 -16.47
N CYS A 40 18.39 -6.19 -17.70
CA CYS A 40 19.19 -6.69 -18.81
C CYS A 40 20.69 -6.77 -18.45
N ASP A 41 21.26 -5.64 -18.02
CA ASP A 41 22.63 -5.59 -17.46
C ASP A 41 22.79 -6.72 -16.43
N TYR A 42 21.91 -6.73 -15.42
CA TYR A 42 22.00 -7.67 -14.32
C TYR A 42 22.07 -9.11 -14.79
N ILE A 43 21.14 -9.54 -15.63
CA ILE A 43 21.14 -10.92 -16.11
C ILE A 43 22.41 -11.26 -16.88
N ASN A 44 22.87 -10.33 -17.72
CA ASN A 44 24.10 -10.50 -18.49
C ASN A 44 25.30 -10.76 -17.59
N ASN A 45 25.45 -9.93 -16.56
CA ASN A 45 26.53 -10.08 -15.58
C ASN A 45 26.45 -11.41 -14.80
N ALA A 46 25.23 -11.82 -14.44
CA ALA A 46 25.02 -13.04 -13.66
C ALA A 46 25.43 -14.28 -14.46
N VAL A 47 25.17 -14.28 -15.76
CA VAL A 47 25.53 -15.44 -16.57
C VAL A 47 27.03 -15.42 -16.84
N GLU A 48 27.60 -14.23 -17.01
CA GLU A 48 29.05 -14.09 -17.10
C GLU A 48 29.72 -14.82 -15.93
N SER A 49 29.17 -14.65 -14.73
CA SER A 49 29.73 -15.25 -13.49
C SER A 49 29.40 -16.73 -13.25
N GLY A 50 28.56 -17.31 -14.11
CA GLY A 50 28.12 -18.71 -13.94
C GLY A 50 27.22 -18.95 -12.72
N GLU A 51 26.56 -17.88 -12.25
CA GLU A 51 25.67 -17.93 -11.09
C GLU A 51 24.37 -18.72 -11.34
N PRO A 52 23.95 -19.56 -10.36
CA PRO A 52 22.73 -20.36 -10.48
C PRO A 52 21.46 -19.50 -10.50
N ILE A 53 20.77 -19.46 -11.64
CA ILE A 53 19.45 -18.85 -11.76
C ILE A 53 18.51 -19.84 -12.44
N TYR A 54 17.27 -19.94 -11.95
CA TYR A 54 16.30 -20.83 -12.61
C TYR A 54 16.04 -20.40 -14.04
N GLY A 55 16.00 -21.40 -14.91
CA GLY A 55 15.72 -21.24 -16.33
C GLY A 55 16.69 -20.34 -17.03
N VAL A 56 17.87 -20.19 -16.48
CA VAL A 56 18.90 -19.38 -17.09
C VAL A 56 20.19 -20.22 -17.11
N THR A 57 20.61 -20.65 -15.92
CA THR A 57 21.77 -21.52 -15.76
C THR A 57 21.29 -22.87 -15.20
N SER A 58 20.05 -23.21 -15.55
CA SER A 58 19.37 -24.39 -15.03
C SER A 58 18.43 -24.92 -16.11
N GLY A 59 18.04 -26.19 -16.00
CA GLY A 59 16.99 -26.74 -16.85
C GLY A 59 15.62 -26.23 -16.43
N PHE A 60 14.57 -26.61 -17.14
CA PHE A 60 13.22 -26.10 -16.91
C PHE A 60 12.38 -27.16 -16.20
N GLY A 61 11.43 -26.71 -15.38
CA GLY A 61 10.44 -27.61 -14.79
C GLY A 61 11.06 -28.59 -13.81
N GLY A 62 10.66 -29.85 -13.91
CA GLY A 62 11.20 -30.91 -13.08
C GLY A 62 12.58 -31.34 -13.52
N MSE A 63 13.14 -30.63 -14.50
CA MSE A 63 14.54 -30.82 -14.88
C MSE A 63 15.38 -29.60 -14.48
O MSE A 63 16.42 -29.31 -15.08
CB MSE A 63 14.67 -31.15 -16.37
CG MSE A 63 14.00 -32.48 -16.74
SE MSE A 63 14.06 -32.82 -18.66
CE MSE A 63 16.02 -33.05 -18.81
N ALA A 64 14.92 -28.92 -13.44
CA ALA A 64 15.68 -27.81 -12.88
C ALA A 64 16.82 -28.27 -11.96
N ASN A 65 17.09 -29.58 -11.98
CA ASN A 65 18.32 -30.11 -11.40
C ASN A 65 19.45 -30.27 -12.42
N VAL A 66 19.17 -29.98 -13.69
CA VAL A 66 20.22 -29.97 -14.72
C VAL A 66 20.82 -28.58 -14.72
N ALA A 67 22.05 -28.42 -14.23
CA ALA A 67 22.77 -27.13 -14.40
C ALA A 67 23.16 -26.93 -15.86
N ILE A 68 23.15 -25.67 -16.31
CA ILE A 68 23.49 -25.29 -17.69
C ILE A 68 24.59 -24.23 -17.69
N SER A 69 25.66 -24.54 -18.42
CA SER A 69 26.87 -23.72 -18.45
C SER A 69 26.59 -22.39 -19.13
N ARG A 70 27.47 -21.43 -18.84
CA ARG A 70 27.42 -20.10 -19.43
C ARG A 70 27.43 -20.18 -20.96
N GLU A 71 28.10 -21.19 -21.51
CA GLU A 71 28.24 -21.30 -22.96
C GLU A 71 27.00 -21.85 -23.67
N GLN A 72 26.11 -22.49 -22.93
CA GLN A 72 24.88 -22.98 -23.52
C GLN A 72 23.64 -22.17 -23.08
N ALA A 73 23.92 -21.03 -22.46
CA ALA A 73 22.89 -20.15 -21.90
C ALA A 73 22.00 -19.51 -22.96
N SER A 74 22.57 -19.18 -24.11
CA SER A 74 21.75 -18.63 -25.16
C SER A 74 20.92 -19.76 -25.80
N GLU A 75 21.60 -20.81 -26.25
CA GLU A 75 20.95 -21.92 -26.90
C GLU A 75 19.80 -22.47 -26.06
N LEU A 76 20.05 -22.71 -24.76
CA LEU A 76 18.98 -23.00 -23.79
C LEU A 76 17.66 -22.27 -24.13
N GLN A 77 17.74 -20.97 -24.35
CA GLN A 77 16.52 -20.18 -24.56
C GLN A 77 15.89 -20.45 -25.95
N THR A 78 16.74 -20.63 -26.94
CA THR A 78 16.30 -20.90 -28.30
C THR A 78 15.64 -22.29 -28.38
N ASN A 79 16.19 -23.26 -27.65
CA ASN A 79 15.60 -24.60 -27.55
C ASN A 79 14.25 -24.59 -26.81
N LEU A 80 14.12 -23.70 -25.83
CA LEU A 80 12.84 -23.53 -25.09
C LEU A 80 11.70 -23.31 -26.10
N VAL A 81 11.90 -22.43 -27.07
CA VAL A 81 10.88 -22.27 -28.11
C VAL A 81 10.58 -23.60 -28.83
N TRP A 82 11.59 -24.39 -29.14
CA TRP A 82 11.38 -25.62 -29.97
C TRP A 82 10.57 -26.68 -29.26
N PHE A 83 10.93 -27.03 -28.03
CA PHE A 83 10.30 -28.14 -27.34
C PHE A 83 8.89 -27.78 -26.87
N LEU A 84 8.63 -26.46 -26.76
CA LEU A 84 7.30 -25.91 -26.53
C LEU A 84 6.42 -25.72 -27.79
N LYS A 85 6.91 -26.21 -28.94
CA LYS A 85 6.13 -26.13 -30.19
C LYS A 85 5.21 -27.33 -30.37
N THR A 86 4.20 -27.41 -29.51
CA THR A 86 3.40 -28.62 -29.41
C THR A 86 1.92 -28.32 -29.19
N GLY A 87 1.48 -27.20 -29.78
CA GLY A 87 0.10 -26.73 -29.68
C GLY A 87 -0.78 -27.59 -30.52
N ALA A 88 -2.08 -27.58 -30.21
CA ALA A 88 -3.05 -28.33 -30.99
C ALA A 88 -4.44 -27.68 -30.92
N GLY A 89 -5.34 -28.17 -31.77
CA GLY A 89 -6.70 -27.72 -31.79
C GLY A 89 -6.86 -26.59 -32.77
N ASN A 90 -7.96 -25.86 -32.64
CA ASN A 90 -8.21 -24.66 -33.41
C ASN A 90 -7.31 -23.52 -32.95
N LYS A 91 -7.23 -22.51 -33.78
CA LYS A 91 -6.50 -21.29 -33.49
C LYS A 91 -7.32 -20.37 -32.59
N LEU A 92 -6.66 -19.63 -31.71
CA LEU A 92 -7.26 -18.49 -31.04
C LEU A 92 -7.71 -17.46 -32.06
N PRO A 93 -8.78 -16.70 -31.75
CA PRO A 93 -9.11 -15.55 -32.59
C PRO A 93 -7.98 -14.51 -32.52
N LEU A 94 -7.69 -13.87 -33.64
CA LEU A 94 -6.60 -12.89 -33.75
C LEU A 94 -6.61 -11.77 -32.69
N ALA A 95 -7.80 -11.36 -32.24
CA ALA A 95 -7.94 -10.33 -31.22
C ALA A 95 -7.45 -10.77 -29.87
N ASP A 96 -7.55 -12.05 -29.57
CA ASP A 96 -7.00 -12.55 -28.30
C ASP A 96 -5.46 -12.55 -28.37
N VAL A 97 -4.89 -12.81 -29.55
CA VAL A 97 -3.44 -12.75 -29.67
C VAL A 97 -2.94 -11.31 -29.59
N ARG A 98 -3.62 -10.40 -30.26
CA ARG A 98 -3.25 -8.98 -30.15
C ARG A 98 -3.21 -8.58 -28.67
N ALA A 99 -4.28 -8.93 -27.94
CA ALA A 99 -4.35 -8.75 -26.49
C ALA A 99 -3.15 -9.36 -25.76
N ALA A 100 -2.81 -10.60 -26.08
CA ALA A 100 -1.65 -11.25 -25.45
C ALA A 100 -0.39 -10.38 -25.55
N MSE A 101 0.01 -10.06 -26.80
CA MSE A 101 1.20 -9.28 -27.08
C MSE A 101 1.21 -7.91 -26.37
O MSE A 101 2.26 -7.46 -25.87
CB MSE A 101 1.35 -9.08 -28.59
CG MSE A 101 1.80 -10.30 -29.37
SE MSE A 101 2.26 -9.95 -31.24
CE MSE A 101 0.53 -9.42 -31.94
N LEU A 102 0.06 -7.25 -26.34
CA LEU A 102 -0.07 -5.99 -25.62
C LEU A 102 0.22 -6.16 -24.12
N LEU A 103 -0.22 -7.29 -23.56
CA LEU A 103 -0.04 -7.55 -22.13
C LEU A 103 1.39 -7.90 -21.84
N ARG A 104 1.99 -8.75 -22.67
CA ARG A 104 3.41 -9.12 -22.55
C ARG A 104 4.29 -7.86 -22.62
N ALA A 105 4.02 -6.97 -23.56
CA ALA A 105 4.77 -5.72 -23.65
C ALA A 105 4.62 -4.97 -22.35
N ASN A 106 3.37 -4.86 -21.86
CA ASN A 106 3.08 -4.20 -20.58
C ASN A 106 3.86 -4.82 -19.41
N SER A 107 3.86 -6.15 -19.34
CA SER A 107 4.62 -6.87 -18.30
C SER A 107 6.09 -6.42 -18.32
N HIS A 108 6.71 -6.53 -19.50
CA HIS A 108 8.14 -6.28 -19.72
C HIS A 108 8.62 -4.85 -19.37
N MSE A 109 7.75 -3.86 -19.59
CA MSE A 109 8.06 -2.45 -19.33
C MSE A 109 8.35 -2.13 -17.87
O MSE A 109 8.82 -1.04 -17.54
CB MSE A 109 6.91 -1.55 -19.79
CG MSE A 109 6.60 -1.62 -21.26
SE MSE A 109 8.05 -0.93 -22.39
CE MSE A 109 7.90 0.99 -22.00
N ARG A 110 8.02 -3.07 -17.00
CA ARG A 110 8.20 -2.89 -15.56
C ARG A 110 9.66 -3.07 -15.11
N GLY A 111 10.52 -3.51 -16.03
CA GLY A 111 11.96 -3.64 -15.76
C GLY A 111 12.44 -4.73 -14.82
N ALA A 112 11.65 -5.80 -14.67
CA ALA A 112 12.05 -6.92 -13.81
C ALA A 112 12.20 -8.23 -14.56
N SER A 113 12.17 -8.18 -15.88
CA SER A 113 12.23 -9.41 -16.68
C SER A 113 13.54 -9.65 -17.43
N GLY A 114 14.38 -8.61 -17.52
CA GLY A 114 15.73 -8.79 -18.07
C GLY A 114 15.71 -9.01 -19.57
N ILE A 115 14.79 -8.33 -20.26
CA ILE A 115 14.63 -8.51 -21.71
C ILE A 115 15.00 -7.23 -22.44
N ARG A 116 15.63 -7.38 -23.61
CA ARG A 116 16.00 -6.26 -24.47
C ARG A 116 14.80 -5.45 -24.90
N LEU A 117 14.91 -4.13 -24.78
CA LEU A 117 13.89 -3.21 -25.26
C LEU A 117 13.48 -3.54 -26.68
N GLU A 118 14.46 -3.91 -27.51
CA GLU A 118 14.25 -4.28 -28.93
C GLU A 118 13.29 -5.46 -29.15
N LEU A 119 13.28 -6.40 -28.20
CA LEU A 119 12.30 -7.47 -28.24
C LEU A 119 10.91 -6.97 -27.84
N ILE A 120 10.84 -5.93 -27.02
CA ILE A 120 9.56 -5.38 -26.59
C ILE A 120 8.93 -4.53 -27.70
N LYS A 121 9.77 -3.93 -28.53
CA LYS A 121 9.40 -3.06 -29.63
C LYS A 121 8.85 -3.88 -30.80
N ARG A 122 9.34 -5.11 -30.88
CA ARG A 122 8.97 -6.06 -31.93
C ARG A 122 7.47 -6.30 -31.86
N MSE A 123 6.95 -6.35 -30.64
CA MSE A 123 5.52 -6.49 -30.36
C MSE A 123 4.72 -5.22 -30.63
O MSE A 123 3.59 -5.27 -31.10
CB MSE A 123 5.34 -6.88 -28.90
CG MSE A 123 5.52 -8.34 -28.69
SE MSE A 123 5.54 -8.80 -26.81
CE MSE A 123 7.38 -8.35 -26.38
N GLU A 124 5.31 -4.08 -30.30
CA GLU A 124 4.74 -2.80 -30.68
C GLU A 124 4.59 -2.80 -32.20
N ILE A 125 5.64 -3.23 -32.90
CA ILE A 125 5.65 -3.23 -34.35
C ILE A 125 4.58 -4.18 -34.90
N PHE A 126 4.61 -5.44 -34.47
CA PHE A 126 3.62 -6.44 -34.93
C PHE A 126 2.21 -5.91 -34.69
N LEU A 127 2.02 -5.25 -33.53
CA LEU A 127 0.70 -4.71 -33.18
C LEU A 127 0.25 -3.64 -34.17
N ASN A 128 1.16 -2.76 -34.53
CA ASN A 128 0.87 -1.65 -35.40
C ASN A 128 0.83 -2.02 -36.85
N ALA A 129 1.60 -3.03 -37.23
CA ALA A 129 1.59 -3.44 -38.63
C ALA A 129 0.48 -4.44 -38.94
N GLY A 130 -0.18 -4.97 -37.92
CA GLY A 130 -1.24 -5.95 -38.13
C GLY A 130 -0.71 -7.34 -38.42
N VAL A 131 0.43 -7.67 -37.82
CA VAL A 131 0.93 -9.03 -37.91
C VAL A 131 0.50 -9.78 -36.64
N THR A 132 -0.22 -10.90 -36.83
CA THR A 132 -0.72 -11.68 -35.72
C THR A 132 -0.27 -13.13 -35.80
N PRO A 133 0.67 -13.53 -34.91
CA PRO A 133 1.10 -14.93 -34.84
C PRO A 133 -0.08 -15.91 -34.66
N TYR A 134 0.01 -17.11 -35.21
CA TYR A 134 -0.97 -18.14 -34.93
C TYR A 134 -0.69 -18.79 -33.58
N VAL A 135 -1.73 -18.86 -32.74
CA VAL A 135 -1.63 -19.54 -31.45
C VAL A 135 -2.74 -20.60 -31.35
N TYR A 136 -2.42 -21.79 -30.84
CA TYR A 136 -3.43 -22.89 -30.79
C TYR A 136 -4.17 -22.88 -29.44
N GLU A 137 -5.37 -23.48 -29.44
CA GLU A 137 -6.27 -23.43 -28.30
C GLU A 137 -5.81 -24.36 -27.19
N PHE A 138 -4.92 -25.30 -27.51
CA PHE A 138 -4.42 -26.30 -26.55
C PHE A 138 -2.92 -26.19 -26.38
N GLY A 139 -2.49 -26.37 -25.13
CA GLY A 139 -1.06 -26.48 -24.81
C GLY A 139 -0.66 -25.88 -23.46
N SER A 140 -1.53 -25.03 -22.89
CA SER A 140 -1.24 -24.35 -21.64
C SER A 140 -2.13 -24.88 -20.52
N ILE A 141 -1.52 -25.16 -19.37
CA ILE A 141 -2.28 -25.40 -18.15
C ILE A 141 -2.29 -24.15 -17.28
N GLY A 142 -1.97 -23.01 -17.85
CA GLY A 142 -2.06 -21.75 -17.11
C GLY A 142 -1.22 -21.68 -15.84
N1 MDO A 143 -0.03 -22.19 -16.15
CA1 MDO A 143 1.03 -22.02 -15.18
C1 MDO A 143 2.38 -21.75 -15.78
CB MDO A 143 1.08 -23.18 -14.22
N2 MDO A 143 3.54 -22.36 -15.39
CA2 MDO A 143 4.59 -21.85 -16.10
C2 MDO A 143 3.98 -20.90 -16.90
O2 MDO A 143 4.66 -20.04 -17.89
CB2 MDO A 143 6.05 -22.25 -15.95
N3 MDO A 143 2.67 -20.81 -16.72
CA3 MDO A 143 1.77 -19.92 -17.50
C3 MDO A 143 1.32 -20.62 -18.77
O3 MDO A 143 1.68 -21.79 -19.05
N ASP A 144 1.61 -19.61 -19.62
CA ASP A 144 1.19 -19.84 -21.04
C ASP A 144 2.41 -20.14 -21.93
N LEU A 145 3.32 -20.96 -21.41
CA LEU A 145 4.57 -21.32 -22.12
C LEU A 145 4.39 -21.69 -23.57
N VAL A 146 3.46 -22.63 -23.83
CA VAL A 146 3.33 -23.20 -25.16
C VAL A 146 2.71 -22.20 -26.17
N PRO A 147 1.56 -21.58 -25.81
CA PRO A 147 1.02 -20.56 -26.72
C PRO A 147 1.99 -19.41 -26.93
N LEU A 148 2.75 -19.04 -25.90
CA LEU A 148 3.65 -17.89 -26.03
C LEU A 148 4.91 -18.17 -26.86
N SER A 149 5.22 -19.44 -27.08
CA SER A 149 6.36 -19.84 -27.92
C SER A 149 6.07 -19.65 -29.41
N TYR A 150 4.80 -19.64 -29.78
CA TYR A 150 4.41 -19.36 -31.14
C TYR A 150 4.50 -17.86 -31.37
N ILE A 151 4.06 -17.09 -30.39
CA ILE A 151 4.30 -15.62 -30.40
C ILE A 151 5.78 -15.24 -30.55
N THR A 152 6.65 -15.76 -29.67
CA THR A 152 8.09 -15.52 -29.69
C THR A 152 8.81 -15.96 -30.98
N GLY A 153 8.73 -17.25 -31.33
CA GLY A 153 9.27 -17.78 -32.57
C GLY A 153 8.84 -16.99 -33.81
N SER A 154 7.61 -16.51 -33.82
CA SER A 154 7.15 -15.63 -34.88
C SER A 154 7.81 -14.26 -34.80
N LEU A 155 7.98 -13.72 -33.59
CA LEU A 155 8.52 -12.36 -33.42
C LEU A 155 9.98 -12.31 -33.84
N ILE A 156 10.69 -13.42 -33.63
CA ILE A 156 12.13 -13.51 -33.89
C ILE A 156 12.41 -14.21 -35.23
N GLY A 157 11.35 -14.62 -35.91
CA GLY A 157 11.44 -15.32 -37.20
C GLY A 157 12.28 -16.58 -37.12
N LEU A 158 12.04 -17.39 -36.10
CA LEU A 158 12.88 -18.56 -35.84
C LEU A 158 12.91 -19.58 -36.98
N ASP A 159 11.78 -19.76 -37.66
CA ASP A 159 11.63 -20.85 -38.60
C ASP A 159 10.39 -20.58 -39.48
N PRO A 160 10.46 -20.99 -40.77
CA PRO A 160 9.27 -20.94 -41.63
C PRO A 160 8.04 -21.68 -41.10
N SER A 161 8.22 -22.56 -40.11
CA SER A 161 7.12 -23.36 -39.55
C SER A 161 6.15 -22.56 -38.69
N PHE A 162 6.61 -21.43 -38.14
CA PHE A 162 5.77 -20.45 -37.44
C PHE A 162 5.00 -19.62 -38.46
N LYS A 163 3.68 -19.68 -38.42
CA LYS A 163 2.84 -18.90 -39.33
C LYS A 163 2.30 -17.65 -38.65
N VAL A 164 1.86 -16.69 -39.47
CA VAL A 164 1.26 -15.47 -38.95
C VAL A 164 0.14 -15.01 -39.88
N ASP A 165 -0.72 -14.14 -39.36
CA ASP A 165 -1.63 -13.35 -40.18
C ASP A 165 -0.97 -11.97 -40.34
N PHE A 166 -0.77 -11.57 -41.58
CA PHE A 166 -0.36 -10.20 -41.93
C PHE A 166 -1.58 -9.60 -42.63
N ASN A 167 -2.21 -8.64 -41.97
CA ASN A 167 -3.53 -8.11 -42.35
C ASN A 167 -4.36 -9.01 -43.25
N GLY A 168 -4.71 -10.20 -42.76
CA GLY A 168 -5.69 -11.02 -43.44
C GLY A 168 -5.07 -12.05 -44.35
N LYS A 169 -3.80 -11.86 -44.66
CA LYS A 169 -2.99 -12.84 -45.41
C LYS A 169 -2.17 -13.75 -44.46
N GLU A 170 -2.22 -15.06 -44.71
CA GLU A 170 -1.31 -16.02 -44.05
C GLU A 170 0.05 -16.05 -44.73
N MSE A 171 1.10 -15.97 -43.92
CA MSE A 171 2.46 -16.15 -44.40
C MSE A 171 3.35 -16.63 -43.25
O MSE A 171 2.90 -16.69 -42.09
CB MSE A 171 3.02 -14.84 -44.98
CG MSE A 171 3.14 -13.69 -44.01
SE MSE A 171 3.84 -12.06 -44.87
CE MSE A 171 2.37 -11.80 -46.16
N ASP A 172 4.60 -16.97 -43.57
CA ASP A 172 5.53 -17.42 -42.54
C ASP A 172 6.22 -16.24 -41.87
N ALA A 173 6.58 -16.42 -40.61
CA ALA A 173 7.16 -15.35 -39.82
C ALA A 173 8.45 -14.74 -40.42
N PRO A 174 9.42 -15.56 -40.88
CA PRO A 174 10.58 -14.97 -41.54
C PRO A 174 10.18 -14.01 -42.66
N THR A 175 9.32 -14.48 -43.57
CA THR A 175 8.77 -13.65 -44.63
C THR A 175 8.13 -12.37 -44.13
N ALA A 176 7.44 -12.43 -42.98
CA ALA A 176 6.78 -11.25 -42.41
C ALA A 176 7.83 -10.24 -41.97
N LEU A 177 8.92 -10.72 -41.36
CA LEU A 177 10.04 -9.87 -40.94
C LEU A 177 10.82 -9.29 -42.12
N ARG A 178 10.93 -10.04 -43.22
CA ARG A 178 11.55 -9.46 -44.43
C ARG A 178 10.70 -8.30 -44.91
N GLN A 179 9.38 -8.48 -44.93
CA GLN A 179 8.44 -7.45 -45.38
C GLN A 179 8.43 -6.20 -44.52
N LEU A 180 8.71 -6.38 -43.22
CA LEU A 180 8.71 -5.30 -42.25
C LEU A 180 10.10 -4.72 -42.17
N ASN A 181 10.99 -5.23 -43.01
CA ASN A 181 12.38 -4.81 -42.98
C ASN A 181 13.06 -4.99 -41.63
N LEU A 182 12.74 -6.12 -40.98
CA LEU A 182 13.30 -6.46 -39.70
C LEU A 182 14.18 -7.68 -39.81
N SER A 183 15.25 -7.71 -39.03
CA SER A 183 16.13 -8.86 -39.00
C SER A 183 15.65 -9.85 -37.94
N PRO A 184 15.89 -11.16 -38.21
CA PRO A 184 15.66 -12.20 -37.22
C PRO A 184 16.42 -11.91 -35.91
N LEU A 185 15.89 -12.36 -34.78
CA LEU A 185 16.57 -12.14 -33.52
C LEU A 185 17.08 -13.42 -32.88
N THR A 186 18.12 -13.29 -32.08
CA THR A 186 18.66 -14.41 -31.36
C THR A 186 18.41 -14.14 -29.90
N LEU A 187 17.69 -15.03 -29.24
CA LEU A 187 17.41 -14.90 -27.81
C LEU A 187 18.66 -14.93 -26.91
N LEU A 188 18.73 -13.97 -26.01
CA LEU A 188 19.76 -13.92 -25.01
C LEU A 188 19.27 -14.69 -23.77
N PRO A 189 20.17 -15.04 -22.84
CA PRO A 189 19.72 -15.77 -21.65
C PRO A 189 18.61 -15.05 -20.88
N LYS A 190 17.63 -15.83 -20.39
CA LYS A 190 16.39 -15.35 -19.74
C LYS A 190 15.28 -14.94 -20.72
N GLU A 191 15.68 -14.37 -21.86
CA GLU A 191 14.71 -13.75 -22.79
C GLU A 191 13.62 -14.68 -23.32
N GLY A 192 13.98 -15.92 -23.65
CA GLY A 192 12.98 -16.94 -23.97
C GLY A 192 11.99 -17.08 -22.81
N LEU A 193 12.52 -17.32 -21.61
CA LEU A 193 11.68 -17.48 -20.41
C LEU A 193 10.82 -16.24 -20.17
N ALA A 194 11.42 -15.05 -20.26
CA ALA A 194 10.73 -13.77 -20.14
C ALA A 194 9.63 -13.59 -21.20
N MSE A 195 9.88 -14.06 -22.43
CA MSE A 195 8.86 -14.10 -23.47
C MSE A 195 7.73 -15.08 -23.17
O MSE A 195 6.59 -14.82 -23.51
CB MSE A 195 9.44 -14.42 -24.87
CG MSE A 195 10.09 -13.22 -25.62
SE MSE A 195 8.87 -11.69 -25.92
CE MSE A 195 7.26 -12.67 -26.50
N MSE A 196 8.06 -16.21 -22.55
CA MSE A 196 7.10 -17.32 -22.46
C MSE A 196 6.50 -17.62 -21.06
O MSE A 196 5.50 -18.32 -20.93
CB MSE A 196 7.68 -18.59 -23.13
CG MSE A 196 7.90 -18.45 -24.63
SE MSE A 196 9.12 -19.77 -25.49
CE MSE A 196 10.81 -18.81 -25.41
N ASN A 197 7.08 -17.05 -20.00
CA ASN A 197 6.76 -17.50 -18.64
C ASN A 197 5.75 -16.57 -18.00
N GLY A 198 4.52 -16.58 -18.49
CA GLY A 198 3.55 -15.65 -17.97
C GLY A 198 2.10 -15.96 -18.23
N THR A 199 1.24 -15.03 -17.82
CA THR A 199 -0.22 -15.20 -17.96
C THR A 199 -0.85 -14.32 -19.05
N SER A 200 -0.03 -13.73 -19.91
CA SER A 200 -0.50 -12.75 -20.92
C SER A 200 -1.61 -13.23 -21.88
N VAL A 201 -1.53 -14.48 -22.32
CA VAL A 201 -2.53 -15.00 -23.25
C VAL A 201 -3.88 -15.23 -22.58
N MSE A 202 -3.88 -16.01 -21.50
CA MSE A 202 -5.14 -16.34 -20.81
C MSE A 202 -5.83 -15.07 -20.36
O MSE A 202 -7.01 -14.91 -20.56
CB MSE A 202 -4.92 -17.30 -19.63
CG MSE A 202 -3.98 -16.82 -18.56
SE MSE A 202 -3.75 -18.17 -17.19
CE MSE A 202 -1.94 -18.68 -17.58
N THR A 203 -5.07 -14.18 -19.74
CA THR A 203 -5.54 -12.86 -19.34
C THR A 203 -6.00 -12.06 -20.54
N GLY A 204 -5.27 -12.19 -21.65
CA GLY A 204 -5.69 -11.58 -22.91
C GLY A 204 -7.07 -12.02 -23.34
N ILE A 205 -7.28 -13.33 -23.45
CA ILE A 205 -8.62 -13.88 -23.75
C ILE A 205 -9.67 -13.44 -22.73
N ALA A 206 -9.30 -13.48 -21.45
CA ALA A 206 -10.19 -13.11 -20.35
C ALA A 206 -10.53 -11.62 -20.34
N ALA A 207 -9.58 -10.76 -20.68
CA ALA A 207 -9.88 -9.32 -20.82
C ALA A 207 -11.03 -9.08 -21.80
N ASN A 208 -10.97 -9.71 -22.97
CA ASN A 208 -12.00 -9.53 -24.02
C ASN A 208 -13.32 -10.19 -23.68
N CYS A 209 -13.27 -11.28 -22.90
CA CYS A 209 -14.50 -11.90 -22.41
C CYS A 209 -15.28 -10.99 -21.49
N VAL A 210 -14.58 -10.40 -20.52
CA VAL A 210 -15.21 -9.48 -19.54
C VAL A 210 -15.76 -8.21 -20.23
N TYR A 211 -15.00 -7.70 -21.19
CA TYR A 211 -15.47 -6.63 -22.03
C TYR A 211 -16.80 -6.98 -22.68
N ASP A 212 -16.86 -8.15 -23.34
CA ASP A 212 -18.06 -8.52 -24.10
C ASP A 212 -19.19 -8.85 -23.15
N THR A 213 -18.89 -9.43 -21.99
CA THR A 213 -19.90 -9.78 -21.00
C THR A 213 -20.57 -8.58 -20.36
N GLN A 214 -19.76 -7.58 -19.98
CA GLN A 214 -20.29 -6.26 -19.53
C GLN A 214 -21.33 -5.70 -20.49
N ILE A 215 -20.95 -5.57 -21.76
CA ILE A 215 -21.88 -5.15 -22.84
C ILE A 215 -23.17 -5.97 -22.92
N LEU A 216 -23.04 -7.31 -22.87
CA LEU A 216 -24.18 -8.20 -23.04
C LEU A 216 -25.11 -8.12 -21.81
N THR A 217 -24.52 -7.86 -20.66
CA THR A 217 -25.29 -7.58 -19.43
C THR A 217 -26.17 -6.34 -19.62
N ALA A 218 -25.60 -5.31 -20.24
CA ALA A 218 -26.32 -4.04 -20.43
C ALA A 218 -27.43 -4.22 -21.45
N ILE A 219 -27.13 -5.00 -22.50
CA ILE A 219 -28.13 -5.40 -23.52
C ILE A 219 -29.25 -6.24 -22.88
N ALA A 220 -28.84 -7.23 -22.08
CA ALA A 220 -29.78 -8.08 -21.32
C ALA A 220 -30.72 -7.24 -20.43
N MSE A 221 -30.17 -6.23 -19.76
CA MSE A 221 -30.97 -5.29 -19.00
C MSE A 221 -32.02 -4.61 -19.86
O MSE A 221 -33.19 -4.57 -19.50
CB MSE A 221 -30.06 -4.24 -18.41
CG MSE A 221 -30.63 -3.60 -17.19
SE MSE A 221 -30.40 -4.79 -15.67
CE MSE A 221 -28.45 -4.80 -15.72
N GLY A 222 -31.58 -4.12 -21.02
CA GLY A 222 -32.48 -3.56 -22.00
C GLY A 222 -33.51 -4.57 -22.44
N VAL A 223 -33.14 -5.85 -22.54
CA VAL A 223 -34.12 -6.87 -22.93
C VAL A 223 -35.19 -7.00 -21.86
N HIS A 224 -34.79 -7.14 -20.61
CA HIS A 224 -35.80 -7.31 -19.55
C HIS A 224 -36.80 -6.15 -19.55
N ALA A 225 -36.28 -4.92 -19.67
CA ALA A 225 -37.07 -3.68 -19.74
C ALA A 225 -38.10 -3.77 -20.87
N LEU A 226 -37.70 -4.33 -22.01
CA LEU A 226 -38.62 -4.61 -23.12
C LEU A 226 -39.61 -5.67 -22.69
N ASP A 227 -39.16 -6.68 -21.97
CA ASP A 227 -40.07 -7.73 -21.50
C ASP A 227 -41.14 -7.19 -20.54
N ILE A 228 -40.70 -6.38 -19.56
CA ILE A 228 -41.60 -5.88 -18.52
C ILE A 228 -42.68 -5.03 -19.20
N GLN A 229 -42.32 -4.33 -20.25
CA GLN A 229 -43.30 -3.53 -21.01
C GLN A 229 -44.28 -4.38 -21.80
N ALA A 230 -43.76 -5.32 -22.57
CA ALA A 230 -44.59 -6.30 -23.31
C ALA A 230 -45.61 -6.97 -22.41
N LEU A 231 -45.23 -7.14 -21.14
CA LEU A 231 -46.06 -7.84 -20.13
C LEU A 231 -47.00 -6.95 -19.32
N ASN A 232 -46.94 -5.65 -19.58
CA ASN A 232 -47.63 -4.66 -18.73
C ASN A 232 -47.32 -4.90 -17.24
N GLY A 233 -46.07 -5.29 -16.95
CA GLY A 233 -45.63 -5.32 -15.56
C GLY A 233 -45.55 -3.92 -14.94
N THR A 234 -45.25 -3.88 -13.64
CA THR A 234 -45.21 -2.61 -12.90
C THR A 234 -43.79 -2.11 -12.65
N ASN A 235 -43.66 -0.80 -12.44
CA ASN A 235 -42.36 -0.27 -12.12
C ASN A 235 -42.10 -0.27 -10.63
N GLN A 236 -43.10 -0.66 -9.84
CA GLN A 236 -43.04 -0.62 -8.38
C GLN A 236 -41.90 -1.47 -7.80
N SER A 237 -41.66 -2.63 -8.40
CA SER A 237 -40.59 -3.53 -7.95
C SER A 237 -39.21 -2.88 -7.80
N PHE A 238 -38.96 -1.83 -8.57
CA PHE A 238 -37.66 -1.14 -8.63
C PHE A 238 -37.62 0.13 -7.74
N HIS A 239 -38.65 0.31 -6.93
CA HIS A 239 -38.78 1.48 -6.05
C HIS A 239 -37.60 1.47 -5.07
N PRO A 240 -36.85 2.59 -4.99
CA PRO A 240 -35.64 2.76 -4.18
C PRO A 240 -35.81 2.39 -2.70
N PHE A 241 -37.04 2.48 -2.18
CA PHE A 241 -37.30 2.09 -0.78
C PHE A 241 -37.04 0.61 -0.56
N ILE A 242 -37.52 -0.25 -1.47
CA ILE A 242 -37.33 -1.72 -1.38
C ILE A 242 -35.85 -2.08 -1.33
N HIS A 243 -35.06 -1.51 -2.23
CA HIS A 243 -33.66 -1.81 -2.39
C HIS A 243 -32.67 -1.14 -1.42
N ASN A 244 -32.92 0.10 -1.02
CA ASN A 244 -32.19 0.69 0.08
C ASN A 244 -32.29 -0.14 1.39
N SER A 245 -33.40 -0.85 1.58
CA SER A 245 -33.46 -1.69 2.76
C SER A 245 -32.80 -3.07 2.56
N LYS A 246 -32.33 -3.38 1.35
CA LYS A 246 -31.52 -4.60 1.11
C LYS A 246 -30.31 -4.21 0.24
N PRO A 247 -29.38 -3.39 0.82
CA PRO A 247 -28.51 -2.60 -0.03
C PRO A 247 -27.22 -3.28 -0.53
N HIS A 248 -27.35 -4.43 -1.18
CA HIS A 248 -26.26 -4.95 -2.01
C HIS A 248 -26.07 -3.98 -3.15
N PRO A 249 -24.80 -3.57 -3.43
CA PRO A 249 -24.41 -2.72 -4.58
C PRO A 249 -25.05 -3.12 -5.91
N GLY A 250 -24.95 -4.42 -6.25
CA GLY A 250 -25.44 -4.96 -7.53
C GLY A 250 -26.94 -4.80 -7.67
N GLN A 251 -27.67 -5.11 -6.58
CA GLN A 251 -29.15 -4.98 -6.52
C GLN A 251 -29.58 -3.50 -6.55
N LEU A 252 -28.89 -2.65 -5.79
CA LEU A 252 -29.08 -1.20 -5.85
C LEU A 252 -28.83 -0.65 -7.26
N TRP A 253 -27.81 -1.15 -7.95
CA TRP A 253 -27.52 -0.71 -9.32
C TRP A 253 -28.56 -1.21 -10.30
N ALA A 254 -28.89 -2.50 -10.23
CA ALA A 254 -29.86 -3.08 -11.12
C ALA A 254 -31.25 -2.40 -11.05
N ALA A 255 -31.79 -2.25 -9.83
CA ALA A 255 -33.09 -1.65 -9.70
C ALA A 255 -33.08 -0.20 -10.17
N ASP A 256 -32.03 0.53 -9.84
CA ASP A 256 -31.91 1.93 -10.24
C ASP A 256 -31.76 2.10 -11.77
N GLN A 257 -31.09 1.16 -12.43
CA GLN A 257 -30.95 1.19 -13.88
C GLN A 257 -32.28 0.85 -14.57
N MSE A 258 -33.04 -0.04 -13.95
CA MSE A 258 -34.35 -0.41 -14.47
C MSE A 258 -35.33 0.76 -14.37
O MSE A 258 -36.15 0.94 -15.26
CB MSE A 258 -34.89 -1.62 -13.71
CG MSE A 258 -36.06 -2.27 -14.41
SE MSE A 258 -35.72 -2.70 -16.32
CE MSE A 258 -34.14 -3.83 -16.04
N ILE A 259 -35.23 1.54 -13.30
CA ILE A 259 -35.96 2.82 -13.17
C ILE A 259 -35.64 3.72 -14.38
N SER A 260 -34.36 3.91 -14.68
CA SER A 260 -33.95 4.74 -15.83
C SER A 260 -34.46 4.20 -17.15
N LEU A 261 -34.32 2.88 -17.33
CA LEU A 261 -34.80 2.17 -18.51
C LEU A 261 -36.27 2.27 -18.73
N LEU A 262 -37.06 2.16 -17.64
CA LEU A 262 -38.51 2.14 -17.74
C LEU A 262 -39.13 3.53 -17.75
N ALA A 263 -38.35 4.56 -17.45
CA ALA A 263 -38.90 5.92 -17.20
C ALA A 263 -39.62 6.47 -18.43
N ASN A 264 -40.83 6.97 -18.19
CA ASN A 264 -41.70 7.59 -19.21
C ASN A 264 -42.21 6.57 -20.22
N SER A 265 -42.46 5.35 -19.79
CA SER A 265 -43.02 4.36 -20.68
C SER A 265 -44.54 4.37 -20.61
N GLN A 266 -45.21 4.11 -21.72
CA GLN A 266 -46.68 4.12 -21.75
C GLN A 266 -47.23 2.75 -21.49
N LEU A 267 -46.34 1.76 -21.46
CA LEU A 267 -46.76 0.37 -21.48
C LEU A 267 -46.65 -0.30 -20.12
N VAL A 268 -45.85 0.30 -19.25
CA VAL A 268 -45.66 -0.12 -17.88
C VAL A 268 -46.79 0.36 -16.91
N ARG A 269 -47.15 -0.47 -15.93
CA ARG A 269 -47.97 0.04 -14.83
C ARG A 269 -47.17 1.02 -13.93
N ASP A 270 -47.51 2.31 -13.97
CA ASP A 270 -46.72 3.29 -13.25
C ASP A 270 -47.19 3.47 -11.83
N GLU A 271 -46.47 2.86 -10.89
CA GLU A 271 -46.96 2.74 -9.52
C GLU A 271 -45.89 2.99 -8.47
N LEU A 272 -45.03 3.97 -8.72
CA LEU A 272 -44.00 4.30 -7.73
C LEU A 272 -44.59 4.99 -6.50
N ASP A 273 -45.87 5.36 -6.62
CA ASP A 273 -46.69 5.91 -5.53
C ASP A 273 -47.11 4.83 -4.54
N GLY A 274 -47.05 3.58 -4.97
CA GLY A 274 -47.42 2.44 -4.15
C GLY A 274 -48.85 1.97 -4.32
N LYS A 275 -49.49 2.34 -5.44
CA LYS A 275 -50.78 1.76 -5.78
C LYS A 275 -50.63 0.32 -6.30
N HIS A 276 -51.51 -0.57 -5.83
CA HIS A 276 -51.56 -1.95 -6.33
C HIS A 276 -52.93 -2.59 -6.08
N ASP A 277 -53.95 -2.12 -6.81
CA ASP A 277 -55.31 -2.68 -6.75
C ASP A 277 -55.38 -4.09 -7.30
N TYR A 278 -56.48 -4.82 -7.07
CA TYR A 278 -56.62 -6.15 -7.66
C TYR A 278 -56.63 -6.06 -9.19
N ARG A 279 -56.36 -7.20 -9.82
CA ARG A 279 -56.38 -7.32 -11.25
C ARG A 279 -57.12 -8.63 -11.52
N ASP A 280 -57.78 -8.76 -12.68
CA ASP A 280 -58.27 -10.09 -13.11
C ASP A 280 -58.12 -10.32 -14.63
N HIS A 281 -58.06 -11.58 -15.07
CA HIS A 281 -57.86 -12.76 -14.19
C HIS A 281 -56.50 -12.84 -13.42
N GLU A 282 -55.69 -11.79 -13.52
CA GLU A 282 -54.28 -11.84 -13.13
C GLU A 282 -54.01 -11.80 -11.62
N LEU A 283 -52.81 -12.23 -11.22
CA LEU A 283 -52.38 -12.12 -9.84
C LEU A 283 -52.11 -10.64 -9.48
N ILE A 284 -52.24 -10.30 -8.21
CA ILE A 284 -52.05 -8.90 -7.74
C ILE A 284 -50.59 -8.46 -7.93
N GLN A 285 -49.66 -9.42 -7.95
CA GLN A 285 -48.23 -9.13 -8.16
C GLN A 285 -47.68 -9.72 -9.46
N ASP A 286 -46.66 -9.07 -10.03
CA ASP A 286 -45.85 -9.69 -11.08
C ASP A 286 -45.12 -10.94 -10.57
N ARG A 287 -44.96 -11.93 -11.45
CA ARG A 287 -44.17 -13.15 -11.16
C ARG A 287 -42.70 -12.84 -10.88
N TYR A 288 -41.96 -13.85 -10.40
CA TYR A 288 -40.62 -13.60 -9.84
C TYR A 288 -39.63 -13.03 -10.85
N SER A 289 -39.59 -13.60 -12.05
CA SER A 289 -38.74 -13.07 -13.13
C SER A 289 -38.88 -11.55 -13.34
N LEU A 290 -40.06 -11.00 -13.13
CA LEU A 290 -40.20 -9.50 -13.13
C LEU A 290 -39.82 -8.89 -11.79
N ARG A 291 -40.48 -9.38 -10.75
CA ARG A 291 -40.44 -8.74 -9.44
C ARG A 291 -39.12 -8.85 -8.72
N CYS A 292 -38.46 -10.00 -8.83
CA CYS A 292 -37.16 -10.20 -8.16
C CYS A 292 -35.95 -9.93 -9.07
N LEU A 293 -36.19 -9.30 -10.21
CA LEU A 293 -35.12 -9.04 -11.15
C LEU A 293 -33.91 -8.42 -10.49
N PRO A 294 -34.07 -7.34 -9.70
CA PRO A 294 -32.82 -6.80 -9.15
C PRO A 294 -32.13 -7.66 -8.06
N GLN A 295 -32.91 -8.34 -7.22
CA GLN A 295 -32.33 -9.27 -6.27
C GLN A 295 -31.59 -10.43 -6.98
N TYR A 296 -32.08 -10.85 -8.15
CA TYR A 296 -31.52 -12.00 -8.85
C TYR A 296 -30.24 -11.56 -9.56
N LEU A 297 -30.33 -10.41 -10.20
CA LEU A 297 -29.22 -9.90 -11.00
C LEU A 297 -28.07 -9.32 -10.15
N GLY A 298 -28.36 -8.91 -8.92
CA GLY A 298 -27.35 -8.23 -8.09
C GLY A 298 -26.01 -8.96 -8.04
N PRO A 299 -25.98 -10.23 -7.55
CA PRO A 299 -24.75 -11.02 -7.44
C PRO A 299 -24.00 -11.24 -8.78
N ILE A 300 -24.77 -11.35 -9.87
CA ILE A 300 -24.21 -11.44 -11.22
C ILE A 300 -23.46 -10.16 -11.58
N VAL A 301 -24.18 -9.03 -11.55
CA VAL A 301 -23.57 -7.69 -11.73
C VAL A 301 -22.40 -7.55 -10.80
N ASP A 302 -22.58 -7.92 -9.54
CA ASP A 302 -21.48 -7.75 -8.60
C ASP A 302 -20.29 -8.62 -8.94
N GLY A 303 -20.52 -9.84 -9.41
CA GLY A 303 -19.42 -10.77 -9.66
C GLY A 303 -18.63 -10.35 -10.87
N ILE A 304 -19.34 -9.97 -11.94
CA ILE A 304 -18.72 -9.46 -13.16
C ILE A 304 -17.80 -8.27 -12.85
N SER A 305 -18.20 -7.37 -11.92
CA SER A 305 -17.31 -6.27 -11.43
C SER A 305 -16.11 -6.79 -10.72
N GLN A 306 -16.33 -7.67 -9.74
CA GLN A 306 -15.23 -8.30 -9.04
C GLN A 306 -14.21 -8.89 -10.00
N ILE A 307 -14.69 -9.65 -10.98
CA ILE A 307 -13.81 -10.25 -11.98
C ILE A 307 -13.08 -9.21 -12.85
N ALA A 308 -13.81 -8.19 -13.31
CA ALA A 308 -13.22 -7.07 -14.05
C ALA A 308 -12.05 -6.47 -13.27
N LYS A 309 -12.27 -6.23 -11.98
CA LYS A 309 -11.25 -5.70 -11.05
C LYS A 309 -10.00 -6.58 -10.95
N GLN A 310 -10.20 -7.90 -10.93
CA GLN A 310 -9.11 -8.87 -10.82
C GLN A 310 -8.34 -9.02 -12.13
N ILE A 311 -9.07 -9.13 -13.23
CA ILE A 311 -8.43 -9.11 -14.54
C ILE A 311 -7.54 -7.85 -14.74
N GLU A 312 -8.06 -6.66 -14.41
CA GLU A 312 -7.26 -5.41 -14.49
C GLU A 312 -5.97 -5.45 -13.71
N ILE A 313 -5.97 -5.95 -12.48
CA ILE A 313 -4.69 -6.23 -11.78
C ILE A 313 -3.84 -7.27 -12.55
N GLU A 314 -4.42 -8.40 -12.95
CA GLU A 314 -3.64 -9.41 -13.73
C GLU A 314 -2.98 -8.78 -15.00
N ILE A 315 -3.74 -7.97 -15.73
CA ILE A 315 -3.23 -7.27 -16.92
C ILE A 315 -2.04 -6.34 -16.61
N ASN A 316 -1.97 -5.80 -15.39
CA ASN A 316 -0.90 -4.86 -15.04
C ASN A 316 0.10 -5.49 -14.10
N SER A 317 0.15 -6.82 -14.12
CA SER A 317 1.10 -7.52 -13.28
C SER A 317 2.37 -7.95 -14.00
N VAL A 318 3.45 -8.09 -13.25
CA VAL A 318 4.65 -8.73 -13.75
C VAL A 318 4.43 -10.19 -13.45
N THR A 319 4.54 -10.96 -14.51
CA THR A 319 3.96 -12.26 -14.60
C THR A 319 5.07 -12.95 -15.40
N ASP A 320 5.86 -13.74 -14.67
CA ASP A 320 7.22 -14.09 -15.09
C ASP A 320 8.05 -14.61 -13.90
N ASN A 321 9.08 -15.40 -14.22
CA ASN A 321 9.99 -15.95 -13.23
C ASN A 321 11.37 -16.29 -13.83
N PRO A 322 12.47 -15.99 -13.11
CA PRO A 322 12.64 -15.13 -11.91
C PRO A 322 12.40 -13.64 -12.16
N LEU A 323 12.06 -12.92 -11.09
CA LEU A 323 11.92 -11.49 -11.13
C LEU A 323 13.23 -10.79 -10.71
N ILE A 324 13.77 -9.95 -11.57
CA ILE A 324 14.99 -9.18 -11.23
C ILE A 324 14.66 -7.96 -10.41
N ASP A 325 15.34 -7.86 -9.27
CA ASP A 325 15.25 -6.70 -8.37
C ASP A 325 16.58 -5.93 -8.45
N VAL A 326 16.70 -4.98 -9.37
CA VAL A 326 18.02 -4.33 -9.57
C VAL A 326 18.45 -3.48 -8.38
N ASP A 327 17.47 -2.91 -7.67
CA ASP A 327 17.70 -2.09 -6.47
C ASP A 327 18.44 -2.83 -5.38
N ASN A 328 18.29 -4.15 -5.36
CA ASN A 328 18.98 -4.99 -4.39
C ASN A 328 19.95 -5.89 -5.09
N GLN A 329 20.14 -5.63 -6.39
CA GLN A 329 20.93 -6.49 -7.26
C GLN A 329 20.68 -7.96 -6.92
N ALA A 330 19.43 -8.39 -7.06
CA ALA A 330 19.03 -9.75 -6.75
C ALA A 330 17.97 -10.30 -7.72
N SER A 331 17.87 -11.62 -7.80
CA SER A 331 16.75 -12.27 -8.48
C SER A 331 16.07 -13.26 -7.52
N TYR A 332 14.75 -13.46 -7.70
CA TYR A 332 13.92 -14.34 -6.87
C TYR A 332 13.17 -15.39 -7.68
N HIS A 333 13.10 -16.61 -7.18
CA HIS A 333 12.28 -17.63 -7.86
C HIS A 333 10.87 -17.55 -7.24
N GLY A 334 9.87 -17.28 -8.06
CA GLY A 334 8.50 -17.01 -7.58
C GLY A 334 7.49 -17.73 -8.44
N GLY A 335 6.22 -17.41 -8.25
CA GLY A 335 5.15 -18.11 -8.94
C GLY A 335 4.12 -17.25 -9.65
N ASN A 336 4.52 -16.02 -10.02
CA ASN A 336 3.58 -15.08 -10.66
C ASN A 336 3.03 -15.56 -12.00
N PHE A 337 3.69 -16.52 -12.61
CA PHE A 337 3.14 -17.20 -13.80
C PHE A 337 1.83 -17.97 -13.58
N LEU A 338 1.46 -18.27 -12.34
CA LEU A 338 0.21 -19.01 -12.09
C LEU A 338 -1.02 -18.11 -12.14
N GLY A 339 -1.85 -18.36 -13.13
CA GLY A 339 -3.02 -17.54 -13.39
C GLY A 339 -4.27 -17.91 -12.66
N GLN A 340 -4.20 -18.02 -11.33
CA GLN A 340 -5.36 -18.46 -10.54
C GLN A 340 -6.57 -17.55 -10.63
N TYR A 341 -6.42 -16.22 -10.52
CA TYR A 341 -7.51 -15.26 -10.79
C TYR A 341 -8.16 -15.47 -12.14
N VAL A 342 -7.39 -15.85 -13.14
CA VAL A 342 -7.97 -16.06 -14.46
C VAL A 342 -8.75 -17.37 -14.52
N GLY A 343 -8.12 -18.45 -14.13
CA GLY A 343 -8.80 -19.76 -14.11
C GLY A 343 -10.08 -19.73 -13.30
N MSE A 344 -10.07 -19.11 -12.11
CA MSE A 344 -11.27 -19.05 -11.27
C MSE A 344 -12.25 -17.99 -11.68
O MSE A 344 -13.44 -18.19 -11.57
CB MSE A 344 -10.92 -18.90 -9.78
CG MSE A 344 -10.26 -20.12 -9.20
SE MSE A 344 -9.36 -19.80 -7.48
CE MSE A 344 -10.94 -19.68 -6.37
N GLY A 345 -11.76 -16.85 -12.17
CA GLY A 345 -12.65 -15.75 -12.60
C GLY A 345 -13.44 -16.18 -13.83
N MSE A 346 -12.82 -16.96 -14.68
CA MSE A 346 -13.53 -17.46 -15.88
C MSE A 346 -14.56 -18.52 -15.56
O MSE A 346 -15.63 -18.54 -16.16
CB MSE A 346 -12.58 -17.90 -16.98
CG MSE A 346 -11.73 -16.77 -17.56
SE MSE A 346 -12.76 -15.28 -18.38
CE MSE A 346 -12.59 -13.91 -16.99
N ASP A 347 -14.24 -19.38 -14.60
CA ASP A 347 -15.21 -20.36 -14.09
C ASP A 347 -16.42 -19.59 -13.59
N HIS A 348 -16.18 -18.58 -12.75
CA HIS A 348 -17.22 -17.64 -12.32
C HIS A 348 -17.95 -16.95 -13.48
N LEU A 349 -17.22 -16.40 -14.45
CA LEU A 349 -17.87 -15.67 -15.54
C LEU A 349 -18.85 -16.58 -16.31
N ARG A 350 -18.43 -17.81 -16.58
CA ARG A 350 -19.30 -18.74 -17.31
C ARG A 350 -20.53 -19.04 -16.49
N TYR A 351 -20.34 -19.35 -15.23
CA TYR A 351 -21.46 -19.63 -14.34
C TYR A 351 -22.51 -18.50 -14.33
N TYR A 352 -22.07 -17.25 -14.30
CA TYR A 352 -22.99 -16.08 -14.32
C TYR A 352 -23.74 -15.95 -15.65
N ILE A 353 -23.00 -16.02 -16.76
CA ILE A 353 -23.62 -16.05 -18.09
C ILE A 353 -24.75 -17.09 -18.19
N GLY A 354 -24.55 -18.27 -17.61
CA GLY A 354 -25.59 -19.30 -17.66
C GLY A 354 -26.77 -18.86 -16.83
N LEU A 355 -26.49 -18.15 -15.74
CA LEU A 355 -27.58 -17.66 -14.89
C LEU A 355 -28.34 -16.53 -15.52
N LEU A 356 -27.67 -15.67 -16.29
CA LEU A 356 -28.35 -14.59 -17.07
C LEU A 356 -29.27 -15.15 -18.16
N ALA A 357 -28.73 -16.08 -18.95
CA ALA A 357 -29.46 -16.80 -20.05
C ALA A 357 -30.72 -17.46 -19.54
N LYS A 358 -30.59 -18.19 -18.46
CA LYS A 358 -31.72 -18.93 -17.88
C LYS A 358 -32.88 -18.04 -17.37
N HIS A 359 -32.56 -16.90 -16.75
CA HIS A 359 -33.54 -15.85 -16.34
C HIS A 359 -34.21 -15.24 -17.58
N LEU A 360 -33.39 -14.85 -18.57
CA LEU A 360 -33.96 -14.34 -19.80
C LEU A 360 -34.93 -15.34 -20.46
N ASP A 361 -34.60 -16.63 -20.42
CA ASP A 361 -35.40 -17.66 -21.07
C ASP A 361 -36.77 -17.83 -20.39
N VAL A 362 -36.78 -17.53 -19.10
CA VAL A 362 -37.98 -17.51 -18.29
C VAL A 362 -38.87 -16.33 -18.70
N GLN A 363 -38.25 -15.20 -19.05
CA GLN A 363 -39.02 -14.05 -19.54
C GLN A 363 -39.65 -14.45 -20.87
N ILE A 364 -38.90 -15.13 -21.74
CA ILE A 364 -39.48 -15.55 -23.03
C ILE A 364 -40.67 -16.51 -22.84
N ALA A 365 -40.57 -17.44 -21.89
CA ALA A 365 -41.64 -18.43 -21.63
C ALA A 365 -42.97 -17.76 -21.24
N LEU A 366 -42.88 -16.69 -20.44
CA LEU A 366 -44.02 -15.83 -20.13
C LEU A 366 -44.58 -15.18 -21.39
N LEU A 367 -43.69 -14.65 -22.24
CA LEU A 367 -44.11 -13.93 -23.47
C LEU A 367 -44.88 -14.84 -24.41
N ALA A 368 -44.38 -16.06 -24.60
CA ALA A 368 -44.91 -16.98 -25.60
C ALA A 368 -46.18 -17.66 -25.18
N SER A 369 -46.43 -17.70 -23.87
CA SER A 369 -47.51 -18.49 -23.30
C SER A 369 -48.70 -17.60 -22.86
N PRO A 370 -49.84 -17.69 -23.58
CA PRO A 370 -51.05 -16.90 -23.25
C PRO A 370 -51.57 -17.08 -21.82
N GLU A 371 -51.16 -18.13 -21.14
CA GLU A 371 -51.53 -18.30 -19.76
C GLU A 371 -50.83 -17.26 -18.89
N PHE A 372 -49.69 -16.76 -19.37
CA PHE A 372 -48.82 -15.93 -18.54
C PHE A 372 -48.45 -14.58 -19.18
N SER A 373 -48.83 -14.36 -20.45
CA SER A 373 -48.41 -13.18 -21.20
C SER A 373 -49.25 -11.89 -20.99
N ASN A 374 -50.28 -12.01 -20.15
CA ASN A 374 -51.23 -10.92 -19.89
C ASN A 374 -51.90 -10.42 -21.18
N GLY A 375 -52.36 -11.36 -22.00
CA GLY A 375 -53.14 -11.05 -23.20
C GLY A 375 -52.45 -10.98 -24.55
N LEU A 376 -51.23 -11.47 -24.69
CA LEU A 376 -50.55 -11.48 -25.99
C LEU A 376 -50.89 -12.77 -26.76
N PRO A 377 -50.76 -12.75 -28.10
CA PRO A 377 -51.11 -13.96 -28.83
C PRO A 377 -50.09 -15.03 -28.58
N PRO A 378 -50.50 -16.29 -28.72
CA PRO A 378 -49.62 -17.41 -28.44
C PRO A 378 -48.41 -17.32 -29.33
N SER A 379 -47.23 -17.57 -28.75
CA SER A 379 -45.94 -17.48 -29.42
C SER A 379 -45.70 -16.15 -30.08
N LEU A 380 -46.47 -15.14 -29.69
CA LEU A 380 -46.34 -13.83 -30.26
C LEU A 380 -46.54 -13.89 -31.79
N LEU A 381 -47.51 -14.67 -32.21
CA LEU A 381 -47.81 -14.64 -33.64
C LEU A 381 -48.26 -13.25 -34.07
N GLY A 382 -47.99 -12.93 -35.32
CA GLY A 382 -48.25 -11.59 -35.86
C GLY A 382 -49.61 -11.53 -36.53
N ASN A 383 -49.81 -12.31 -37.60
CA ASN A 383 -51.04 -12.28 -38.42
C ASN A 383 -51.99 -13.39 -38.07
N ARG A 384 -52.97 -13.09 -37.21
CA ARG A 384 -53.94 -14.12 -36.77
C ARG A 384 -55.05 -14.49 -37.77
N GLU A 385 -55.14 -13.72 -38.86
CA GLU A 385 -56.07 -14.04 -39.94
C GLU A 385 -55.54 -15.26 -40.74
N ARG A 386 -54.23 -15.50 -40.68
CA ARG A 386 -53.60 -16.64 -41.35
C ARG A 386 -53.33 -17.73 -40.32
N LYS A 387 -54.19 -18.73 -40.28
CA LYS A 387 -54.17 -19.72 -39.20
C LYS A 387 -52.91 -20.60 -39.14
N VAL A 388 -52.17 -20.75 -40.25
CA VAL A 388 -50.92 -21.54 -40.25
C VAL A 388 -49.72 -20.93 -39.49
N ASN A 389 -49.75 -19.63 -39.21
CA ASN A 389 -48.71 -18.96 -38.44
C ASN A 389 -48.61 -19.48 -37.03
N MSE A 390 -47.37 -19.85 -36.65
CA MSE A 390 -47.05 -20.33 -35.31
C MSE A 390 -46.10 -19.30 -34.71
O MSE A 390 -45.52 -19.53 -33.64
CB MSE A 390 -46.37 -21.71 -35.36
CG MSE A 390 -47.16 -22.80 -36.03
SE MSE A 390 -48.81 -23.23 -35.11
CE MSE A 390 -50.03 -23.06 -36.64
N GLY A 391 -45.91 -18.18 -35.40
CA GLY A 391 -45.10 -17.07 -34.89
C GLY A 391 -43.68 -17.40 -34.48
N LEU A 392 -43.41 -17.40 -33.17
CA LEU A 392 -42.02 -17.47 -32.71
C LEU A 392 -41.74 -18.78 -32.07
N LYS A 393 -42.65 -19.72 -32.27
CA LYS A 393 -42.54 -21.05 -31.71
C LYS A 393 -41.16 -21.60 -31.95
N GLY A 394 -40.66 -21.52 -33.18
CA GLY A 394 -39.33 -22.04 -33.53
C GLY A 394 -38.22 -21.22 -32.87
N LEU A 395 -38.39 -19.91 -32.82
CA LEU A 395 -37.40 -19.06 -32.20
C LEU A 395 -37.22 -19.35 -30.69
N GLN A 396 -38.33 -19.46 -29.95
CA GLN A 396 -38.30 -20.05 -28.61
C GLN A 396 -37.56 -21.40 -28.46
N ILE A 397 -37.90 -22.43 -29.26
CA ILE A 397 -37.24 -23.74 -29.15
C ILE A 397 -35.74 -23.62 -29.31
N CYS A 398 -35.31 -22.83 -30.28
CA CYS A 398 -33.91 -22.55 -30.46
C CYS A 398 -33.26 -21.89 -29.25
N GLY A 399 -34.04 -21.09 -28.51
CA GLY A 399 -33.53 -20.40 -27.33
C GLY A 399 -33.45 -21.40 -26.19
N ASN A 400 -34.39 -22.37 -26.22
CA ASN A 400 -34.50 -23.47 -25.26
C ASN A 400 -33.35 -24.46 -25.47
N SER A 401 -32.65 -24.34 -26.58
CA SER A 401 -31.57 -25.27 -26.88
C SER A 401 -30.21 -24.65 -26.57
N ILE A 402 -30.15 -23.31 -26.59
CA ILE A 402 -28.92 -22.56 -26.30
C ILE A 402 -28.67 -22.42 -24.79
N MSE A 403 -29.71 -22.11 -24.05
CA MSE A 403 -29.63 -21.84 -22.61
C MSE A 403 -29.14 -22.99 -21.74
O MSE A 403 -28.27 -22.74 -20.92
CB MSE A 403 -30.98 -21.29 -22.12
CG MSE A 403 -30.99 -20.81 -20.70
SE MSE A 403 -31.29 -22.31 -19.55
CE MSE A 403 -33.23 -22.45 -19.70
N PRO A 404 -29.72 -24.22 -21.85
CA PRO A 404 -29.09 -25.36 -21.18
C PRO A 404 -27.59 -25.46 -21.41
N LEU A 405 -27.13 -25.19 -22.63
CA LEU A 405 -25.72 -25.32 -22.95
C LEU A 405 -24.89 -24.28 -22.21
N LEU A 406 -25.42 -23.09 -22.06
CA LEU A 406 -24.72 -22.04 -21.30
C LEU A 406 -24.55 -22.44 -19.83
N THR A 407 -25.60 -23.03 -19.24
CA THR A 407 -25.50 -23.54 -17.87
C THR A 407 -24.51 -24.71 -17.80
N PHE A 408 -24.53 -25.61 -18.81
CA PHE A 408 -23.50 -26.64 -18.93
C PHE A 408 -22.10 -26.06 -18.93
N TYR A 409 -21.86 -25.08 -19.77
CA TYR A 409 -20.58 -24.35 -19.74
C TYR A 409 -20.29 -23.63 -18.44
N GLY A 410 -21.31 -23.38 -17.61
CA GLY A 410 -21.08 -22.75 -16.30
C GLY A 410 -20.45 -23.70 -15.28
N ASN A 411 -20.34 -24.99 -15.59
CA ASN A 411 -19.54 -25.90 -14.82
C ASN A 411 -18.12 -25.36 -14.76
N SER A 412 -17.36 -25.77 -13.75
CA SER A 412 -16.02 -25.22 -13.50
C SER A 412 -14.89 -26.11 -14.01
N ILE A 413 -13.70 -25.53 -14.11
CA ILE A 413 -12.55 -26.31 -14.60
C ILE A 413 -11.28 -26.19 -13.71
N ALA A 414 -11.18 -25.09 -12.96
CA ALA A 414 -9.99 -24.86 -12.13
C ALA A 414 -9.81 -25.93 -11.03
N ASP A 415 -10.92 -26.51 -10.56
CA ASP A 415 -10.88 -27.63 -9.61
C ASP A 415 -10.48 -28.96 -10.27
N ARG A 416 -10.44 -29.01 -11.60
CA ARG A 416 -10.14 -30.28 -12.30
C ARG A 416 -8.66 -30.42 -12.69
N PHE A 417 -7.81 -29.55 -12.12
CA PHE A 417 -6.36 -29.58 -12.39
C PHE A 417 -5.75 -30.94 -12.05
N PRO A 418 -4.80 -31.38 -12.90
CA PRO A 418 -4.00 -32.58 -12.74
C PRO A 418 -2.77 -32.35 -11.86
N THR A 419 -2.63 -33.18 -10.84
CA THR A 419 -1.63 -32.95 -9.81
C THR A 419 -0.32 -33.63 -10.23
N HIS A 420 -0.41 -34.47 -11.26
CA HIS A 420 0.75 -35.15 -11.86
C HIS A 420 1.45 -34.38 -13.00
N ALA A 421 1.11 -33.09 -13.17
CA ALA A 421 1.47 -32.34 -14.37
C ALA A 421 2.96 -32.06 -14.47
N GLU A 422 3.47 -32.15 -15.70
CA GLU A 422 4.89 -32.02 -16.01
C GLU A 422 5.82 -32.56 -14.90
N GLN A 423 5.93 -33.89 -14.81
CA GLN A 423 6.98 -34.56 -14.02
C GLN A 423 6.69 -34.41 -12.56
N PHE A 424 5.42 -34.10 -12.29
CA PHE A 424 4.94 -33.89 -10.92
C PHE A 424 5.44 -32.57 -10.33
N ASN A 425 6.09 -31.75 -11.15
CA ASN A 425 6.59 -30.45 -10.66
C ASN A 425 5.44 -29.44 -10.54
N GLN A 426 4.53 -29.45 -11.51
CA GLN A 426 3.44 -28.49 -11.55
C GLN A 426 2.24 -29.14 -10.88
N ASN A 427 2.41 -29.44 -9.58
CA ASN A 427 1.44 -30.23 -8.83
C ASN A 427 0.19 -29.41 -8.47
N ILE A 428 0.30 -28.07 -8.46
CA ILE A 428 -0.88 -27.24 -8.61
C ILE A 428 -0.79 -26.40 -9.90
N ASN A 429 -1.94 -26.24 -10.57
CA ASN A 429 -2.00 -25.42 -11.78
C ASN A 429 -3.41 -24.88 -11.96
N SER A 430 -3.56 -23.85 -12.79
CA SER A 430 -4.78 -23.06 -12.80
C SER A 430 -5.83 -23.50 -13.80
N GLN A 431 -5.43 -24.24 -14.82
CA GLN A 431 -6.30 -24.52 -15.99
C GLN A 431 -6.88 -23.24 -16.58
N GLY A 432 -6.21 -22.13 -16.30
CA GLY A 432 -6.63 -20.76 -16.64
C GLY A 432 -6.81 -20.49 -18.12
N TYR A 433 -5.94 -21.09 -18.94
CA TYR A 433 -5.99 -20.97 -20.41
C TYR A 433 -7.20 -21.62 -21.07
N THR A 434 -7.53 -22.87 -20.71
CA THR A 434 -8.73 -23.49 -21.24
C THR A 434 -10.00 -22.91 -20.63
N SER A 435 -9.93 -22.50 -19.37
CA SER A 435 -11.03 -21.82 -18.72
C SER A 435 -11.43 -20.59 -19.48
N ALA A 436 -10.41 -19.87 -19.96
CA ALA A 436 -10.53 -18.62 -20.69
C ALA A 436 -11.10 -18.83 -22.09
N THR A 437 -10.59 -19.83 -22.81
CA THR A 437 -11.19 -20.25 -24.08
C THR A 437 -12.62 -20.81 -23.93
N LEU A 438 -12.88 -21.58 -22.89
CA LEU A 438 -14.28 -21.93 -22.60
C LEU A 438 -15.15 -20.67 -22.36
N ALA A 439 -14.61 -19.69 -21.64
CA ALA A 439 -15.33 -18.47 -21.41
C ALA A 439 -15.65 -17.79 -22.76
N ARG A 440 -14.66 -17.72 -23.65
CA ARG A 440 -14.91 -17.20 -24.99
C ARG A 440 -16.01 -17.98 -25.67
N ARG A 441 -16.04 -19.31 -25.52
CA ARG A 441 -17.15 -20.07 -26.08
C ARG A 441 -18.49 -19.56 -25.49
N SER A 442 -18.59 -19.49 -24.16
CA SER A 442 -19.82 -19.01 -23.50
C SER A 442 -20.27 -17.63 -24.03
N VAL A 443 -19.31 -16.72 -24.23
CA VAL A 443 -19.67 -15.38 -24.76
C VAL A 443 -20.14 -15.41 -26.22
N ASP A 444 -19.44 -16.16 -27.06
CA ASP A 444 -19.90 -16.32 -28.46
C ASP A 444 -21.32 -16.86 -28.57
N ILE A 445 -21.65 -17.80 -27.69
CA ILE A 445 -22.98 -18.41 -27.70
C ILE A 445 -24.00 -17.47 -27.03
N PHE A 446 -23.61 -16.82 -25.94
CA PHE A 446 -24.50 -15.84 -25.26
C PHE A 446 -24.91 -14.66 -26.15
N GLN A 447 -24.04 -14.30 -27.10
CA GLN A 447 -24.32 -13.30 -28.13
C GLN A 447 -25.48 -13.69 -29.06
N ASN A 448 -25.47 -14.95 -29.55
CA ASN A 448 -26.61 -15.48 -30.29
C ASN A 448 -27.86 -15.57 -29.43
N TYR A 449 -27.68 -16.02 -28.16
CA TYR A 449 -28.80 -16.05 -27.20
C TYR A 449 -29.44 -14.69 -27.01
N VAL A 450 -28.64 -13.65 -26.81
CA VAL A 450 -29.18 -12.31 -26.51
C VAL A 450 -29.91 -11.75 -27.74
N ALA A 451 -29.36 -12.04 -28.92
CA ALA A 451 -30.01 -11.69 -30.17
C ALA A 451 -31.46 -12.24 -30.23
N ILE A 452 -31.64 -13.49 -29.84
CA ILE A 452 -32.95 -14.13 -29.83
C ILE A 452 -33.88 -13.42 -28.82
N ALA A 453 -33.32 -13.12 -27.66
CA ALA A 453 -34.08 -12.41 -26.60
C ALA A 453 -34.52 -10.99 -26.98
N LEU A 454 -33.68 -10.33 -27.79
CA LEU A 454 -33.95 -9.02 -28.35
C LEU A 454 -35.14 -9.09 -29.33
N MSE A 455 -35.19 -10.18 -30.08
CA MSE A 455 -36.22 -10.42 -31.07
C MSE A 455 -37.57 -10.62 -30.42
O MSE A 455 -38.58 -10.05 -30.89
CB MSE A 455 -35.83 -11.59 -31.97
CG MSE A 455 -34.67 -11.22 -32.94
SE MSE A 455 -33.85 -12.81 -33.84
CE MSE A 455 -32.03 -12.27 -33.57
N PHE A 456 -37.58 -11.41 -29.34
CA PHE A 456 -38.79 -11.62 -28.52
C PHE A 456 -39.29 -10.29 -27.94
N GLY A 457 -38.44 -9.57 -27.21
CA GLY A 457 -38.75 -8.25 -26.68
C GLY A 457 -39.38 -7.32 -27.71
N VAL A 458 -38.67 -7.05 -28.81
CA VAL A 458 -39.14 -6.16 -29.88
C VAL A 458 -40.52 -6.58 -30.43
N GLN A 459 -40.69 -7.85 -30.79
CA GLN A 459 -41.95 -8.30 -31.32
C GLN A 459 -43.05 -8.12 -30.29
N ALA A 460 -42.70 -8.36 -29.03
CA ALA A 460 -43.65 -8.39 -27.95
C ALA A 460 -44.23 -7.00 -27.68
N VAL A 461 -43.38 -5.97 -27.61
CA VAL A 461 -43.88 -4.63 -27.38
C VAL A 461 -44.83 -4.18 -28.50
N ASP A 462 -44.47 -4.48 -29.76
CA ASP A 462 -45.35 -4.19 -30.91
C ASP A 462 -46.73 -4.76 -30.68
N LEU A 463 -46.79 -6.00 -30.21
CA LEU A 463 -48.05 -6.73 -30.05
C LEU A 463 -48.79 -6.22 -28.81
N ARG A 464 -48.03 -5.67 -27.86
CA ARG A 464 -48.65 -5.02 -26.72
C ARG A 464 -49.13 -3.63 -27.18
N THR A 465 -48.33 -2.96 -28.01
CA THR A 465 -48.77 -1.67 -28.54
C THR A 465 -50.12 -1.82 -29.26
N TYR A 466 -50.27 -2.87 -30.07
CA TYR A 466 -51.52 -3.14 -30.77
C TYR A 466 -52.72 -3.31 -29.84
N LYS A 467 -52.53 -4.07 -28.77
CA LYS A 467 -53.53 -4.15 -27.71
C LYS A 467 -53.86 -2.74 -27.16
N LYS A 468 -52.86 -1.87 -27.06
CA LYS A 468 -53.09 -0.54 -26.48
C LYS A 468 -53.66 0.52 -27.46
N THR A 469 -53.22 0.55 -28.71
CA THR A 469 -53.45 1.73 -29.55
C THR A 469 -54.18 1.46 -30.85
N GLY A 470 -54.18 0.19 -31.29
CA GLY A 470 -54.72 -0.21 -32.58
C GLY A 470 -53.68 -0.30 -33.73
N HIS A 471 -52.41 -0.18 -33.36
CA HIS A 471 -51.33 -0.21 -34.33
C HIS A 471 -50.06 -0.81 -33.72
N TYR A 472 -49.03 -0.94 -34.56
CA TYR A 472 -47.84 -1.75 -34.23
C TYR A 472 -46.57 -0.93 -34.05
N ASP A 473 -46.72 0.38 -34.08
CA ASP A 473 -45.54 1.20 -33.96
C ASP A 473 -45.27 1.53 -32.50
N ALA A 474 -44.53 0.67 -31.83
CA ALA A 474 -44.29 0.78 -30.39
C ALA A 474 -43.43 1.99 -29.94
N ARG A 475 -42.78 2.67 -30.87
CA ARG A 475 -41.73 3.65 -30.54
C ARG A 475 -42.16 4.80 -29.60
N ALA A 476 -43.39 5.29 -29.78
CA ALA A 476 -43.96 6.34 -28.92
C ALA A 476 -44.53 5.81 -27.61
N SER A 477 -44.82 4.50 -27.54
CA SER A 477 -45.36 3.85 -26.35
C SER A 477 -44.26 3.34 -25.37
N LEU A 478 -43.09 3.04 -25.92
CA LEU A 478 -41.95 2.68 -25.09
C LEU A 478 -41.35 3.87 -24.35
N SER A 479 -40.62 3.61 -23.27
CA SER A 479 -39.74 4.61 -22.66
C SER A 479 -38.63 5.02 -23.63
N PRO A 480 -38.21 6.30 -23.63
CA PRO A 480 -37.18 6.71 -24.60
C PRO A 480 -35.92 5.85 -24.60
N ALA A 481 -35.55 5.33 -23.44
CA ALA A 481 -34.40 4.45 -23.36
C ALA A 481 -34.57 3.11 -24.08
N THR A 482 -35.72 2.43 -23.92
CA THR A 482 -35.92 1.18 -24.68
C THR A 482 -36.26 1.39 -26.15
N GLU A 483 -36.68 2.60 -26.51
CA GLU A 483 -36.98 2.92 -27.91
C GLU A 483 -35.69 3.00 -28.72
N ARG A 484 -34.62 3.50 -28.10
CA ARG A 484 -33.30 3.48 -28.74
C ARG A 484 -32.88 2.03 -29.09
N LEU A 485 -33.02 1.11 -28.14
CA LEU A 485 -32.60 -0.24 -28.38
C LEU A 485 -33.52 -0.95 -29.38
N TYR A 486 -34.82 -0.73 -29.28
CA TYR A 486 -35.79 -1.37 -30.15
C TYR A 486 -35.52 -0.96 -31.58
N SER A 487 -35.16 0.30 -31.77
CA SER A 487 -34.94 0.86 -33.11
C SER A 487 -33.53 0.58 -33.66
N ALA A 488 -32.57 0.36 -32.77
CA ALA A 488 -31.30 -0.19 -33.17
C ALA A 488 -31.52 -1.63 -33.71
N VAL A 489 -32.21 -2.49 -32.96
CA VAL A 489 -32.50 -3.86 -33.43
C VAL A 489 -33.21 -3.88 -34.78
N ARG A 490 -34.23 -3.03 -34.96
CA ARG A 490 -35.01 -3.03 -36.18
C ARG A 490 -34.20 -2.50 -37.36
N HIS A 491 -33.26 -1.61 -37.07
CA HIS A 491 -32.33 -1.12 -38.08
C HIS A 491 -31.44 -2.24 -38.56
N VAL A 492 -30.89 -3.02 -37.63
CA VAL A 492 -29.92 -4.08 -37.97
C VAL A 492 -30.59 -5.16 -38.84
N VAL A 493 -31.80 -5.54 -38.49
CA VAL A 493 -32.50 -6.61 -39.19
C VAL A 493 -33.17 -6.14 -40.50
N GLY A 494 -33.29 -4.83 -40.71
CA GLY A 494 -33.78 -4.28 -41.97
C GLY A 494 -35.29 -4.24 -42.12
N GLN A 495 -36.00 -4.34 -41.01
CA GLN A 495 -37.46 -4.24 -40.97
C GLN A 495 -37.79 -2.91 -40.25
N LYS A 496 -38.46 -1.99 -40.93
CA LYS A 496 -38.75 -0.70 -40.31
C LYS A 496 -40.07 -0.81 -39.56
N PRO A 497 -40.11 -0.31 -38.32
CA PRO A 497 -41.38 -0.20 -37.59
C PRO A 497 -42.42 0.56 -38.41
N THR A 498 -43.67 0.12 -38.34
CA THR A 498 -44.77 0.80 -39.06
C THR A 498 -46.06 0.52 -38.26
N SER A 499 -47.12 1.30 -38.51
CA SER A 499 -48.35 1.16 -37.75
C SER A 499 -49.21 -0.07 -38.16
N ASP A 500 -49.11 -0.47 -39.42
CA ASP A 500 -49.90 -1.57 -39.98
C ASP A 500 -49.24 -2.96 -39.86
N ARG A 501 -47.98 -2.99 -39.43
CA ARG A 501 -47.20 -4.23 -39.31
C ARG A 501 -46.30 -4.31 -38.07
N PRO A 502 -46.33 -5.46 -37.36
CA PRO A 502 -45.34 -5.59 -36.31
C PRO A 502 -44.12 -6.18 -36.96
N TYR A 503 -43.06 -6.36 -36.17
CA TYR A 503 -41.76 -6.85 -36.63
C TYR A 503 -41.96 -8.13 -37.45
N ILE A 504 -42.73 -9.08 -36.92
CA ILE A 504 -43.03 -10.33 -37.63
C ILE A 504 -44.52 -10.51 -37.87
N TRP A 505 -44.91 -10.51 -39.14
CA TRP A 505 -46.32 -10.60 -39.50
C TRP A 505 -46.66 -12.04 -39.91
N ASN A 506 -46.17 -12.46 -41.08
CA ASN A 506 -46.26 -13.85 -41.52
C ASN A 506 -44.94 -14.60 -41.40
N ASP A 507 -45.04 -15.90 -41.16
CA ASP A 507 -43.86 -16.71 -40.91
C ASP A 507 -42.95 -16.82 -42.16
N ASN A 508 -43.58 -17.00 -43.33
CA ASN A 508 -42.89 -17.20 -44.62
C ASN A 508 -42.24 -15.93 -45.19
N GLU A 509 -42.21 -14.89 -44.39
CA GLU A 509 -41.77 -13.57 -44.84
C GLU A 509 -40.33 -13.25 -44.45
N GLN A 510 -39.77 -14.01 -43.50
CA GLN A 510 -38.36 -13.91 -43.16
C GLN A 510 -37.75 -15.24 -42.75
N GLY A 511 -36.44 -15.33 -42.92
CA GLY A 511 -35.66 -16.34 -42.23
C GLY A 511 -35.22 -15.74 -40.90
N LEU A 512 -35.73 -16.28 -39.80
CA LEU A 512 -35.34 -15.80 -38.46
C LEU A 512 -33.86 -15.98 -38.15
N ASP A 513 -33.26 -17.02 -38.73
CA ASP A 513 -31.81 -17.23 -38.70
C ASP A 513 -30.92 -16.06 -39.14
N GLU A 514 -31.32 -15.30 -40.17
CA GLU A 514 -30.49 -14.17 -40.67
C GLU A 514 -30.58 -12.99 -39.72
N HIS A 515 -31.70 -12.91 -39.00
CA HIS A 515 -31.90 -11.88 -37.98
C HIS A 515 -31.06 -12.15 -36.72
N ILE A 516 -31.00 -13.40 -36.30
CA ILE A 516 -30.14 -13.84 -35.20
C ILE A 516 -28.73 -13.47 -35.62
N ALA A 517 -28.33 -13.96 -36.80
CA ALA A 517 -26.98 -13.70 -37.34
C ALA A 517 -26.61 -12.19 -37.43
N ARG A 518 -27.54 -11.38 -37.91
CA ARG A 518 -27.29 -9.95 -38.09
C ARG A 518 -27.17 -9.25 -36.77
N ILE A 519 -28.07 -9.57 -35.85
CA ILE A 519 -27.98 -9.05 -34.49
C ILE A 519 -26.71 -9.48 -33.73
N SER A 520 -26.37 -10.79 -33.76
CA SER A 520 -25.14 -11.26 -33.09
C SER A 520 -23.89 -10.56 -33.61
N ALA A 521 -23.83 -10.44 -34.95
CA ALA A 521 -22.73 -9.73 -35.60
C ALA A 521 -22.72 -8.22 -35.23
N ASP A 522 -23.88 -7.57 -35.12
CA ASP A 522 -23.88 -6.15 -34.66
C ASP A 522 -23.37 -6.06 -33.22
N ILE A 523 -23.80 -6.98 -32.36
CA ILE A 523 -23.33 -6.96 -30.97
C ILE A 523 -21.81 -7.16 -30.94
N ALA A 524 -21.34 -8.24 -31.57
CA ALA A 524 -19.90 -8.52 -31.70
C ALA A 524 -19.07 -7.31 -32.17
N ALA A 525 -19.56 -6.58 -33.17
CA ALA A 525 -18.81 -5.44 -33.74
C ALA A 525 -18.95 -4.11 -32.96
N GLY A 526 -19.70 -4.11 -31.88
CA GLY A 526 -19.87 -2.86 -31.13
C GLY A 526 -20.77 -1.88 -31.87
N GLY A 527 -21.69 -2.42 -32.68
CA GLY A 527 -22.55 -1.63 -33.54
C GLY A 527 -23.57 -0.73 -32.84
N VAL A 528 -24.76 -0.59 -33.43
CA VAL A 528 -25.78 0.36 -32.95
C VAL A 528 -26.63 -0.16 -31.78
N ILE A 529 -26.69 -1.48 -31.65
CA ILE A 529 -27.34 -2.13 -30.55
C ILE A 529 -26.51 -1.91 -29.30
N VAL A 530 -25.20 -2.13 -29.40
CA VAL A 530 -24.30 -1.84 -28.30
C VAL A 530 -24.37 -0.36 -27.87
N GLN A 531 -24.34 0.55 -28.84
CA GLN A 531 -24.35 2.00 -28.58
C GLN A 531 -25.63 2.46 -27.90
N ALA A 532 -26.73 1.79 -28.23
CA ALA A 532 -28.06 2.06 -27.68
C ALA A 532 -28.17 1.85 -26.16
N VAL A 533 -27.23 1.09 -25.60
CA VAL A 533 -27.25 0.83 -24.14
C VAL A 533 -25.95 1.35 -23.49
N GLN A 534 -25.19 2.13 -24.25
CA GLN A 534 -23.87 2.58 -23.80
C GLN A 534 -23.91 3.40 -22.51
N ASP A 535 -25.06 4.01 -22.21
CA ASP A 535 -25.23 4.79 -20.99
C ASP A 535 -25.28 3.92 -19.72
N ILE A 536 -25.59 2.64 -19.88
CA ILE A 536 -25.67 1.67 -18.77
C ILE A 536 -24.25 1.26 -18.35
N LEU A 537 -23.39 1.09 -19.35
CA LEU A 537 -22.00 0.69 -19.16
C LEU A 537 -21.17 1.74 -18.40
N ASN B 1 -26.26 -8.16 25.73
CA ASN B 1 -24.84 -8.12 25.28
C ASN B 1 -24.69 -7.80 23.79
N VAL B 2 -25.32 -8.59 22.93
CA VAL B 2 -25.53 -8.20 21.52
C VAL B 2 -26.89 -7.50 21.46
N ILE B 3 -26.84 -6.20 21.18
CA ILE B 3 -28.03 -5.39 21.07
C ILE B 3 -28.51 -5.40 19.64
N ILE B 4 -29.79 -5.77 19.46
CA ILE B 4 -30.44 -5.88 18.16
C ILE B 4 -31.15 -4.58 17.81
N GLY B 5 -30.92 -4.08 16.60
CA GLY B 5 -31.67 -2.95 16.09
C GLY B 5 -30.83 -1.70 15.99
N ASN B 6 -29.97 -1.50 16.97
CA ASN B 6 -29.02 -0.41 16.93
C ASN B 6 -28.08 -0.51 15.70
N GLN B 7 -26.87 -1.00 15.92
CA GLN B 7 -25.88 -1.10 14.83
C GLN B 7 -25.98 -2.42 14.03
N LYS B 8 -25.28 -2.46 12.90
CA LYS B 8 -25.26 -3.61 12.03
C LYS B 8 -24.62 -4.83 12.69
N LEU B 9 -25.22 -6.00 12.44
CA LEU B 9 -24.71 -7.25 13.00
C LEU B 9 -23.57 -7.77 12.15
N THR B 10 -22.54 -8.31 12.78
CA THR B 10 -21.44 -8.92 12.04
C THR B 10 -21.65 -10.45 12.00
N ILE B 11 -20.84 -11.16 11.21
CA ILE B 11 -20.86 -12.63 11.24
C ILE B 11 -20.35 -13.14 12.60
N ASN B 12 -19.41 -12.42 13.21
CA ASN B 12 -18.94 -12.73 14.57
C ASN B 12 -20.04 -12.63 15.62
N ASP B 13 -20.86 -11.57 15.52
CA ASP B 13 -22.02 -11.34 16.37
C ASP B 13 -22.98 -12.52 16.25
N VAL B 14 -23.35 -12.87 15.02
CA VAL B 14 -24.24 -14.03 14.75
C VAL B 14 -23.73 -15.36 15.30
N ALA B 15 -22.47 -15.69 15.00
CA ALA B 15 -21.80 -16.89 15.54
C ALA B 15 -21.78 -16.94 17.08
N ARG B 16 -21.42 -15.82 17.71
CA ARG B 16 -21.45 -15.74 19.17
C ARG B 16 -22.85 -16.06 19.73
N VAL B 17 -23.89 -15.54 19.10
CA VAL B 17 -25.25 -15.81 19.59
C VAL B 17 -25.67 -17.24 19.30
N ALA B 18 -25.47 -17.69 18.07
CA ALA B 18 -25.88 -19.01 17.63
C ALA B 18 -25.18 -20.10 18.43
N ARG B 19 -23.86 -19.96 18.59
CA ARG B 19 -22.99 -21.03 19.12
C ARG B 19 -22.64 -20.86 20.59
N ASN B 20 -22.46 -19.61 21.02
CA ASN B 20 -21.92 -19.36 22.35
C ASN B 20 -22.97 -18.93 23.38
N GLY B 21 -24.23 -18.87 22.93
CA GLY B 21 -25.35 -18.52 23.79
C GLY B 21 -25.27 -17.10 24.31
N THR B 22 -24.50 -16.26 23.62
CA THR B 22 -24.39 -14.84 24.00
C THR B 22 -25.80 -14.26 24.12
N LEU B 23 -26.01 -13.44 25.15
CA LEU B 23 -27.32 -12.86 25.38
C LEU B 23 -27.58 -11.78 24.38
N VAL B 24 -28.86 -11.47 24.21
CA VAL B 24 -29.35 -10.56 23.21
C VAL B 24 -30.39 -9.59 23.82
N SER B 25 -30.46 -8.38 23.27
CA SER B 25 -31.47 -7.42 23.71
C SER B 25 -31.97 -6.65 22.52
N LEU B 26 -33.25 -6.28 22.56
CA LEU B 26 -33.79 -5.37 21.59
C LEU B 26 -33.40 -3.99 22.06
N THR B 27 -33.05 -3.11 21.14
CA THR B 27 -32.72 -1.74 21.48
C THR B 27 -33.93 -1.02 22.10
N ASN B 28 -33.66 -0.08 23.01
CA ASN B 28 -34.68 0.83 23.55
C ASN B 28 -34.71 2.19 22.81
N ASN B 29 -33.99 2.26 21.68
CA ASN B 29 -33.93 3.46 20.87
C ASN B 29 -35.34 3.89 20.53
N THR B 30 -35.72 5.11 20.91
CA THR B 30 -37.12 5.50 20.76
C THR B 30 -37.53 5.68 19.31
N ASP B 31 -36.61 6.11 18.46
CA ASP B 31 -36.89 6.23 17.02
C ASP B 31 -37.09 4.86 16.36
N ILE B 32 -36.32 3.86 16.81
CA ILE B 32 -36.47 2.49 16.35
C ILE B 32 -37.82 1.88 16.77
N LEU B 33 -38.22 2.10 18.03
CA LEU B 33 -39.49 1.55 18.48
C LEU B 33 -40.69 2.31 17.92
N GLN B 34 -40.54 3.62 17.70
CA GLN B 34 -41.57 4.41 17.01
C GLN B 34 -41.85 3.90 15.58
N GLY B 35 -40.79 3.53 14.85
CA GLY B 35 -40.91 3.03 13.47
C GLY B 35 -41.67 1.71 13.40
N ILE B 36 -41.36 0.82 14.34
CA ILE B 36 -42.00 -0.47 14.51
C ILE B 36 -43.49 -0.30 14.78
N GLN B 37 -43.80 0.75 15.54
CA GLN B 37 -45.16 1.05 15.96
C GLN B 37 -45.93 1.59 14.78
N ALA B 38 -45.30 2.54 14.09
CA ALA B 38 -45.89 3.21 12.95
C ALA B 38 -46.32 2.24 11.84
N SER B 39 -45.51 1.22 11.54
CA SER B 39 -45.84 0.28 10.45
C SER B 39 -46.93 -0.67 10.88
N CYS B 40 -46.91 -1.00 12.17
CA CYS B 40 -47.95 -1.75 12.84
C CYS B 40 -49.29 -1.01 12.69
N ASP B 41 -49.33 0.29 13.05
CA ASP B 41 -50.51 1.14 12.86
C ASP B 41 -50.92 1.35 11.39
N TYR B 42 -49.93 1.43 10.51
CA TYR B 42 -50.24 1.49 9.08
C TYR B 42 -51.05 0.27 8.61
N ILE B 43 -50.59 -0.93 8.95
CA ILE B 43 -51.31 -2.15 8.54
C ILE B 43 -52.69 -2.24 9.16
N ASN B 44 -52.77 -2.02 10.47
CA ASN B 44 -54.07 -1.92 11.13
C ASN B 44 -55.04 -1.08 10.30
N ASN B 45 -54.63 0.15 9.99
CA ASN B 45 -55.46 1.09 9.24
C ASN B 45 -55.77 0.61 7.82
N ALA B 46 -54.74 0.24 7.05
CA ALA B 46 -54.95 -0.17 5.65
C ALA B 46 -55.94 -1.32 5.56
N VAL B 47 -55.80 -2.28 6.47
CA VAL B 47 -56.62 -3.49 6.42
C VAL B 47 -58.07 -3.17 6.77
N GLU B 48 -58.32 -2.31 7.76
CA GLU B 48 -59.70 -2.05 8.14
C GLU B 48 -60.42 -1.20 7.09
N SER B 49 -59.61 -0.46 6.32
CA SER B 49 -60.05 0.34 5.16
C SER B 49 -60.30 -0.49 3.91
N GLY B 50 -59.90 -1.77 3.94
CA GLY B 50 -60.17 -2.70 2.83
C GLY B 50 -59.16 -2.62 1.70
N GLU B 51 -58.09 -1.86 1.90
CA GLU B 51 -57.03 -1.76 0.92
C GLU B 51 -56.52 -3.11 0.42
N PRO B 52 -56.35 -3.24 -0.90
CA PRO B 52 -55.75 -4.47 -1.41
C PRO B 52 -54.23 -4.49 -1.19
N ILE B 53 -53.77 -5.49 -0.45
CA ILE B 53 -52.35 -5.70 -0.22
C ILE B 53 -52.02 -7.20 -0.31
N TYR B 54 -50.87 -7.52 -0.91
CA TYR B 54 -50.49 -8.93 -1.15
C TYR B 54 -50.25 -9.71 0.14
N GLY B 55 -50.79 -10.93 0.17
CA GLY B 55 -50.66 -11.80 1.32
C GLY B 55 -51.25 -11.23 2.61
N VAL B 56 -52.12 -10.23 2.48
CA VAL B 56 -52.80 -9.63 3.61
C VAL B 56 -54.27 -9.56 3.25
N THR B 57 -54.57 -8.95 2.10
CA THR B 57 -55.93 -9.03 1.52
C THR B 57 -55.94 -9.80 0.20
N SER B 58 -54.97 -10.72 0.04
CA SER B 58 -54.94 -11.78 -0.99
C SER B 58 -54.36 -12.93 -0.15
N GLY B 59 -54.40 -14.21 -0.52
CA GLY B 59 -54.10 -14.78 -1.81
C GLY B 59 -52.58 -14.86 -1.87
N PHE B 60 -51.97 -16.03 -1.62
CA PHE B 60 -50.50 -16.18 -1.67
C PHE B 60 -50.01 -16.79 -2.98
N GLY B 61 -48.89 -16.27 -3.47
CA GLY B 61 -48.25 -16.75 -4.69
C GLY B 61 -49.16 -16.85 -5.91
N GLY B 62 -49.22 -18.06 -6.47
CA GLY B 62 -50.05 -18.35 -7.64
C GLY B 62 -51.54 -18.19 -7.41
N MSE B 63 -51.92 -17.91 -6.17
CA MSE B 63 -53.33 -17.68 -5.83
C MSE B 63 -53.50 -16.28 -5.26
O MSE B 63 -54.43 -16.03 -4.49
CB MSE B 63 -53.82 -18.77 -4.89
CG MSE B 63 -53.72 -20.14 -5.57
SE MSE B 63 -53.95 -21.62 -4.36
CE MSE B 63 -55.85 -21.30 -3.84
N ALA B 64 -52.61 -15.38 -5.67
CA ALA B 64 -52.72 -13.95 -5.35
C ALA B 64 -53.83 -13.24 -6.13
N ASN B 65 -54.57 -13.97 -6.94
CA ASN B 65 -55.78 -13.38 -7.47
C ASN B 65 -57.00 -13.80 -6.71
N VAL B 66 -56.80 -14.27 -5.47
CA VAL B 66 -57.91 -14.46 -4.55
C VAL B 66 -58.01 -13.19 -3.69
N ALA B 67 -59.13 -12.49 -3.80
CA ALA B 67 -59.44 -11.37 -2.92
C ALA B 67 -59.81 -11.98 -1.57
N ILE B 68 -59.13 -11.56 -0.49
CA ILE B 68 -59.61 -11.95 0.84
C ILE B 68 -59.97 -10.70 1.63
N SER B 69 -61.10 -10.72 2.31
CA SER B 69 -61.61 -9.52 2.99
C SER B 69 -61.10 -9.46 4.43
N ARG B 70 -61.11 -8.24 4.99
CA ARG B 70 -60.62 -7.97 6.34
C ARG B 70 -61.22 -8.89 7.40
N GLU B 71 -62.43 -9.37 7.13
CA GLU B 71 -63.11 -10.27 8.05
C GLU B 71 -62.42 -11.64 8.09
N GLN B 72 -61.60 -11.93 7.07
CA GLN B 72 -60.83 -13.18 7.01
C GLN B 72 -59.32 -12.93 7.14
N ALA B 73 -58.92 -11.70 7.44
CA ALA B 73 -57.52 -11.30 7.30
C ALA B 73 -56.63 -11.94 8.36
N SER B 74 -57.16 -12.04 9.58
CA SER B 74 -56.51 -12.77 10.67
C SER B 74 -56.37 -14.28 10.37
N GLU B 75 -57.48 -14.93 10.02
CA GLU B 75 -57.44 -16.38 9.79
C GLU B 75 -56.58 -16.80 8.58
N LEU B 76 -56.29 -15.87 7.67
CA LEU B 76 -55.36 -16.08 6.57
C LEU B 76 -53.92 -16.30 7.07
N GLN B 77 -53.47 -15.44 7.98
CA GLN B 77 -52.15 -15.53 8.58
C GLN B 77 -51.92 -16.82 9.38
N THR B 78 -52.94 -17.26 10.12
CA THR B 78 -52.86 -18.44 10.94
C THR B 78 -52.84 -19.70 10.05
N ASN B 79 -53.67 -19.70 9.01
CA ASN B 79 -53.68 -20.82 8.07
C ASN B 79 -52.40 -20.91 7.22
N LEU B 80 -51.64 -19.82 7.13
CA LEU B 80 -50.35 -19.82 6.43
C LEU B 80 -49.31 -20.72 7.12
N VAL B 81 -49.36 -20.76 8.45
CA VAL B 81 -48.47 -21.61 9.22
C VAL B 81 -48.81 -23.08 8.97
N TRP B 82 -50.10 -23.38 8.85
CA TRP B 82 -50.56 -24.76 8.67
C TRP B 82 -50.19 -25.37 7.35
N PHE B 83 -50.46 -24.67 6.26
CA PHE B 83 -50.21 -25.24 4.94
C PHE B 83 -48.73 -25.28 4.57
N LEU B 84 -47.92 -24.50 5.30
CA LEU B 84 -46.45 -24.54 5.17
C LEU B 84 -45.77 -25.61 6.01
N LYS B 85 -46.53 -26.32 6.85
CA LYS B 85 -45.94 -27.32 7.75
C LYS B 85 -45.63 -28.61 6.98
N THR B 86 -44.70 -28.49 6.03
CA THR B 86 -44.39 -29.53 5.09
C THR B 86 -42.88 -29.76 4.99
N GLY B 87 -42.15 -29.59 6.09
CA GLY B 87 -40.71 -29.85 6.10
C GLY B 87 -40.41 -31.33 6.02
N ALA B 88 -39.24 -31.69 5.51
CA ALA B 88 -38.80 -33.09 5.46
C ALA B 88 -37.29 -33.17 5.68
N GLY B 89 -36.80 -34.42 5.80
CA GLY B 89 -35.37 -34.72 6.01
C GLY B 89 -34.93 -34.59 7.47
N ASN B 90 -33.61 -34.51 7.67
CA ASN B 90 -33.01 -34.19 8.96
C ASN B 90 -33.25 -32.75 9.42
N LYS B 91 -32.93 -32.51 10.68
CA LYS B 91 -33.16 -31.22 11.32
C LYS B 91 -31.90 -30.42 11.23
N LEU B 92 -32.07 -29.11 11.09
CA LEU B 92 -31.00 -28.14 11.24
C LEU B 92 -30.30 -28.27 12.57
N PRO B 93 -28.97 -28.11 12.60
CA PRO B 93 -28.28 -27.88 13.88
C PRO B 93 -28.97 -26.72 14.62
N LEU B 94 -29.06 -26.82 15.94
CA LEU B 94 -29.72 -25.77 16.72
C LEU B 94 -29.08 -24.38 16.58
N ALA B 95 -27.78 -24.33 16.32
CA ALA B 95 -27.06 -23.08 16.15
C ALA B 95 -27.55 -22.28 14.94
N ASP B 96 -27.97 -22.97 13.88
CA ASP B 96 -28.44 -22.28 12.68
C ASP B 96 -29.89 -21.85 12.86
N VAL B 97 -30.64 -22.54 13.72
CA VAL B 97 -31.98 -22.08 14.07
C VAL B 97 -31.93 -20.79 14.93
N ARG B 98 -30.91 -20.71 15.81
CA ARG B 98 -30.68 -19.53 16.67
C ARG B 98 -30.26 -18.33 15.83
N ALA B 99 -29.24 -18.50 14.99
CA ALA B 99 -28.92 -17.52 13.96
C ALA B 99 -30.16 -17.05 13.19
N ALA B 100 -30.99 -17.99 12.72
CA ALA B 100 -32.20 -17.68 11.93
C ALA B 100 -33.19 -16.73 12.63
N MSE B 101 -33.28 -16.85 13.97
CA MSE B 101 -34.17 -16.02 14.78
C MSE B 101 -33.54 -14.70 15.09
O MSE B 101 -34.24 -13.68 15.21
CB MSE B 101 -34.47 -16.72 16.09
CG MSE B 101 -35.61 -17.70 15.98
SE MSE B 101 -36.06 -18.62 17.61
CE MSE B 101 -34.28 -19.16 18.25
N LEU B 102 -32.21 -14.72 15.23
CA LEU B 102 -31.45 -13.50 15.45
C LEU B 102 -31.65 -12.57 14.29
N LEU B 103 -31.43 -13.07 13.08
CA LEU B 103 -31.59 -12.26 11.87
C LEU B 103 -33.03 -11.82 11.63
N ARG B 104 -34.02 -12.67 11.93
CA ARG B 104 -35.43 -12.31 11.69
C ARG B 104 -35.86 -11.20 12.63
N ALA B 105 -35.42 -11.26 13.89
CA ALA B 105 -35.62 -10.17 14.88
C ALA B 105 -34.97 -8.90 14.38
N ASN B 106 -33.71 -9.01 13.97
CA ASN B 106 -32.96 -7.93 13.33
C ASN B 106 -33.65 -7.26 12.14
N SER B 107 -34.14 -8.09 11.21
CA SER B 107 -34.97 -7.61 10.11
C SER B 107 -36.20 -6.77 10.57
N HIS B 108 -36.95 -7.32 11.52
CA HIS B 108 -38.15 -6.66 12.03
C HIS B 108 -37.93 -5.32 12.74
N MSE B 109 -36.76 -5.13 13.35
CA MSE B 109 -36.43 -3.88 14.05
C MSE B 109 -36.37 -2.68 13.13
O MSE B 109 -36.49 -1.54 13.57
CB MSE B 109 -35.07 -3.98 14.74
CG MSE B 109 -34.94 -5.01 15.83
SE MSE B 109 -36.06 -4.63 17.36
CE MSE B 109 -35.34 -2.95 17.98
N ARG B 110 -36.14 -2.94 11.84
CA ARG B 110 -35.95 -1.88 10.85
C ARG B 110 -37.24 -1.11 10.53
N GLY B 111 -38.38 -1.68 10.88
CA GLY B 111 -39.64 -0.94 10.90
C GLY B 111 -40.54 -1.01 9.67
N ALA B 112 -40.17 -1.80 8.66
CA ALA B 112 -40.96 -1.87 7.44
C ALA B 112 -41.90 -3.09 7.36
N SER B 113 -42.05 -3.82 8.46
CA SER B 113 -42.78 -5.08 8.39
C SER B 113 -44.21 -5.08 8.95
N GLY B 114 -44.51 -4.12 9.83
CA GLY B 114 -45.83 -4.05 10.43
C GLY B 114 -46.09 -5.23 11.35
N ILE B 115 -45.10 -5.59 12.17
CA ILE B 115 -45.27 -6.68 13.13
C ILE B 115 -45.18 -6.15 14.57
N ARG B 116 -45.96 -6.79 15.46
CA ARG B 116 -46.00 -6.42 16.86
C ARG B 116 -44.65 -6.66 17.51
N LEU B 117 -44.12 -5.61 18.14
CA LEU B 117 -42.95 -5.69 19.01
C LEU B 117 -42.97 -6.94 19.91
N GLU B 118 -44.15 -7.27 20.42
CA GLU B 118 -44.33 -8.41 21.31
C GLU B 118 -43.87 -9.73 20.63
N LEU B 119 -44.00 -9.80 19.31
CA LEU B 119 -43.59 -11.00 18.59
C LEU B 119 -42.07 -11.02 18.31
N ILE B 120 -41.50 -9.83 18.20
CA ILE B 120 -40.06 -9.67 18.02
C ILE B 120 -39.39 -9.96 19.37
N LYS B 121 -40.03 -9.51 20.45
CA LYS B 121 -39.59 -9.77 21.83
C LYS B 121 -39.62 -11.29 22.11
N ARG B 122 -40.63 -11.98 21.58
CA ARG B 122 -40.77 -13.42 21.76
C ARG B 122 -39.54 -14.19 21.29
N MSE B 123 -38.92 -13.70 20.22
CA MSE B 123 -37.67 -14.28 19.70
C MSE B 123 -36.46 -14.03 20.58
O MSE B 123 -35.65 -14.94 20.80
CB MSE B 123 -37.38 -13.76 18.29
CG MSE B 123 -38.36 -14.31 17.31
SE MSE B 123 -37.93 -13.87 15.47
CE MSE B 123 -39.08 -12.34 15.25
N GLU B 124 -36.34 -12.80 21.10
CA GLU B 124 -35.37 -12.46 22.12
C GLU B 124 -35.49 -13.45 23.28
N ILE B 125 -36.71 -13.71 23.75
CA ILE B 125 -36.91 -14.55 24.92
C ILE B 125 -36.50 -15.99 24.64
N PHE B 126 -36.96 -16.56 23.53
CA PHE B 126 -36.49 -17.88 23.11
C PHE B 126 -34.95 -17.96 23.01
N LEU B 127 -34.31 -16.95 22.44
CA LEU B 127 -32.86 -17.02 22.26
C LEU B 127 -32.11 -17.11 23.61
N ASN B 128 -32.52 -16.26 24.55
CA ASN B 128 -31.93 -16.14 25.88
C ASN B 128 -32.30 -17.24 26.85
N ALA B 129 -33.47 -17.82 26.70
CA ALA B 129 -33.87 -18.96 27.53
C ALA B 129 -33.32 -20.25 26.95
N GLY B 130 -32.79 -20.20 25.74
CA GLY B 130 -32.25 -21.39 25.09
C GLY B 130 -33.33 -22.35 24.63
N VAL B 131 -34.43 -21.80 24.12
CA VAL B 131 -35.51 -22.61 23.50
C VAL B 131 -35.34 -22.50 21.98
N THR B 132 -35.16 -23.64 21.31
CA THR B 132 -34.90 -23.63 19.89
C THR B 132 -35.91 -24.49 19.12
N PRO B 133 -36.70 -23.86 18.22
CA PRO B 133 -37.61 -24.69 17.40
C PRO B 133 -36.88 -25.66 16.47
N TYR B 134 -37.35 -26.89 16.42
CA TYR B 134 -36.94 -27.83 15.39
C TYR B 134 -37.29 -27.27 14.00
N VAL B 135 -36.32 -27.32 13.08
CA VAL B 135 -36.47 -26.89 11.69
C VAL B 135 -35.84 -27.98 10.81
N TYR B 136 -36.49 -28.29 9.68
CA TYR B 136 -36.04 -29.36 8.79
C TYR B 136 -35.20 -28.86 7.62
N GLU B 137 -34.36 -29.75 7.08
CA GLU B 137 -33.42 -29.43 6.00
C GLU B 137 -34.06 -29.24 4.63
N PHE B 138 -35.26 -29.78 4.40
CA PHE B 138 -35.99 -29.52 3.14
C PHE B 138 -37.30 -28.76 3.34
N GLY B 139 -37.65 -27.98 2.33
CA GLY B 139 -38.92 -27.24 2.29
C GLY B 139 -38.83 -25.84 1.69
N SER B 140 -37.60 -25.38 1.43
CA SER B 140 -37.37 -24.03 0.94
C SER B 140 -36.54 -24.00 -0.33
N ILE B 141 -37.04 -23.27 -1.33
CA ILE B 141 -36.28 -22.93 -2.53
C ILE B 141 -35.62 -21.53 -2.50
N GLY B 142 -35.63 -20.87 -1.36
CA GLY B 142 -34.88 -19.64 -1.22
C GLY B 142 -35.42 -18.40 -1.96
N1 MDO B 143 -36.73 -18.46 -1.72
CA1 MDO B 143 -37.37 -17.19 -2.07
C1 MDO B 143 -38.63 -16.89 -1.32
CB MDO B 143 -37.69 -17.16 -3.56
N2 MDO B 143 -39.86 -16.66 -1.92
CA2 MDO B 143 -40.78 -16.36 -0.96
C2 MDO B 143 -40.03 -16.44 0.19
O2 MDO B 143 -40.52 -16.20 1.56
CB2 MDO B 143 -42.28 -16.05 -1.15
N3 MDO B 143 -38.76 -16.71 0.02
CA3 MDO B 143 -37.80 -16.87 1.12
C3 MDO B 143 -37.83 -18.35 1.52
O3 MDO B 143 -38.42 -19.18 0.83
N ASP B 144 -37.74 -18.47 2.84
CA ASP B 144 -37.66 -19.63 3.80
C ASP B 144 -38.97 -19.86 4.51
N LEU B 145 -40.05 -19.86 3.72
CA LEU B 145 -41.43 -19.88 4.22
C LEU B 145 -41.68 -21.05 5.14
N VAL B 146 -41.35 -22.26 4.67
CA VAL B 146 -41.70 -23.49 5.37
C VAL B 146 -40.87 -23.62 6.64
N PRO B 147 -39.53 -23.43 6.55
CA PRO B 147 -38.72 -23.50 7.78
C PRO B 147 -39.11 -22.44 8.81
N LEU B 148 -39.37 -21.22 8.36
CA LEU B 148 -39.74 -20.14 9.26
C LEU B 148 -41.11 -20.36 9.88
N SER B 149 -41.92 -21.21 9.24
CA SER B 149 -43.24 -21.55 9.76
C SER B 149 -43.18 -22.40 11.03
N TYR B 150 -42.16 -23.24 11.12
CA TYR B 150 -41.85 -23.95 12.36
C TYR B 150 -41.35 -22.97 13.44
N ILE B 151 -40.51 -22.02 13.08
CA ILE B 151 -40.16 -20.98 14.06
C ILE B 151 -41.43 -20.24 14.56
N THR B 152 -42.23 -19.69 13.62
CA THR B 152 -43.48 -18.99 13.93
C THR B 152 -44.41 -19.85 14.77
N GLY B 153 -44.84 -20.97 14.21
CA GLY B 153 -45.65 -21.92 14.91
C GLY B 153 -45.18 -22.25 16.31
N SER B 154 -43.87 -22.36 16.50
CA SER B 154 -43.35 -22.58 17.83
C SER B 154 -43.45 -21.32 18.73
N LEU B 155 -42.95 -20.19 18.26
CA LEU B 155 -43.02 -18.89 18.98
C LEU B 155 -44.38 -18.55 19.55
N ILE B 156 -45.42 -18.72 18.74
CA ILE B 156 -46.79 -18.37 19.12
C ILE B 156 -47.50 -19.54 19.79
N GLY B 157 -46.82 -20.68 19.88
CA GLY B 157 -47.38 -21.88 20.54
C GLY B 157 -48.67 -22.35 19.90
N LEU B 158 -48.73 -22.30 18.58
CA LEU B 158 -49.94 -22.60 17.81
C LEU B 158 -50.56 -24.00 18.01
N ASP B 159 -49.75 -25.02 18.31
CA ASP B 159 -50.19 -26.44 18.28
C ASP B 159 -49.09 -27.32 18.90
N PRO B 160 -49.47 -28.43 19.58
CA PRO B 160 -48.49 -29.35 20.19
C PRO B 160 -47.58 -30.07 19.21
N SER B 161 -47.88 -30.00 17.91
CA SER B 161 -47.08 -30.75 16.94
C SER B 161 -45.81 -29.98 16.55
N PHE B 162 -45.76 -28.69 16.91
CA PHE B 162 -44.53 -27.90 16.74
C PHE B 162 -43.62 -28.19 17.91
N LYS B 163 -42.39 -28.65 17.62
CA LYS B 163 -41.47 -29.15 18.65
C LYS B 163 -40.27 -28.25 18.81
N VAL B 164 -39.77 -28.14 20.04
CA VAL B 164 -38.60 -27.33 20.35
C VAL B 164 -37.60 -28.13 21.15
N ASP B 165 -36.35 -27.64 21.17
CA ASP B 165 -35.35 -28.03 22.14
C ASP B 165 -35.38 -26.96 23.24
N PHE B 166 -35.60 -27.38 24.48
CA PHE B 166 -35.53 -26.47 25.61
C PHE B 166 -34.31 -26.89 26.44
N ASN B 167 -33.17 -26.25 26.20
CA ASN B 167 -31.92 -26.57 26.90
C ASN B 167 -31.57 -28.07 26.96
N GLY B 168 -31.85 -28.78 25.87
CA GLY B 168 -31.45 -30.18 25.76
C GLY B 168 -32.58 -31.19 25.77
N LYS B 169 -33.76 -30.75 26.21
CA LYS B 169 -34.93 -31.63 26.22
C LYS B 169 -35.96 -31.26 25.15
N GLU B 170 -36.36 -32.26 24.36
CA GLU B 170 -37.43 -32.09 23.37
C GLU B 170 -38.71 -31.87 24.12
N MSE B 171 -39.53 -30.97 23.57
CA MSE B 171 -40.73 -30.50 24.21
C MSE B 171 -41.61 -29.94 23.12
O MSE B 171 -41.09 -29.41 22.14
CB MSE B 171 -40.31 -29.39 25.15
CG MSE B 171 -41.38 -28.91 26.04
SE MSE B 171 -40.60 -27.55 27.18
CE MSE B 171 -39.40 -28.72 28.23
N ASP B 172 -42.94 -30.04 23.26
CA ASP B 172 -43.82 -29.32 22.36
C ASP B 172 -43.77 -27.81 22.68
N ALA B 173 -44.27 -26.99 21.76
CA ALA B 173 -44.11 -25.54 21.87
C ALA B 173 -45.08 -24.93 22.88
N PRO B 174 -46.35 -25.40 22.92
CA PRO B 174 -47.24 -24.89 23.97
C PRO B 174 -46.73 -25.17 25.40
N THR B 175 -46.10 -26.32 25.62
CA THR B 175 -45.49 -26.60 26.92
C THR B 175 -44.33 -25.65 27.26
N ALA B 176 -43.54 -25.24 26.26
CA ALA B 176 -42.40 -24.38 26.49
C ALA B 176 -42.84 -22.94 26.81
N LEU B 177 -43.91 -22.47 26.19
CA LEU B 177 -44.48 -21.17 26.50
C LEU B 177 -45.08 -21.18 27.91
N ARG B 178 -45.59 -22.34 28.35
CA ARG B 178 -46.10 -22.45 29.70
C ARG B 178 -44.98 -22.25 30.72
N GLN B 179 -43.84 -22.91 30.47
CA GLN B 179 -42.62 -22.77 31.27
C GLN B 179 -42.03 -21.36 31.28
N LEU B 180 -42.20 -20.64 30.17
CA LEU B 180 -41.71 -19.28 30.07
C LEU B 180 -42.71 -18.31 30.70
N ASN B 181 -43.86 -18.85 31.07
CA ASN B 181 -45.00 -18.02 31.49
C ASN B 181 -45.44 -17.04 30.42
N LEU B 182 -45.47 -17.57 29.20
CA LEU B 182 -45.91 -16.83 28.05
C LEU B 182 -47.25 -17.39 27.60
N SER B 183 -48.11 -16.48 27.18
CA SER B 183 -49.39 -16.83 26.59
C SER B 183 -49.18 -17.10 25.08
N PRO B 184 -50.00 -18.02 24.51
CA PRO B 184 -50.01 -18.20 23.06
C PRO B 184 -50.47 -16.93 22.38
N LEU B 185 -49.99 -16.67 21.15
CA LEU B 185 -50.39 -15.46 20.44
C LEU B 185 -51.25 -15.77 19.23
N THR B 186 -52.03 -14.76 18.81
CA THR B 186 -52.79 -14.85 17.57
C THR B 186 -52.14 -13.90 16.60
N LEU B 187 -51.81 -14.38 15.41
CA LEU B 187 -51.24 -13.52 14.35
C LEU B 187 -52.30 -12.58 13.73
N LEU B 188 -52.00 -11.28 13.79
CA LEU B 188 -52.80 -10.27 13.14
C LEU B 188 -52.45 -10.26 11.63
N PRO B 189 -53.26 -9.56 10.81
CA PRO B 189 -52.98 -9.46 9.37
C PRO B 189 -51.54 -9.03 9.05
N LYS B 190 -50.93 -9.76 8.11
CA LYS B 190 -49.52 -9.62 7.70
C LYS B 190 -48.45 -10.25 8.63
N GLU B 191 -48.80 -10.48 9.88
CA GLU B 191 -47.79 -10.86 10.88
C GLU B 191 -47.19 -12.21 10.53
N GLY B 192 -48.04 -13.09 10.04
CA GLY B 192 -47.61 -14.42 9.63
C GLY B 192 -46.67 -14.34 8.44
N LEU B 193 -46.97 -13.44 7.51
CA LEU B 193 -46.12 -13.29 6.34
C LEU B 193 -44.81 -12.62 6.70
N ALA B 194 -44.86 -11.55 7.48
CA ALA B 194 -43.66 -10.88 7.99
C ALA B 194 -42.79 -11.87 8.77
N MSE B 195 -43.43 -12.76 9.53
CA MSE B 195 -42.71 -13.83 10.21
C MSE B 195 -42.04 -14.81 9.25
O MSE B 195 -40.94 -15.24 9.52
CB MSE B 195 -43.62 -14.57 11.21
CG MSE B 195 -43.62 -14.03 12.65
SE MSE B 195 -41.84 -13.70 13.44
CE MSE B 195 -41.06 -15.51 13.28
N MSE B 196 -42.68 -15.15 8.14
CA MSE B 196 -42.14 -16.24 7.32
C MSE B 196 -41.53 -15.90 5.94
O MSE B 196 -41.02 -16.80 5.25
CB MSE B 196 -43.21 -17.34 7.15
CG MSE B 196 -43.82 -17.71 8.47
SE MSE B 196 -45.36 -18.84 8.22
CE MSE B 196 -46.82 -17.60 8.52
N ASN B 197 -41.55 -14.62 5.56
CA ASN B 197 -41.24 -14.22 4.19
C ASN B 197 -39.89 -13.56 4.07
N GLY B 198 -38.86 -14.22 4.56
CA GLY B 198 -37.50 -13.71 4.42
C GLY B 198 -36.39 -14.74 4.21
N THR B 199 -35.18 -14.22 4.28
CA THR B 199 -33.97 -15.00 4.02
C THR B 199 -33.21 -15.36 5.31
N SER B 200 -33.88 -15.28 6.46
CA SER B 200 -33.18 -15.40 7.76
C SER B 200 -32.52 -16.75 8.00
N VAL B 201 -33.23 -17.84 7.69
CA VAL B 201 -32.70 -19.19 7.93
C VAL B 201 -31.50 -19.53 7.05
N MSE B 202 -31.63 -19.40 5.73
CA MSE B 202 -30.54 -19.71 4.80
C MSE B 202 -29.33 -18.79 5.07
O MSE B 202 -28.19 -19.23 5.03
CB MSE B 202 -31.03 -19.64 3.34
CG MSE B 202 -31.17 -18.26 2.75
SE MSE B 202 -31.89 -18.04 0.91
CE MSE B 202 -33.71 -17.52 1.35
N THR B 203 -29.60 -17.51 5.38
CA THR B 203 -28.54 -16.54 5.71
C THR B 203 -27.94 -16.86 7.07
N GLY B 204 -28.79 -17.26 8.03
CA GLY B 204 -28.30 -17.88 9.25
C GLY B 204 -27.36 -19.06 9.04
N ILE B 205 -27.79 -20.04 8.26
CA ILE B 205 -26.95 -21.19 7.98
C ILE B 205 -25.63 -20.74 7.36
N ALA B 206 -25.74 -19.87 6.36
CA ALA B 206 -24.60 -19.30 5.62
C ALA B 206 -23.65 -18.49 6.51
N ALA B 207 -24.19 -17.75 7.47
CA ALA B 207 -23.28 -16.90 8.29
C ALA B 207 -22.35 -17.78 9.13
N ASN B 208 -22.89 -18.90 9.61
CA ASN B 208 -22.11 -19.82 10.41
C ASN B 208 -21.08 -20.52 9.53
N CYS B 209 -21.48 -20.84 8.29
CA CYS B 209 -20.54 -21.39 7.30
C CYS B 209 -19.33 -20.49 7.05
N VAL B 210 -19.58 -19.25 6.70
CA VAL B 210 -18.51 -18.27 6.51
C VAL B 210 -17.57 -18.21 7.74
N TYR B 211 -18.14 -18.02 8.92
CA TYR B 211 -17.36 -18.03 10.17
C TYR B 211 -16.41 -19.25 10.28
N ASP B 212 -16.96 -20.45 10.04
CA ASP B 212 -16.19 -21.69 10.14
C ASP B 212 -15.10 -21.82 9.06
N THR B 213 -15.42 -21.37 7.85
CA THR B 213 -14.46 -21.32 6.73
C THR B 213 -13.33 -20.31 6.93
N GLN B 214 -13.64 -19.12 7.47
CA GLN B 214 -12.57 -18.15 7.79
C GLN B 214 -11.57 -18.81 8.75
N ILE B 215 -12.09 -19.42 9.79
CA ILE B 215 -11.27 -20.20 10.69
C ILE B 215 -10.49 -21.31 9.98
N LEU B 216 -11.15 -22.13 9.16
CA LEU B 216 -10.43 -23.25 8.54
C LEU B 216 -9.40 -22.77 7.52
N THR B 217 -9.64 -21.59 6.94
CA THR B 217 -8.61 -20.94 6.10
C THR B 217 -7.36 -20.60 6.89
N ALA B 218 -7.54 -19.99 8.05
CA ALA B 218 -6.39 -19.66 8.93
C ALA B 218 -5.60 -20.92 9.30
N ILE B 219 -6.31 -21.98 9.67
CA ILE B 219 -5.65 -23.23 10.04
C ILE B 219 -4.90 -23.81 8.84
N ALA B 220 -5.52 -23.76 7.67
CA ALA B 220 -4.93 -24.26 6.45
C ALA B 220 -3.59 -23.61 6.21
N MSE B 221 -3.52 -22.30 6.42
CA MSE B 221 -2.31 -21.50 6.24
C MSE B 221 -1.24 -22.02 7.18
O MSE B 221 -0.10 -22.19 6.80
CB MSE B 221 -2.59 -20.02 6.57
CG MSE B 221 -3.42 -19.27 5.53
SE MSE B 221 -2.37 -18.82 3.94
CE MSE B 221 -1.27 -17.41 4.73
N GLY B 222 -1.65 -22.23 8.43
CA GLY B 222 -0.77 -22.77 9.45
C GLY B 222 -0.29 -24.13 9.05
N VAL B 223 -1.17 -24.93 8.45
CA VAL B 223 -0.73 -26.27 7.93
C VAL B 223 0.29 -26.12 6.81
N HIS B 224 0.05 -25.25 5.85
CA HIS B 224 1.05 -25.04 4.80
C HIS B 224 2.40 -24.61 5.40
N ALA B 225 2.35 -23.70 6.37
CA ALA B 225 3.61 -23.22 6.96
C ALA B 225 4.39 -24.37 7.58
N LEU B 226 3.70 -25.32 8.21
CA LEU B 226 4.32 -26.48 8.83
C LEU B 226 4.84 -27.46 7.78
N ASP B 227 4.14 -27.56 6.64
CA ASP B 227 4.58 -28.41 5.50
C ASP B 227 5.84 -27.85 4.87
N ILE B 228 5.90 -26.53 4.77
CA ILE B 228 7.02 -25.82 4.20
C ILE B 228 8.27 -26.07 5.03
N GLN B 229 8.09 -26.08 6.35
CA GLN B 229 9.17 -26.29 7.31
C GLN B 229 9.64 -27.75 7.23
N ALA B 230 8.66 -28.65 7.20
CA ALA B 230 8.92 -30.10 7.10
C ALA B 230 9.64 -30.52 5.84
N LEU B 231 9.47 -29.74 4.77
CA LEU B 231 10.04 -30.12 3.47
C LEU B 231 11.32 -29.33 3.17
N ASN B 232 11.81 -28.59 4.17
CA ASN B 232 12.94 -27.68 3.98
C ASN B 232 12.75 -26.82 2.71
N GLY B 233 11.53 -26.31 2.47
CA GLY B 233 11.29 -25.34 1.41
C GLY B 233 11.90 -23.99 1.79
N THR B 234 11.88 -23.03 0.87
CA THR B 234 12.49 -21.73 1.13
C THR B 234 11.43 -20.68 1.43
N ASN B 235 11.81 -19.59 2.10
CA ASN B 235 10.86 -18.50 2.28
C ASN B 235 10.87 -17.53 1.15
N GLN B 236 11.79 -17.72 0.21
CA GLN B 236 11.93 -16.80 -0.94
C GLN B 236 10.66 -16.60 -1.78
N SER B 237 9.82 -17.62 -1.92
CA SER B 237 8.53 -17.46 -2.63
C SER B 237 7.65 -16.29 -2.09
N PHE B 238 7.85 -15.96 -0.83
CA PHE B 238 6.97 -15.03 -0.14
C PHE B 238 7.53 -13.60 -0.06
N HIS B 239 8.64 -13.38 -0.75
CA HIS B 239 9.27 -12.06 -0.85
C HIS B 239 8.34 -10.96 -1.39
N PRO B 240 8.23 -9.81 -0.66
CA PRO B 240 7.31 -8.75 -1.06
C PRO B 240 7.50 -8.23 -2.49
N PHE B 241 8.73 -8.28 -3.01
CA PHE B 241 8.99 -7.75 -4.35
C PHE B 241 8.20 -8.53 -5.40
N ILE B 242 8.14 -9.85 -5.27
CA ILE B 242 7.39 -10.69 -6.18
C ILE B 242 5.92 -10.30 -6.18
N HIS B 243 5.30 -10.38 -5.01
CA HIS B 243 3.86 -10.08 -4.84
C HIS B 243 3.43 -8.62 -4.98
N ASN B 244 4.32 -7.66 -4.68
CA ASN B 244 4.06 -6.24 -5.01
C ASN B 244 4.00 -5.98 -6.52
N SER B 245 4.67 -6.81 -7.32
CA SER B 245 4.54 -6.70 -8.78
C SER B 245 3.35 -7.49 -9.39
N LYS B 246 2.67 -8.31 -8.58
CA LYS B 246 1.38 -8.91 -8.94
C LYS B 246 0.36 -8.61 -7.83
N PRO B 247 0.01 -7.31 -7.63
CA PRO B 247 -0.61 -6.94 -6.36
C PRO B 247 -2.12 -7.24 -6.22
N HIS B 248 -2.48 -8.52 -6.29
CA HIS B 248 -3.83 -8.91 -5.91
C HIS B 248 -3.89 -8.84 -4.39
N PRO B 249 -4.97 -8.26 -3.83
CA PRO B 249 -5.10 -8.17 -2.36
C PRO B 249 -4.94 -9.51 -1.68
N GLY B 250 -5.68 -10.52 -2.14
CA GLY B 250 -5.56 -11.85 -1.55
C GLY B 250 -4.17 -12.45 -1.58
N GLN B 251 -3.47 -12.31 -2.71
CA GLN B 251 -2.14 -12.87 -2.84
C GLN B 251 -1.11 -12.10 -2.02
N LEU B 252 -1.24 -10.77 -1.97
CA LEU B 252 -0.41 -9.98 -1.06
C LEU B 252 -0.59 -10.46 0.38
N TRP B 253 -1.85 -10.58 0.81
CA TRP B 253 -2.18 -11.04 2.17
C TRP B 253 -1.64 -12.45 2.43
N ALA B 254 -1.89 -13.39 1.52
CA ALA B 254 -1.30 -14.74 1.64
C ALA B 254 0.23 -14.74 1.77
N ALA B 255 0.91 -13.98 0.90
CA ALA B 255 2.37 -13.87 0.95
C ALA B 255 2.84 -13.30 2.27
N ASP B 256 2.17 -12.24 2.72
CA ASP B 256 2.61 -11.52 3.92
C ASP B 256 2.40 -12.33 5.21
N GLN B 257 1.29 -13.07 5.26
CA GLN B 257 0.99 -13.98 6.37
C GLN B 257 1.92 -15.19 6.45
N MSE B 258 2.40 -15.63 5.29
CA MSE B 258 3.40 -16.70 5.23
C MSE B 258 4.76 -16.18 5.74
O MSE B 258 5.46 -16.89 6.46
CB MSE B 258 3.53 -17.23 3.81
CG MSE B 258 4.10 -18.63 3.71
SE MSE B 258 3.28 -19.90 4.97
CE MSE B 258 1.45 -19.82 4.34
N ILE B 259 5.13 -14.93 5.37
CA ILE B 259 6.36 -14.35 5.93
C ILE B 259 6.28 -14.33 7.48
N SER B 260 5.14 -13.92 8.03
CA SER B 260 4.88 -13.97 9.48
C SER B 260 4.83 -15.37 10.10
N LEU B 261 4.10 -16.29 9.46
CA LEU B 261 4.07 -17.65 9.93
C LEU B 261 5.44 -18.31 9.96
N LEU B 262 6.28 -18.04 8.96
CA LEU B 262 7.60 -18.67 8.90
C LEU B 262 8.75 -17.92 9.58
N ALA B 263 8.46 -16.72 10.12
CA ALA B 263 9.52 -15.86 10.68
C ALA B 263 10.26 -16.53 11.85
N ASN B 264 11.58 -16.63 11.74
CA ASN B 264 12.43 -17.17 12.81
C ASN B 264 12.29 -18.69 12.94
N SER B 265 11.82 -19.36 11.87
CA SER B 265 11.98 -20.82 11.77
C SER B 265 13.40 -21.26 11.43
N GLN B 266 13.81 -22.41 11.99
CA GLN B 266 15.12 -23.03 11.73
C GLN B 266 14.98 -24.20 10.77
N LEU B 267 13.78 -24.44 10.26
CA LEU B 267 13.59 -25.53 9.31
C LEU B 267 13.38 -25.05 7.88
N VAL B 268 13.34 -23.74 7.68
CA VAL B 268 13.26 -23.17 6.34
C VAL B 268 14.66 -22.86 5.84
N ARG B 269 14.80 -22.71 4.53
CA ARG B 269 16.01 -22.15 3.95
C ARG B 269 15.68 -20.68 3.86
N ASP B 270 16.44 -19.88 4.59
CA ASP B 270 16.16 -18.44 4.75
C ASP B 270 16.94 -17.71 3.66
N GLU B 271 16.23 -17.31 2.60
CA GLU B 271 16.87 -16.83 1.37
C GLU B 271 16.22 -15.55 0.87
N LEU B 272 15.76 -14.71 1.80
CA LEU B 272 15.11 -13.46 1.42
C LEU B 272 16.12 -12.44 0.86
N ASP B 273 17.39 -12.85 0.77
CA ASP B 273 18.44 -12.04 0.19
C ASP B 273 18.59 -12.29 -1.33
N GLY B 274 17.83 -13.25 -1.85
CA GLY B 274 17.89 -13.59 -3.29
C GLY B 274 18.79 -14.78 -3.59
N LYS B 275 19.25 -15.45 -2.53
CA LYS B 275 20.18 -16.55 -2.67
C LYS B 275 19.44 -17.80 -3.11
N HIS B 276 19.97 -18.47 -4.13
CA HIS B 276 19.41 -19.74 -4.61
C HIS B 276 20.43 -20.66 -5.31
N ASP B 277 21.26 -21.31 -4.49
CA ASP B 277 22.20 -22.35 -4.93
C ASP B 277 21.52 -23.56 -5.53
N TYR B 278 22.29 -24.35 -6.30
CA TYR B 278 21.87 -25.69 -6.74
C TYR B 278 21.72 -26.64 -5.56
N ARG B 279 20.62 -27.40 -5.56
CA ARG B 279 20.36 -28.46 -4.59
C ARG B 279 20.94 -29.73 -5.21
N ASP B 280 21.06 -30.81 -4.44
CA ASP B 280 21.75 -32.02 -4.97
C ASP B 280 21.23 -33.43 -4.55
N HIS B 281 20.91 -34.23 -5.57
CA HIS B 281 20.77 -33.70 -6.92
C HIS B 281 19.27 -33.53 -7.10
N GLU B 282 18.84 -32.29 -6.87
CA GLU B 282 17.44 -31.94 -6.68
C GLU B 282 17.14 -30.56 -7.31
N LEU B 283 15.87 -30.18 -7.34
CA LEU B 283 15.44 -29.01 -8.09
C LEU B 283 15.75 -27.68 -7.41
N ILE B 284 16.23 -26.73 -8.21
CA ILE B 284 16.69 -25.43 -7.72
C ILE B 284 15.54 -24.67 -7.07
N GLN B 285 14.31 -24.96 -7.51
CA GLN B 285 13.10 -24.37 -6.90
C GLN B 285 12.20 -25.40 -6.19
N ASP B 286 11.43 -24.92 -5.22
CA ASP B 286 10.37 -25.67 -4.62
C ASP B 286 9.33 -25.93 -5.70
N ARG B 287 8.59 -27.02 -5.57
CA ARG B 287 7.49 -27.31 -6.47
C ARG B 287 6.36 -26.28 -6.31
N TYR B 288 5.46 -26.24 -7.30
CA TYR B 288 4.35 -25.27 -7.31
C TYR B 288 3.53 -25.24 -6.04
N SER B 289 3.12 -26.39 -5.50
CA SER B 289 2.35 -26.37 -4.21
C SER B 289 2.89 -25.38 -3.16
N LEU B 290 4.21 -25.16 -3.13
CA LEU B 290 4.86 -24.27 -2.14
C LEU B 290 5.07 -22.91 -2.75
N ARG B 291 5.70 -22.88 -3.92
CA ARG B 291 6.14 -21.65 -4.56
C ARG B 291 5.01 -20.81 -5.14
N CYS B 292 3.91 -21.42 -5.56
CA CYS B 292 2.76 -20.63 -6.08
C CYS B 292 1.62 -20.56 -5.10
N LEU B 293 1.94 -20.84 -3.84
CA LEU B 293 0.95 -20.80 -2.77
C LEU B 293 0.20 -19.47 -2.66
N PRO B 294 0.93 -18.32 -2.57
CA PRO B 294 0.18 -17.06 -2.44
C PRO B 294 -0.68 -16.72 -3.67
N GLN B 295 -0.19 -17.02 -4.87
CA GLN B 295 -1.00 -16.90 -6.07
C GLN B 295 -2.18 -17.85 -6.11
N TYR B 296 -2.07 -19.02 -5.53
CA TYR B 296 -3.17 -19.97 -5.65
C TYR B 296 -4.23 -19.61 -4.60
N LEU B 297 -3.77 -19.18 -3.44
CA LEU B 297 -4.68 -18.90 -2.35
C LEU B 297 -5.34 -17.53 -2.50
N GLY B 298 -4.79 -16.66 -3.35
CA GLY B 298 -5.29 -15.27 -3.48
C GLY B 298 -6.79 -15.17 -3.80
N PRO B 299 -7.24 -15.73 -4.94
CA PRO B 299 -8.69 -15.71 -5.32
C PRO B 299 -9.59 -16.32 -4.26
N ILE B 300 -9.10 -17.37 -3.59
CA ILE B 300 -9.85 -18.03 -2.51
C ILE B 300 -10.02 -17.11 -1.28
N VAL B 301 -8.91 -16.64 -0.75
CA VAL B 301 -8.96 -15.63 0.31
C VAL B 301 -9.89 -14.49 -0.07
N ASP B 302 -9.67 -13.94 -1.25
CA ASP B 302 -10.43 -12.80 -1.75
C ASP B 302 -11.92 -13.08 -1.95
N GLY B 303 -12.22 -14.30 -2.40
CA GLY B 303 -13.58 -14.73 -2.62
C GLY B 303 -14.30 -14.95 -1.30
N ILE B 304 -13.62 -15.59 -0.34
CA ILE B 304 -14.22 -15.75 0.97
C ILE B 304 -14.55 -14.37 1.60
N SER B 305 -13.63 -13.41 1.49
CA SER B 305 -13.91 -12.03 1.90
C SER B 305 -15.13 -11.38 1.19
N GLN B 306 -15.25 -11.58 -0.15
CA GLN B 306 -16.37 -11.11 -0.96
C GLN B 306 -17.68 -11.65 -0.37
N ILE B 307 -17.78 -12.98 -0.28
CA ILE B 307 -18.93 -13.63 0.30
C ILE B 307 -19.27 -13.05 1.68
N ALA B 308 -18.30 -13.05 2.58
CA ALA B 308 -18.45 -12.49 3.93
C ALA B 308 -19.09 -11.10 3.95
N LYS B 309 -18.66 -10.25 3.03
CA LYS B 309 -19.21 -8.89 2.85
C LYS B 309 -20.68 -8.93 2.40
N GLN B 310 -21.01 -9.85 1.50
CA GLN B 310 -22.36 -9.97 0.94
C GLN B 310 -23.33 -10.53 1.98
N ILE B 311 -22.91 -11.59 2.66
CA ILE B 311 -23.63 -12.17 3.83
C ILE B 311 -23.85 -11.14 4.94
N GLU B 312 -22.82 -10.36 5.32
CA GLU B 312 -23.03 -9.22 6.26
C GLU B 312 -24.07 -8.16 5.76
N ILE B 313 -24.17 -7.92 4.46
CA ILE B 313 -25.28 -7.10 3.96
C ILE B 313 -26.63 -7.82 4.07
N GLU B 314 -26.67 -9.12 3.72
CA GLU B 314 -27.92 -9.92 3.78
C GLU B 314 -28.46 -10.12 5.19
N ILE B 315 -27.55 -10.36 6.14
CA ILE B 315 -27.85 -10.35 7.59
C ILE B 315 -28.61 -9.08 8.04
N ASN B 316 -28.27 -7.94 7.44
CA ASN B 316 -28.81 -6.65 7.93
C ASN B 316 -29.90 -6.08 7.05
N SER B 317 -30.44 -6.91 6.16
CA SER B 317 -31.36 -6.37 5.17
C SER B 317 -32.76 -6.63 5.64
N VAL B 318 -33.72 -5.84 5.14
CA VAL B 318 -35.13 -6.13 5.43
C VAL B 318 -35.58 -7.12 4.35
N THR B 319 -35.92 -8.34 4.75
CA THR B 319 -36.38 -9.35 3.81
C THR B 319 -37.81 -9.78 4.16
N ASP B 320 -38.77 -9.00 3.72
CA ASP B 320 -40.07 -9.55 3.46
C ASP B 320 -40.70 -8.72 2.41
N ASN B 321 -42.00 -8.95 2.25
CA ASN B 321 -42.82 -8.37 1.24
C ASN B 321 -44.26 -8.62 1.74
N PRO B 322 -45.14 -7.63 1.62
CA PRO B 322 -44.89 -6.22 1.24
C PRO B 322 -44.06 -5.41 2.27
N LEU B 323 -43.42 -4.34 1.79
CA LEU B 323 -42.63 -3.45 2.62
C LEU B 323 -43.45 -2.20 2.94
N ILE B 324 -43.54 -1.84 4.23
CA ILE B 324 -44.28 -0.63 4.66
C ILE B 324 -43.36 0.57 4.67
N ASP B 325 -43.69 1.58 3.89
CA ASP B 325 -42.98 2.87 3.93
C ASP B 325 -43.88 3.88 4.64
N VAL B 326 -43.66 4.04 5.95
CA VAL B 326 -44.55 4.90 6.76
C VAL B 326 -44.42 6.37 6.45
N ASP B 327 -43.24 6.79 6.00
CA ASP B 327 -43.04 8.19 5.61
C ASP B 327 -43.95 8.64 4.48
N ASN B 328 -44.21 7.75 3.51
CA ASN B 328 -45.15 8.08 2.45
C ASN B 328 -46.50 7.33 2.55
N GLN B 329 -46.71 6.68 3.69
CA GLN B 329 -47.89 5.86 3.95
C GLN B 329 -48.26 4.98 2.75
N ALA B 330 -47.28 4.17 2.34
CA ALA B 330 -47.43 3.24 1.23
C ALA B 330 -46.79 1.88 1.54
N SER B 331 -47.37 0.80 1.00
CA SER B 331 -46.64 -0.48 0.93
C SER B 331 -46.25 -0.83 -0.52
N TYR B 332 -45.04 -1.38 -0.68
CA TYR B 332 -44.54 -1.78 -1.98
C TYR B 332 -44.50 -3.31 -2.08
N HIS B 333 -44.95 -3.81 -3.21
CA HIS B 333 -44.82 -5.19 -3.55
C HIS B 333 -43.44 -5.31 -4.25
N GLY B 334 -42.59 -6.21 -3.73
CA GLY B 334 -41.22 -6.36 -4.20
C GLY B 334 -40.67 -7.75 -3.96
N GLY B 335 -39.36 -7.93 -4.12
CA GLY B 335 -38.74 -9.26 -4.04
C GLY B 335 -37.59 -9.53 -3.08
N ASN B 336 -37.46 -8.78 -1.99
CA ASN B 336 -36.32 -8.97 -1.07
C ASN B 336 -36.16 -10.36 -0.47
N PHE B 337 -37.19 -11.17 -0.56
CA PHE B 337 -37.18 -12.51 -0.01
C PHE B 337 -36.30 -13.45 -0.84
N LEU B 338 -35.87 -13.01 -2.02
CA LEU B 338 -35.00 -13.82 -2.87
C LEU B 338 -33.58 -13.73 -2.36
N GLY B 339 -33.09 -14.85 -1.81
CA GLY B 339 -31.73 -14.90 -1.25
C GLY B 339 -30.68 -15.25 -2.27
N GLN B 340 -30.64 -14.49 -3.35
CA GLN B 340 -29.76 -14.86 -4.46
C GLN B 340 -28.27 -14.84 -4.09
N TYR B 341 -27.82 -13.80 -3.34
CA TYR B 341 -26.47 -13.73 -2.80
C TYR B 341 -26.06 -14.93 -2.00
N VAL B 342 -27.02 -15.49 -1.26
CA VAL B 342 -26.78 -16.65 -0.41
C VAL B 342 -26.62 -17.93 -1.25
N GLY B 343 -27.47 -18.11 -2.25
CA GLY B 343 -27.39 -19.29 -3.12
C GLY B 343 -26.10 -19.33 -3.97
N MSE B 344 -25.77 -18.22 -4.64
CA MSE B 344 -24.55 -18.18 -5.45
C MSE B 344 -23.29 -18.06 -4.57
O MSE B 344 -22.28 -18.70 -4.84
CB MSE B 344 -24.59 -17.05 -6.48
CG MSE B 344 -25.77 -17.15 -7.50
SE MSE B 344 -26.02 -15.47 -8.49
CE MSE B 344 -24.26 -15.42 -9.31
N GLY B 345 -23.36 -17.25 -3.51
CA GLY B 345 -22.26 -17.18 -2.54
C GLY B 345 -21.89 -18.53 -1.94
N MSE B 346 -22.89 -19.33 -1.61
CA MSE B 346 -22.64 -20.63 -1.01
C MSE B 346 -22.08 -21.57 -2.06
O MSE B 346 -21.10 -22.29 -1.79
CB MSE B 346 -23.88 -21.19 -0.29
CG MSE B 346 -24.22 -20.41 1.00
SE MSE B 346 -22.71 -20.50 2.29
CE MSE B 346 -22.26 -18.57 2.40
N ASP B 347 -22.61 -21.50 -3.27
CA ASP B 347 -22.00 -22.15 -4.41
C ASP B 347 -20.50 -21.89 -4.48
N HIS B 348 -20.14 -20.60 -4.43
CA HIS B 348 -18.76 -20.16 -4.48
C HIS B 348 -17.99 -20.74 -3.28
N LEU B 349 -18.55 -20.58 -2.07
CA LEU B 349 -17.88 -21.10 -0.86
C LEU B 349 -17.49 -22.59 -0.89
N ARG B 350 -18.44 -23.44 -1.27
CA ARG B 350 -18.15 -24.86 -1.46
C ARG B 350 -17.05 -25.05 -2.49
N TYR B 351 -17.16 -24.39 -3.64
CA TYR B 351 -16.11 -24.43 -4.64
C TYR B 351 -14.74 -24.08 -4.04
N TYR B 352 -14.62 -22.96 -3.32
CA TYR B 352 -13.36 -22.59 -2.71
C TYR B 352 -12.82 -23.60 -1.73
N ILE B 353 -13.70 -24.16 -0.90
CA ILE B 353 -13.26 -25.18 0.06
C ILE B 353 -12.65 -26.38 -0.67
N GLY B 354 -13.27 -26.80 -1.76
CA GLY B 354 -12.74 -27.96 -2.53
C GLY B 354 -11.32 -27.67 -3.03
N LEU B 355 -11.06 -26.39 -3.25
CA LEU B 355 -9.82 -25.97 -3.90
C LEU B 355 -8.70 -25.90 -2.88
N LEU B 356 -9.05 -25.42 -1.69
CA LEU B 356 -8.18 -25.46 -0.50
C LEU B 356 -7.80 -26.89 -0.15
N ALA B 357 -8.77 -27.80 -0.23
CA ALA B 357 -8.54 -29.19 0.16
C ALA B 357 -7.58 -29.84 -0.82
N LYS B 358 -7.81 -29.64 -2.10
CA LYS B 358 -6.98 -30.26 -3.14
C LYS B 358 -5.50 -29.83 -3.03
N HIS B 359 -5.26 -28.55 -2.74
CA HIS B 359 -3.92 -28.03 -2.55
C HIS B 359 -3.27 -28.69 -1.33
N LEU B 360 -3.99 -28.75 -0.20
CA LEU B 360 -3.50 -29.45 1.00
C LEU B 360 -3.12 -30.91 0.76
N ASP B 361 -3.90 -31.60 -0.08
CA ASP B 361 -3.72 -33.05 -0.31
C ASP B 361 -2.48 -33.31 -1.16
N VAL B 362 -2.25 -32.41 -2.12
CA VAL B 362 -1.01 -32.39 -2.92
C VAL B 362 0.25 -32.19 -2.02
N GLN B 363 0.13 -31.41 -0.93
CA GLN B 363 1.27 -31.18 0.01
C GLN B 363 1.49 -32.45 0.82
N ILE B 364 0.41 -33.11 1.23
CA ILE B 364 0.53 -34.40 1.87
C ILE B 364 1.25 -35.37 0.94
N ALA B 365 0.86 -35.38 -0.33
CA ALA B 365 1.53 -36.26 -1.33
C ALA B 365 3.04 -36.09 -1.29
N LEU B 366 3.50 -34.83 -1.18
CA LEU B 366 4.94 -34.53 -1.12
C LEU B 366 5.56 -35.12 0.14
N LEU B 367 4.92 -34.87 1.29
CA LEU B 367 5.42 -35.35 2.58
C LEU B 367 5.54 -36.89 2.68
N ALA B 368 4.54 -37.61 2.18
CA ALA B 368 4.48 -39.09 2.27
C ALA B 368 5.40 -39.85 1.31
N SER B 369 5.82 -39.18 0.26
CA SER B 369 6.55 -39.80 -0.82
C SER B 369 8.00 -39.42 -0.69
N PRO B 370 8.90 -40.43 -0.52
CA PRO B 370 10.33 -40.08 -0.36
C PRO B 370 11.00 -39.62 -1.67
N GLU B 371 10.33 -39.77 -2.82
CA GLU B 371 10.79 -39.17 -4.07
C GLU B 371 10.75 -37.63 -3.99
N PHE B 372 9.77 -37.09 -3.27
CA PHE B 372 9.55 -35.65 -3.25
C PHE B 372 9.64 -35.00 -1.88
N SER B 373 9.78 -35.82 -0.82
CA SER B 373 9.77 -35.29 0.57
C SER B 373 11.06 -34.61 1.02
N ASN B 374 12.08 -34.64 0.16
CA ASN B 374 13.39 -34.10 0.49
C ASN B 374 14.00 -34.77 1.74
N GLY B 375 14.01 -36.11 1.73
CA GLY B 375 14.70 -36.91 2.75
C GLY B 375 13.87 -37.40 3.94
N LEU B 376 12.60 -36.99 4.07
CA LEU B 376 11.74 -37.59 5.12
C LEU B 376 11.47 -39.05 4.81
N PRO B 377 11.16 -39.86 5.85
CA PRO B 377 10.91 -41.30 5.70
C PRO B 377 9.59 -41.57 4.96
N PRO B 378 9.44 -42.77 4.33
CA PRO B 378 8.21 -43.06 3.59
C PRO B 378 6.98 -43.07 4.50
N SER B 379 5.90 -42.45 4.02
CA SER B 379 4.64 -42.23 4.79
C SER B 379 4.85 -41.61 6.17
N LEU B 380 5.95 -40.89 6.35
CA LEU B 380 6.22 -40.21 7.60
C LEU B 380 6.25 -41.21 8.75
N LEU B 381 6.92 -42.32 8.50
CA LEU B 381 7.05 -43.38 9.47
C LEU B 381 8.00 -43.01 10.62
N GLY B 382 7.64 -43.42 11.84
CA GLY B 382 8.45 -43.16 13.03
C GLY B 382 9.47 -44.24 13.29
N ASN B 383 9.03 -45.32 13.92
CA ASN B 383 9.94 -46.40 14.28
C ASN B 383 10.34 -47.27 13.12
N ARG B 384 11.50 -46.92 12.56
CA ARG B 384 12.08 -47.53 11.38
C ARG B 384 12.63 -48.91 11.71
N GLU B 385 13.02 -49.11 12.97
CA GLU B 385 13.54 -50.38 13.46
C GLU B 385 12.50 -51.50 13.40
N ARG B 386 11.22 -51.13 13.56
CA ARG B 386 10.13 -52.11 13.37
C ARG B 386 9.72 -52.13 11.91
N LYS B 387 10.12 -53.18 11.20
CA LYS B 387 9.92 -53.26 9.76
C LYS B 387 8.46 -53.30 9.29
N VAL B 388 7.55 -53.76 10.16
CA VAL B 388 6.12 -53.88 9.78
C VAL B 388 5.35 -52.55 9.77
N ASN B 389 5.93 -51.50 10.38
CA ASN B 389 5.36 -50.14 10.36
C ASN B 389 5.18 -49.58 8.95
N MSE B 390 4.07 -48.88 8.73
CA MSE B 390 3.79 -48.22 7.46
C MSE B 390 3.41 -46.78 7.71
O MSE B 390 2.89 -46.10 6.83
CB MSE B 390 2.74 -48.98 6.65
CG MSE B 390 3.05 -50.48 6.44
SE MSE B 390 4.30 -50.78 4.97
CE MSE B 390 5.28 -52.40 5.61
N GLY B 391 3.66 -46.30 8.93
CA GLY B 391 3.37 -44.92 9.34
C GLY B 391 1.97 -44.43 9.02
N LEU B 392 1.88 -43.32 8.26
CA LEU B 392 0.60 -42.60 8.02
C LEU B 392 -0.04 -42.94 6.68
N LYS B 393 0.22 -44.18 6.21
CA LYS B 393 -0.27 -44.66 4.92
C LYS B 393 -1.81 -44.75 4.84
N GLY B 394 -2.45 -45.24 5.90
CA GLY B 394 -3.89 -45.30 5.95
C GLY B 394 -4.44 -43.91 6.14
N LEU B 395 -3.73 -43.09 6.90
CA LEU B 395 -4.17 -41.72 7.08
C LEU B 395 -4.19 -40.91 5.76
N GLN B 396 -3.20 -41.08 4.87
CA GLN B 396 -3.23 -40.47 3.53
C GLN B 396 -4.37 -41.00 2.68
N ILE B 397 -4.59 -42.33 2.65
CA ILE B 397 -5.72 -42.90 1.92
C ILE B 397 -7.05 -42.26 2.36
N CYS B 398 -7.22 -42.04 3.65
CA CYS B 398 -8.43 -41.47 4.17
C CYS B 398 -8.61 -40.03 3.68
N GLY B 399 -7.51 -39.25 3.73
CA GLY B 399 -7.45 -37.88 3.19
C GLY B 399 -7.76 -37.91 1.68
N ASN B 400 -7.34 -38.99 0.99
CA ASN B 400 -7.50 -39.07 -0.45
C ASN B 400 -8.94 -39.40 -0.75
N SER B 401 -9.69 -39.80 0.26
CA SER B 401 -11.09 -40.21 0.04
C SER B 401 -12.06 -39.09 0.40
N ILE B 402 -11.56 -38.08 1.11
CA ILE B 402 -12.37 -36.95 1.52
C ILE B 402 -12.18 -35.77 0.59
N MSE B 403 -10.95 -35.56 0.11
CA MSE B 403 -10.66 -34.43 -0.78
C MSE B 403 -11.48 -34.43 -2.08
O MSE B 403 -12.02 -33.42 -2.40
CB MSE B 403 -9.16 -34.25 -1.06
CG MSE B 403 -8.84 -33.03 -1.94
SE MSE B 403 -9.00 -33.42 -3.87
CE MSE B 403 -7.20 -34.16 -4.12
N PRO B 404 -11.53 -35.56 -2.82
CA PRO B 404 -12.42 -35.60 -4.01
C PRO B 404 -13.89 -35.32 -3.73
N LEU B 405 -14.38 -35.78 -2.57
CA LEU B 405 -15.72 -35.48 -2.17
C LEU B 405 -15.88 -33.97 -1.85
N LEU B 406 -14.86 -33.30 -1.30
CA LEU B 406 -15.01 -31.83 -1.13
C LEU B 406 -15.16 -31.11 -2.47
N THR B 407 -14.35 -31.48 -3.47
CA THR B 407 -14.46 -30.88 -4.83
C THR B 407 -15.81 -31.22 -5.53
N PHE B 408 -16.32 -32.43 -5.31
CA PHE B 408 -17.67 -32.81 -5.74
C PHE B 408 -18.75 -31.87 -5.18
N TYR B 409 -18.70 -31.61 -3.88
CA TYR B 409 -19.63 -30.63 -3.27
C TYR B 409 -19.41 -29.22 -3.80
N GLY B 410 -18.29 -29.02 -4.50
CA GLY B 410 -17.88 -27.70 -4.97
C GLY B 410 -18.66 -27.35 -6.22
N ASN B 411 -19.35 -28.35 -6.78
CA ASN B 411 -20.37 -28.14 -7.83
C ASN B 411 -21.43 -27.11 -7.36
N SER B 412 -22.15 -26.49 -8.29
CA SER B 412 -23.17 -25.49 -7.95
C SER B 412 -24.61 -26.01 -7.98
N ILE B 413 -25.52 -25.28 -7.33
CA ILE B 413 -26.95 -25.65 -7.33
C ILE B 413 -27.85 -24.48 -7.71
N ALA B 414 -27.33 -23.25 -7.61
CA ALA B 414 -28.10 -22.05 -7.94
C ALA B 414 -28.59 -22.05 -9.39
N ASP B 415 -27.72 -22.51 -10.28
CA ASP B 415 -28.04 -22.65 -11.69
C ASP B 415 -29.07 -23.78 -11.97
N ARG B 416 -29.36 -24.63 -10.99
CA ARG B 416 -30.32 -25.75 -11.19
C ARG B 416 -31.76 -25.49 -10.70
N PHE B 417 -32.12 -24.22 -10.58
CA PHE B 417 -33.45 -23.88 -10.12
C PHE B 417 -34.58 -24.42 -11.02
N PRO B 418 -35.70 -24.86 -10.41
CA PRO B 418 -36.90 -25.28 -11.18
C PRO B 418 -37.70 -24.06 -11.63
N THR B 419 -37.99 -23.99 -12.91
CA THR B 419 -38.68 -22.79 -13.44
C THR B 419 -40.21 -22.87 -13.31
N HIS B 420 -40.69 -24.05 -12.97
CA HIS B 420 -42.14 -24.34 -12.82
C HIS B 420 -42.56 -24.32 -11.36
N ALA B 421 -41.66 -23.83 -10.50
CA ALA B 421 -41.89 -23.82 -9.06
C ALA B 421 -43.17 -23.05 -8.63
N GLU B 422 -43.90 -23.59 -7.65
CA GLU B 422 -45.08 -22.95 -7.07
C GLU B 422 -46.04 -22.34 -8.10
N GLN B 423 -46.76 -23.21 -8.83
CA GLN B 423 -47.74 -22.78 -9.83
C GLN B 423 -47.14 -21.86 -10.89
N PHE B 424 -45.85 -21.98 -11.15
CA PHE B 424 -45.20 -21.17 -12.18
C PHE B 424 -45.09 -19.67 -11.77
N ASN B 425 -45.35 -19.36 -10.51
CA ASN B 425 -45.22 -18.00 -9.98
C ASN B 425 -43.74 -17.71 -9.68
N GLN B 426 -43.11 -18.69 -9.05
CA GLN B 426 -41.72 -18.63 -8.63
C GLN B 426 -40.81 -19.17 -9.73
N ASN B 427 -40.93 -18.56 -10.91
CA ASN B 427 -40.16 -19.00 -12.09
C ASN B 427 -38.66 -18.67 -12.03
N ILE B 428 -38.25 -17.66 -11.26
CA ILE B 428 -36.87 -17.66 -10.76
C ILE B 428 -36.88 -17.94 -9.25
N ASN B 429 -35.86 -18.64 -8.77
CA ASN B 429 -35.63 -18.81 -7.33
C ASN B 429 -34.15 -19.07 -7.11
N SER B 430 -33.71 -19.19 -5.85
CA SER B 430 -32.26 -19.12 -5.56
C SER B 430 -31.61 -20.43 -5.17
N GLN B 431 -32.43 -21.40 -4.78
CA GLN B 431 -31.95 -22.65 -4.22
C GLN B 431 -31.00 -22.41 -3.07
N GLY B 432 -31.10 -21.23 -2.46
CA GLY B 432 -30.14 -20.79 -1.49
C GLY B 432 -30.16 -21.54 -0.18
N TYR B 433 -31.29 -22.19 0.14
CA TYR B 433 -31.44 -22.89 1.40
C TYR B 433 -30.73 -24.23 1.35
N THR B 434 -30.95 -25.00 0.27
CA THR B 434 -30.18 -26.22 0.05
C THR B 434 -28.72 -25.88 -0.27
N SER B 435 -28.48 -24.74 -0.89
CA SER B 435 -27.09 -24.34 -1.15
C SER B 435 -26.30 -24.18 0.18
N ALA B 436 -26.93 -23.57 1.17
CA ALA B 436 -26.24 -23.30 2.45
C ALA B 436 -26.19 -24.57 3.28
N THR B 437 -27.30 -25.28 3.28
CA THR B 437 -27.34 -26.68 3.74
C THR B 437 -26.15 -27.47 3.17
N LEU B 438 -25.89 -27.33 1.88
CA LEU B 438 -24.81 -28.06 1.23
C LEU B 438 -23.45 -27.56 1.69
N ALA B 439 -23.33 -26.24 1.89
CA ALA B 439 -22.14 -25.63 2.47
C ALA B 439 -21.84 -26.12 3.91
N ARG B 440 -22.86 -26.27 4.75
CA ARG B 440 -22.64 -26.87 6.05
C ARG B 440 -22.01 -28.27 5.92
N ARG B 441 -22.45 -29.07 4.96
CA ARG B 441 -21.88 -30.40 4.80
C ARG B 441 -20.40 -30.25 4.37
N SER B 442 -20.11 -29.34 3.43
CA SER B 442 -18.73 -29.05 3.00
CA SER B 442 -18.72 -29.11 3.01
C SER B 442 -17.83 -28.63 4.16
N VAL B 443 -18.28 -27.63 4.93
CA VAL B 443 -17.54 -27.19 6.09
C VAL B 443 -17.27 -28.34 7.09
N ASP B 444 -18.33 -29.05 7.48
CA ASP B 444 -18.17 -30.21 8.41
C ASP B 444 -17.15 -31.26 7.94
N ILE B 445 -17.13 -31.51 6.65
CA ILE B 445 -16.22 -32.50 6.10
C ILE B 445 -14.80 -31.96 6.06
N PHE B 446 -14.71 -30.66 5.79
CA PHE B 446 -13.45 -29.93 5.73
C PHE B 446 -12.77 -29.92 7.09
N GLN B 447 -13.56 -29.84 8.17
CA GLN B 447 -12.99 -29.82 9.51
C GLN B 447 -12.27 -31.13 9.79
N ASN B 448 -12.87 -32.26 9.37
CA ASN B 448 -12.22 -33.59 9.35
C ASN B 448 -10.98 -33.68 8.49
N TYR B 449 -11.07 -33.17 7.25
CA TYR B 449 -9.92 -33.17 6.34
C TYR B 449 -8.73 -32.38 6.93
N VAL B 450 -9.00 -31.19 7.43
CA VAL B 450 -7.96 -30.35 7.99
C VAL B 450 -7.26 -30.96 9.20
N ALA B 451 -8.02 -31.68 10.04
CA ALA B 451 -7.45 -32.41 11.12
C ALA B 451 -6.44 -33.37 10.58
N ILE B 452 -6.71 -34.00 9.43
CA ILE B 452 -5.80 -34.98 8.85
C ILE B 452 -4.57 -34.27 8.39
N ALA B 453 -4.78 -33.21 7.63
CA ALA B 453 -3.71 -32.28 7.24
C ALA B 453 -2.81 -31.82 8.39
N LEU B 454 -3.41 -31.52 9.55
CA LEU B 454 -2.65 -30.99 10.69
C LEU B 454 -1.77 -32.07 11.26
N MSE B 455 -2.29 -33.29 11.28
CA MSE B 455 -1.56 -34.44 11.76
C MSE B 455 -0.33 -34.78 10.94
O MSE B 455 0.69 -35.17 11.49
CB MSE B 455 -2.49 -35.64 11.85
CG MSE B 455 -3.56 -35.51 12.94
SE MSE B 455 -4.99 -36.80 12.60
CE MSE B 455 -4.02 -38.43 12.89
N PHE B 456 -0.45 -34.68 9.61
CA PHE B 456 0.67 -34.85 8.67
C PHE B 456 1.75 -33.81 8.90
N GLY B 457 1.33 -32.56 9.15
CA GLY B 457 2.24 -31.44 9.42
C GLY B 457 3.03 -31.54 10.72
N VAL B 458 2.34 -31.84 11.82
CA VAL B 458 2.97 -32.05 13.12
C VAL B 458 4.00 -33.19 13.09
N GLN B 459 3.62 -34.34 12.54
CA GLN B 459 4.51 -35.50 12.43
C GLN B 459 5.75 -35.15 11.64
N ALA B 460 5.54 -34.54 10.47
CA ALA B 460 6.60 -34.23 9.51
C ALA B 460 7.64 -33.23 10.05
N VAL B 461 7.20 -32.20 10.76
CA VAL B 461 8.20 -31.31 11.38
C VAL B 461 8.98 -32.04 12.51
N ASP B 462 8.35 -33.01 13.19
CA ASP B 462 9.09 -33.82 14.19
C ASP B 462 10.21 -34.57 13.52
N LEU B 463 9.93 -35.14 12.35
CA LEU B 463 10.91 -35.95 11.61
C LEU B 463 12.01 -35.12 10.92
N ARG B 464 11.64 -33.91 10.54
CA ARG B 464 12.57 -32.96 9.94
C ARG B 464 13.51 -32.46 11.02
N THR B 465 12.94 -32.03 12.13
CA THR B 465 13.75 -31.64 13.30
C THR B 465 14.70 -32.78 13.67
N TYR B 466 14.27 -34.04 13.52
CA TYR B 466 15.13 -35.18 13.79
C TYR B 466 16.26 -35.26 12.80
N LYS B 467 15.95 -34.89 11.56
CA LYS B 467 16.87 -34.82 10.46
C LYS B 467 17.92 -33.81 10.81
N LYS B 468 17.47 -32.63 11.24
CA LYS B 468 18.34 -31.50 11.51
C LYS B 468 19.18 -31.70 12.76
N THR B 469 18.54 -32.09 13.86
CA THR B 469 19.14 -32.02 15.20
C THR B 469 19.35 -33.35 15.90
N GLY B 470 18.78 -34.43 15.37
CA GLY B 470 18.88 -35.74 16.01
C GLY B 470 17.90 -35.99 17.16
N HIS B 471 16.91 -35.10 17.32
CA HIS B 471 15.80 -35.33 18.27
C HIS B 471 14.45 -34.95 17.64
N TYR B 472 13.36 -35.18 18.38
CA TYR B 472 12.02 -35.10 17.81
C TYR B 472 11.17 -33.94 18.31
N ASP B 473 11.75 -33.12 19.17
CA ASP B 473 11.06 -31.91 19.71
C ASP B 473 11.13 -30.75 18.74
N ALA B 474 10.06 -30.51 17.98
CA ALA B 474 10.10 -29.42 16.98
C ALA B 474 9.95 -28.04 17.58
N ARG B 475 9.67 -27.96 18.88
CA ARG B 475 9.25 -26.69 19.49
C ARG B 475 10.29 -25.57 19.29
N ALA B 476 11.52 -25.78 19.74
CA ALA B 476 12.65 -24.85 19.47
C ALA B 476 12.94 -24.51 17.99
N SER B 477 12.78 -25.48 17.08
CA SER B 477 13.12 -25.32 15.66
C SER B 477 12.06 -24.64 14.79
N LEU B 478 10.80 -24.74 15.18
CA LEU B 478 9.71 -24.07 14.49
C LEU B 478 9.72 -22.59 14.77
N SER B 479 9.19 -21.82 13.83
CA SER B 479 8.95 -20.41 14.09
C SER B 479 7.98 -20.36 15.25
N PRO B 480 8.15 -19.37 16.16
CA PRO B 480 7.15 -19.09 17.16
C PRO B 480 5.70 -19.27 16.67
N ALA B 481 5.35 -18.74 15.49
CA ALA B 481 3.93 -18.71 15.10
C ALA B 481 3.35 -20.13 14.83
N THR B 482 4.13 -21.02 14.24
CA THR B 482 3.62 -22.37 14.08
C THR B 482 3.92 -23.28 15.26
N GLU B 483 4.75 -22.81 16.21
CA GLU B 483 4.97 -23.58 17.41
C GLU B 483 3.64 -23.63 18.17
N ARG B 484 2.99 -22.48 18.31
CA ARG B 484 1.69 -22.37 19.00
C ARG B 484 0.70 -23.44 18.47
N LEU B 485 0.52 -23.48 17.16
CA LEU B 485 -0.39 -24.44 16.52
C LEU B 485 0.04 -25.88 16.74
N TYR B 486 1.33 -26.15 16.53
CA TYR B 486 1.92 -27.46 16.78
C TYR B 486 1.59 -27.95 18.20
N SER B 487 1.87 -27.14 19.18
CA SER B 487 1.63 -27.53 20.57
C SER B 487 0.16 -27.69 20.88
N ALA B 488 -0.69 -26.86 20.25
CA ALA B 488 -2.12 -26.92 20.45
C ALA B 488 -2.71 -28.24 19.94
N VAL B 489 -2.15 -28.79 18.86
CA VAL B 489 -2.62 -30.06 18.28
C VAL B 489 -2.18 -31.27 19.13
N ARG B 490 -0.97 -31.17 19.68
CA ARG B 490 -0.39 -32.23 20.49
C ARG B 490 -1.09 -32.29 21.83
N HIS B 491 -1.46 -31.11 22.31
CA HIS B 491 -2.26 -31.03 23.49
C HIS B 491 -3.63 -31.70 23.29
N VAL B 492 -4.31 -31.38 22.20
CA VAL B 492 -5.64 -31.90 21.89
C VAL B 492 -5.66 -33.44 21.73
N VAL B 493 -4.63 -34.01 21.12
CA VAL B 493 -4.59 -35.47 20.96
C VAL B 493 -3.97 -36.19 22.16
N GLY B 494 -3.34 -35.42 23.04
CA GLY B 494 -2.79 -35.98 24.29
C GLY B 494 -1.49 -36.73 24.17
N GLN B 495 -0.70 -36.42 23.15
CA GLN B 495 0.65 -37.00 22.95
C GLN B 495 1.66 -35.86 22.89
N LYS B 496 2.49 -35.76 23.94
CA LYS B 496 3.39 -34.64 24.21
C LYS B 496 4.65 -34.58 23.33
N PRO B 497 5.12 -33.36 23.02
CA PRO B 497 6.40 -33.24 22.33
C PRO B 497 7.54 -33.68 23.26
N THR B 498 8.39 -34.57 22.74
CA THR B 498 9.54 -35.08 23.48
C THR B 498 10.71 -35.23 22.52
N SER B 499 11.92 -34.92 22.98
CA SER B 499 13.13 -35.16 22.18
C SER B 499 13.31 -36.62 21.76
N ASP B 500 12.96 -37.56 22.64
CA ASP B 500 13.05 -39.00 22.34
C ASP B 500 12.12 -39.56 21.25
N ARG B 501 10.92 -38.99 21.11
CA ARG B 501 9.88 -39.60 20.26
C ARG B 501 9.15 -38.56 19.42
N PRO B 502 8.77 -38.92 18.19
CA PRO B 502 7.91 -38.03 17.42
C PRO B 502 6.45 -38.24 17.81
N TYR B 503 5.56 -37.50 17.16
CA TYR B 503 4.14 -37.63 17.38
C TYR B 503 3.69 -39.10 17.18
N ILE B 504 4.02 -39.71 16.04
CA ILE B 504 3.65 -41.14 15.75
C ILE B 504 4.92 -42.01 15.68
N TRP B 505 5.08 -42.86 16.68
CA TRP B 505 6.23 -43.74 16.76
C TRP B 505 5.96 -45.10 16.09
N ASN B 506 5.10 -45.92 16.71
CA ASN B 506 4.69 -47.22 16.15
C ASN B 506 3.21 -47.18 15.78
N ASP B 507 2.80 -47.99 14.80
CA ASP B 507 1.44 -47.99 14.29
C ASP B 507 0.41 -48.38 15.36
N ASN B 508 0.73 -49.43 16.12
CA ASN B 508 -0.16 -49.96 17.17
C ASN B 508 -0.28 -49.18 18.49
N GLU B 509 0.29 -47.98 18.54
CA GLU B 509 0.26 -47.22 19.77
C GLU B 509 -0.89 -46.23 19.91
N GLN B 510 -1.62 -46.00 18.81
CA GLN B 510 -2.79 -45.12 18.85
C GLN B 510 -3.76 -45.51 17.75
N GLY B 511 -5.03 -45.17 17.94
CA GLY B 511 -5.97 -45.17 16.82
C GLY B 511 -5.95 -43.78 16.22
N LEU B 512 -5.51 -43.67 14.97
CA LEU B 512 -5.49 -42.37 14.31
C LEU B 512 -6.88 -41.78 14.19
N ASP B 513 -7.87 -42.63 13.93
CA ASP B 513 -9.26 -42.18 13.97
C ASP B 513 -9.66 -41.31 15.19
N GLU B 514 -9.18 -41.66 16.40
CA GLU B 514 -9.49 -40.84 17.61
C GLU B 514 -8.85 -39.46 17.56
N HIS B 515 -7.64 -39.39 17.02
CA HIS B 515 -6.89 -38.14 16.86
C HIS B 515 -7.60 -37.22 15.87
N ILE B 516 -8.03 -37.78 14.74
CA ILE B 516 -8.88 -37.05 13.78
C ILE B 516 -10.12 -36.54 14.51
N ALA B 517 -10.82 -37.42 15.22
CA ALA B 517 -12.06 -36.98 15.88
C ALA B 517 -11.80 -35.85 16.90
N ARG B 518 -10.70 -35.94 17.64
CA ARG B 518 -10.39 -34.98 18.70
C ARG B 518 -9.98 -33.59 18.16
N ILE B 519 -9.17 -33.56 17.11
CA ILE B 519 -8.80 -32.31 16.45
C ILE B 519 -10.02 -31.67 15.81
N SER B 520 -10.80 -32.48 15.08
CA SER B 520 -12.04 -32.00 14.44
C SER B 520 -12.97 -31.31 15.43
N ALA B 521 -13.22 -31.97 16.58
CA ALA B 521 -14.06 -31.44 17.65
C ALA B 521 -13.52 -30.13 18.21
N ASP B 522 -12.21 -30.01 18.34
CA ASP B 522 -11.57 -28.81 18.88
C ASP B 522 -11.72 -27.65 17.93
N ILE B 523 -11.45 -27.85 16.65
CA ILE B 523 -11.75 -26.80 15.67
C ILE B 523 -13.25 -26.38 15.75
N ALA B 524 -14.17 -27.35 15.61
CA ALA B 524 -15.63 -27.07 15.71
C ALA B 524 -15.98 -26.26 16.94
N ALA B 525 -15.27 -26.52 18.04
CA ALA B 525 -15.57 -25.87 19.31
C ALA B 525 -14.82 -24.56 19.52
N GLY B 526 -14.01 -24.11 18.57
CA GLY B 526 -13.25 -22.89 18.76
C GLY B 526 -12.19 -23.02 19.84
N GLY B 527 -11.62 -24.22 19.97
CA GLY B 527 -10.65 -24.53 21.04
C GLY B 527 -9.24 -24.08 20.79
N VAL B 528 -8.25 -24.76 21.37
CA VAL B 528 -6.86 -24.24 21.35
C VAL B 528 -6.22 -24.22 19.96
N ILE B 529 -6.67 -25.10 19.07
CA ILE B 529 -6.16 -25.12 17.71
C ILE B 529 -6.56 -23.84 16.99
N VAL B 530 -7.81 -23.41 17.22
CA VAL B 530 -8.37 -22.18 16.68
C VAL B 530 -7.76 -20.92 17.33
N GLN B 531 -7.52 -20.95 18.65
CA GLN B 531 -6.84 -19.81 19.31
C GLN B 531 -5.40 -19.62 18.82
N ALA B 532 -4.75 -20.73 18.48
CA ALA B 532 -3.38 -20.71 17.98
C ALA B 532 -3.22 -19.88 16.71
N VAL B 533 -4.27 -19.83 15.89
CA VAL B 533 -4.24 -19.00 14.69
C VAL B 533 -5.11 -17.74 14.80
N GLN B 534 -5.41 -17.32 16.04
CA GLN B 534 -6.08 -16.03 16.33
C GLN B 534 -5.56 -14.84 15.52
N ASP B 535 -4.24 -14.73 15.41
CA ASP B 535 -3.58 -13.56 14.74
C ASP B 535 -3.98 -13.39 13.27
N ILE B 536 -3.95 -14.49 12.53
CA ILE B 536 -4.31 -14.52 11.10
C ILE B 536 -5.75 -14.07 10.84
N LEU B 537 -6.62 -14.19 11.84
CA LEU B 537 -8.06 -14.02 11.66
C LEU B 537 -8.60 -12.59 11.39
N PRO B 538 -8.24 -11.59 12.24
CA PRO B 538 -8.78 -10.22 12.03
C PRO B 538 -8.22 -9.54 10.76
N SER B 539 -7.45 -10.28 9.97
CA SER B 539 -6.81 -9.76 8.76
C SER B 539 -7.37 -10.41 7.50
N ASN C 1 19.03 3.44 -5.36
CA ASN C 1 18.68 3.19 -6.78
C ASN C 1 19.87 3.25 -7.74
N VAL C 2 20.82 4.13 -7.48
CA VAL C 2 21.87 4.40 -8.47
C VAL C 2 23.10 3.51 -8.29
N ILE C 3 23.37 2.66 -9.28
CA ILE C 3 24.57 1.81 -9.23
C ILE C 3 25.70 2.41 -10.07
N ILE C 4 26.83 2.60 -9.39
CA ILE C 4 28.03 3.21 -9.95
C ILE C 4 28.92 2.15 -10.60
N GLY C 5 29.38 2.43 -11.82
CA GLY C 5 30.28 1.50 -12.52
C GLY C 5 29.57 0.54 -13.47
N ASN C 6 28.26 0.41 -13.34
CA ASN C 6 27.45 -0.38 -14.29
C ASN C 6 27.06 0.40 -15.55
N GLN C 7 25.87 1.01 -15.54
CA GLN C 7 25.41 1.82 -16.67
C GLN C 7 26.10 3.20 -16.66
N LYS C 8 26.01 3.90 -17.80
CA LYS C 8 26.38 5.31 -17.88
C LYS C 8 25.41 6.14 -17.07
N LEU C 9 25.94 7.08 -16.29
CA LEU C 9 25.07 7.97 -15.52
C LEU C 9 24.43 9.02 -16.40
N THR C 10 23.20 9.39 -16.08
CA THR C 10 22.50 10.48 -16.78
C THR C 10 22.47 11.73 -15.88
N ILE C 11 22.16 12.89 -16.44
CA ILE C 11 22.00 14.12 -15.64
C ILE C 11 20.91 13.87 -14.58
N ASN C 12 19.84 13.21 -15.00
CA ASN C 12 18.71 12.82 -14.16
C ASN C 12 19.15 12.06 -12.91
N ASP C 13 19.97 11.01 -13.11
CA ASP C 13 20.62 10.27 -12.01
C ASP C 13 21.44 11.19 -11.09
N VAL C 14 22.24 12.07 -11.67
CA VAL C 14 23.11 12.97 -10.91
C VAL C 14 22.22 13.84 -10.04
N ALA C 15 21.20 14.42 -10.68
CA ALA C 15 20.18 15.27 -10.05
C ALA C 15 19.46 14.58 -8.93
N ARG C 16 19.07 13.34 -9.12
CA ARG C 16 18.38 12.57 -8.10
C ARG C 16 19.27 12.31 -6.89
N VAL C 17 20.51 11.94 -7.13
CA VAL C 17 21.42 11.70 -6.00
C VAL C 17 21.67 13.05 -5.30
N ALA C 18 21.91 14.10 -6.07
CA ALA C 18 22.36 15.38 -5.49
C ALA C 18 21.29 16.06 -4.61
N ARG C 19 20.07 16.13 -5.14
CA ARG C 19 18.97 16.91 -4.57
C ARG C 19 18.09 16.04 -3.71
N ASN C 20 17.94 14.78 -4.12
CA ASN C 20 16.89 13.94 -3.57
C ASN C 20 17.37 12.89 -2.61
N GLY C 21 18.69 12.81 -2.44
CA GLY C 21 19.26 11.95 -1.42
C GLY C 21 19.16 10.47 -1.78
N THR C 22 18.93 10.20 -3.07
CA THR C 22 18.86 8.85 -3.63
C THR C 22 20.09 8.03 -3.25
N LEU C 23 19.86 6.79 -2.81
CA LEU C 23 20.95 5.90 -2.42
C LEU C 23 21.81 5.49 -3.62
N VAL C 24 23.06 5.23 -3.30
CA VAL C 24 24.12 5.01 -4.25
C VAL C 24 24.77 3.67 -3.86
N SER C 25 25.19 2.89 -4.86
CA SER C 25 25.85 1.60 -4.60
C SER C 25 26.91 1.34 -5.66
N LEU C 26 28.06 0.84 -5.24
CA LEU C 26 29.10 0.47 -6.20
C LEU C 26 28.76 -0.87 -6.83
N THR C 27 29.01 -1.01 -8.12
CA THR C 27 28.82 -2.31 -8.77
C THR C 27 29.57 -3.42 -8.05
N ASN C 28 28.95 -4.60 -8.05
CA ASN C 28 29.53 -5.83 -7.49
C ASN C 28 30.23 -6.66 -8.58
N ASN C 29 30.06 -6.21 -9.82
CA ASN C 29 30.66 -6.84 -11.01
C ASN C 29 32.17 -6.97 -10.77
N THR C 30 32.70 -8.17 -10.94
CA THR C 30 34.09 -8.41 -10.54
C THR C 30 35.15 -8.13 -11.61
N ASP C 31 34.75 -8.09 -12.89
CA ASP C 31 35.61 -7.59 -13.95
C ASP C 31 35.93 -6.09 -13.74
N ILE C 32 34.98 -5.34 -13.19
CA ILE C 32 35.15 -3.93 -12.85
C ILE C 32 35.97 -3.79 -11.58
N LEU C 33 35.73 -4.71 -10.65
CA LEU C 33 36.40 -4.68 -9.36
C LEU C 33 37.85 -5.12 -9.49
N GLN C 34 38.08 -6.09 -10.36
CA GLN C 34 39.40 -6.54 -10.79
C GLN C 34 40.23 -5.38 -11.38
N GLY C 35 39.61 -4.62 -12.28
CA GLY C 35 40.26 -3.47 -12.90
C GLY C 35 40.73 -2.45 -11.90
N ILE C 36 39.90 -2.13 -10.92
CA ILE C 36 40.26 -1.20 -9.84
C ILE C 36 41.51 -1.73 -9.11
N GLN C 37 41.47 -3.00 -8.71
CA GLN C 37 42.59 -3.72 -8.09
C GLN C 37 43.90 -3.69 -8.92
N ALA C 38 43.78 -3.93 -10.22
CA ALA C 38 44.93 -4.06 -11.11
C ALA C 38 45.67 -2.75 -11.40
N SER C 39 44.94 -1.65 -11.59
CA SER C 39 45.62 -0.34 -11.79
C SER C 39 46.36 0.01 -10.52
N CYS C 40 45.71 -0.29 -9.40
CA CYS C 40 46.24 -0.17 -8.04
C CYS C 40 47.56 -0.94 -7.88
N ASP C 41 47.55 -2.24 -8.20
CA ASP C 41 48.78 -3.07 -8.24
C ASP C 41 49.84 -2.45 -9.15
N TYR C 42 49.44 -1.98 -10.34
CA TYR C 42 50.39 -1.38 -11.27
C TYR C 42 51.15 -0.24 -10.61
N ILE C 43 50.45 0.74 -10.04
CA ILE C 43 51.12 1.89 -9.44
C ILE C 43 52.10 1.51 -8.32
N ASN C 44 51.75 0.49 -7.53
CA ASN C 44 52.61 0.08 -6.43
C ASN C 44 53.91 -0.53 -6.94
N ASN C 45 53.81 -1.44 -7.91
CA ASN C 45 54.99 -1.99 -8.59
C ASN C 45 55.88 -0.86 -9.12
N ALA C 46 55.31 0.08 -9.86
CA ALA C 46 56.08 1.14 -10.53
C ALA C 46 56.77 2.08 -9.56
N VAL C 47 56.15 2.33 -8.41
CA VAL C 47 56.77 3.18 -7.38
C VAL C 47 57.90 2.39 -6.75
N GLU C 48 57.64 1.09 -6.51
CA GLU C 48 58.62 0.13 -5.98
C GLU C 48 59.97 0.25 -6.69
N SER C 49 59.95 0.18 -8.01
CA SER C 49 61.19 0.35 -8.81
C SER C 49 61.62 1.80 -9.08
N GLY C 50 60.81 2.77 -8.63
CA GLY C 50 61.10 4.19 -8.89
C GLY C 50 61.04 4.53 -10.38
N GLU C 51 60.00 4.05 -11.06
CA GLU C 51 59.77 4.45 -12.44
C GLU C 51 59.23 5.89 -12.49
N PRO C 52 59.83 6.76 -13.31
CA PRO C 52 59.35 8.14 -13.42
C PRO C 52 57.88 8.23 -13.90
N ILE C 53 57.00 8.72 -13.02
CA ILE C 53 55.59 8.96 -13.33
C ILE C 53 55.19 10.37 -12.86
N TYR C 54 54.47 11.13 -13.70
CA TYR C 54 54.04 12.47 -13.27
C TYR C 54 53.17 12.39 -12.01
N GLY C 55 53.41 13.33 -11.10
CA GLY C 55 52.63 13.47 -9.85
C GLY C 55 52.67 12.28 -8.92
N VAL C 56 53.72 11.46 -9.04
CA VAL C 56 53.84 10.21 -8.30
C VAL C 56 55.31 10.11 -7.90
N THR C 57 56.20 10.25 -8.87
CA THR C 57 57.63 10.30 -8.59
C THR C 57 58.17 11.60 -9.19
N SER C 58 57.29 12.59 -9.26
CA SER C 58 57.63 13.93 -9.68
C SER C 58 56.73 14.87 -8.88
N GLY C 59 57.13 16.13 -8.80
CA GLY C 59 56.26 17.17 -8.26
C GLY C 59 55.26 17.62 -9.32
N PHE C 60 54.55 18.69 -9.04
CA PHE C 60 53.32 19.00 -9.75
C PHE C 60 53.48 20.22 -10.65
N GLY C 61 52.72 20.29 -11.73
CA GLY C 61 52.75 21.48 -12.61
C GLY C 61 54.14 21.88 -13.06
N GLY C 62 54.43 23.18 -13.02
CA GLY C 62 55.74 23.70 -13.41
C GLY C 62 56.87 23.26 -12.50
N MSE C 63 56.57 22.41 -11.52
CA MSE C 63 57.60 21.77 -10.71
C MSE C 63 57.66 20.28 -10.97
O MSE C 63 58.11 19.50 -10.13
CB MSE C 63 57.43 22.12 -9.24
CG MSE C 63 57.66 23.63 -9.03
SE MSE C 63 57.25 24.15 -7.25
CE MSE C 63 58.82 23.26 -6.39
N ALA C 64 57.25 19.89 -12.17
CA ALA C 64 57.33 18.50 -12.58
C ALA C 64 58.74 18.22 -13.11
N ASN C 65 59.66 19.16 -12.86
CA ASN C 65 61.08 18.84 -13.05
C ASN C 65 61.76 18.43 -11.75
N VAL C 66 61.00 18.37 -10.66
CA VAL C 66 61.55 17.88 -9.39
C VAL C 66 61.31 16.38 -9.34
N ALA C 67 62.39 15.59 -9.28
CA ALA C 67 62.25 14.15 -9.04
C ALA C 67 61.94 13.94 -7.56
N ILE C 68 61.17 12.91 -7.25
CA ILE C 68 60.86 12.57 -5.86
C ILE C 68 60.85 11.08 -5.60
N SER C 69 61.50 10.73 -4.51
CA SER C 69 61.96 9.38 -4.25
C SER C 69 60.81 8.51 -3.78
N ARG C 70 60.92 7.20 -4.02
CA ARG C 70 59.94 6.23 -3.57
C ARG C 70 59.59 6.48 -2.10
N GLU C 71 60.61 6.83 -1.31
CA GLU C 71 60.43 6.99 0.12
C GLU C 71 59.40 8.07 0.45
N GLN C 72 59.47 9.19 -0.27
CA GLN C 72 58.59 10.32 -0.04
C GLN C 72 57.37 10.34 -0.96
N ALA C 73 57.06 9.19 -1.56
CA ALA C 73 55.94 9.10 -2.50
C ALA C 73 54.57 9.15 -1.85
N SER C 74 54.44 8.58 -0.65
CA SER C 74 53.17 8.67 0.05
C SER C 74 53.01 10.13 0.52
N GLU C 75 54.02 10.59 1.23
CA GLU C 75 54.09 11.94 1.69
C GLU C 75 53.68 12.98 0.64
N LEU C 76 54.19 12.82 -0.59
CA LEU C 76 53.86 13.73 -1.71
C LEU C 76 52.34 13.98 -1.83
N GLN C 77 51.58 12.88 -1.77
CA GLN C 77 50.13 12.94 -1.97
C GLN C 77 49.37 13.58 -0.82
N THR C 78 49.85 13.39 0.41
CA THR C 78 49.24 13.97 1.59
C THR C 78 49.45 15.50 1.58
N ASN C 79 50.65 15.90 1.20
CA ASN C 79 50.99 17.31 1.18
C ASN C 79 50.25 18.03 0.03
N LEU C 80 49.88 17.28 -1.01
CA LEU C 80 49.07 17.82 -2.10
C LEU C 80 47.76 18.39 -1.54
N VAL C 81 47.12 17.67 -0.62
CA VAL C 81 45.96 18.24 0.05
C VAL C 81 46.33 19.56 0.75
N TRP C 82 47.46 19.62 1.44
CA TRP C 82 47.80 20.81 2.26
C TRP C 82 47.96 22.04 1.43
N PHE C 83 48.87 22.00 0.44
CA PHE C 83 49.16 23.19 -0.39
C PHE C 83 47.97 23.64 -1.28
N LEU C 84 47.09 22.70 -1.60
CA LEU C 84 45.84 23.00 -2.31
C LEU C 84 44.71 23.57 -1.43
N LYS C 85 44.93 23.63 -0.12
CA LYS C 85 43.90 24.10 0.79
C LYS C 85 43.79 25.62 0.77
N THR C 86 43.44 26.15 -0.40
CA THR C 86 43.40 27.59 -0.61
C THR C 86 42.11 28.15 -1.20
N GLY C 87 40.96 27.48 -0.97
CA GLY C 87 39.65 27.98 -1.45
C GLY C 87 39.34 29.35 -0.85
N ALA C 88 38.42 30.09 -1.46
CA ALA C 88 37.98 31.41 -0.96
C ALA C 88 36.54 31.61 -1.40
N GLY C 89 35.86 32.60 -0.80
CA GLY C 89 34.54 32.99 -1.20
C GLY C 89 33.43 32.24 -0.50
N ASN C 90 32.23 32.29 -1.06
CA ASN C 90 31.10 31.50 -0.57
C ASN C 90 31.32 30.00 -0.78
N LYS C 91 30.58 29.24 0.01
CA LYS C 91 30.54 27.77 -0.11
C LYS C 91 29.61 27.42 -1.25
N LEU C 92 29.92 26.34 -1.95
CA LEU C 92 29.03 25.69 -2.88
C LEU C 92 27.76 25.19 -2.17
N PRO C 93 26.62 25.15 -2.90
CA PRO C 93 25.44 24.49 -2.34
C PRO C 93 25.75 22.99 -2.26
N LEU C 94 25.25 22.37 -1.19
CA LEU C 94 25.56 20.97 -0.87
C LEU C 94 25.21 19.94 -1.98
N ALA C 95 24.20 20.22 -2.80
CA ALA C 95 23.81 19.35 -3.93
C ALA C 95 24.94 19.17 -4.95
N ASP C 96 25.63 20.26 -5.21
CA ASP C 96 26.71 20.30 -6.17
C ASP C 96 27.90 19.48 -5.66
N VAL C 97 28.03 19.40 -4.33
CA VAL C 97 29.14 18.60 -3.79
C VAL C 97 28.78 17.11 -3.86
N ARG C 98 27.56 16.77 -3.52
CA ARG C 98 27.10 15.39 -3.63
C ARG C 98 27.36 14.93 -5.07
N ALA C 99 26.92 15.78 -6.03
CA ALA C 99 27.15 15.57 -7.46
C ALA C 99 28.61 15.28 -7.77
N ALA C 100 29.49 16.16 -7.32
CA ALA C 100 30.93 15.99 -7.47
C ALA C 100 31.37 14.61 -7.04
N MSE C 101 30.97 14.21 -5.82
CA MSE C 101 31.42 12.95 -5.27
C MSE C 101 30.91 11.73 -6.05
O MSE C 101 31.65 10.78 -6.25
CB MSE C 101 31.03 12.84 -3.80
CG MSE C 101 31.90 13.68 -2.91
SE MSE C 101 31.62 13.30 -1.05
CE MSE C 101 29.76 13.86 -0.79
N LEU C 102 29.66 11.80 -6.48
CA LEU C 102 29.07 10.79 -7.34
C LEU C 102 29.88 10.61 -8.64
N LEU C 103 30.26 11.71 -9.28
CA LEU C 103 30.99 11.63 -10.55
C LEU C 103 32.40 11.10 -10.33
N ARG C 104 33.02 11.53 -9.23
CA ARG C 104 34.40 11.14 -8.91
C ARG C 104 34.45 9.64 -8.63
N ALA C 105 33.49 9.15 -7.85
CA ALA C 105 33.36 7.73 -7.58
C ALA C 105 33.17 6.99 -8.90
N ASN C 106 32.36 7.57 -9.79
CA ASN C 106 32.04 7.02 -11.10
C ASN C 106 33.27 6.97 -12.00
N SER C 107 34.01 8.07 -12.00
CA SER C 107 35.29 8.16 -12.67
C SER C 107 36.20 6.98 -12.34
N HIS C 108 36.36 6.72 -11.03
CA HIS C 108 37.28 5.70 -10.51
C HIS C 108 36.89 4.26 -10.80
N MSE C 109 35.59 4.00 -10.95
CA MSE C 109 35.10 2.66 -11.26
C MSE C 109 35.63 2.17 -12.60
O MSE C 109 35.56 0.98 -12.91
CB MSE C 109 33.57 2.63 -11.34
CG MSE C 109 32.87 2.97 -10.07
SE MSE C 109 33.33 1.79 -8.61
CE MSE C 109 32.52 0.13 -9.20
N ARG C 110 36.12 3.11 -13.42
CA ARG C 110 36.63 2.75 -14.74
C ARG C 110 37.97 1.99 -14.65
N GLY C 111 38.63 2.13 -13.50
CA GLY C 111 39.75 1.27 -13.13
C GLY C 111 41.06 1.64 -13.77
N ALA C 112 41.20 2.92 -14.14
CA ALA C 112 42.40 3.40 -14.82
C ALA C 112 43.11 4.48 -14.00
N SER C 113 42.76 4.60 -12.73
CA SER C 113 43.30 5.67 -11.91
C SER C 113 44.22 5.23 -10.77
N GLY C 114 44.23 3.93 -10.48
CA GLY C 114 45.14 3.40 -9.46
C GLY C 114 44.81 3.83 -8.04
N ILE C 115 43.52 3.80 -7.70
CA ILE C 115 43.06 4.18 -6.38
C ILE C 115 42.40 2.99 -5.67
N ARG C 116 42.67 2.84 -4.37
CA ARG C 116 42.05 1.82 -3.53
C ARG C 116 40.52 1.92 -3.61
N LEU C 117 39.87 0.78 -3.81
CA LEU C 117 38.42 0.66 -3.69
C LEU C 117 37.87 1.23 -2.37
N GLU C 118 38.63 1.05 -1.29
CA GLU C 118 38.31 1.57 0.05
C GLU C 118 38.13 3.10 0.07
N LEU C 119 38.80 3.80 -0.82
CA LEU C 119 38.68 5.24 -0.90
C LEU C 119 37.42 5.62 -1.71
N ILE C 120 37.06 4.79 -2.68
CA ILE C 120 35.84 4.97 -3.46
C ILE C 120 34.59 4.67 -2.62
N LYS C 121 34.74 3.81 -1.62
CA LYS C 121 33.62 3.35 -0.79
C LYS C 121 33.30 4.46 0.17
N ARG C 122 34.35 5.23 0.51
CA ARG C 122 34.28 6.30 1.47
C ARG C 122 33.33 7.36 0.94
N MSE C 123 33.36 7.53 -0.38
CA MSE C 123 32.41 8.38 -1.10
C MSE C 123 30.99 7.85 -1.15
O MSE C 123 30.04 8.61 -1.00
CB MSE C 123 32.88 8.62 -2.53
CG MSE C 123 33.75 9.80 -2.63
SE MSE C 123 34.66 10.04 -4.32
CE MSE C 123 34.93 11.99 -4.05
N GLU C 124 30.84 6.56 -1.41
CA GLU C 124 29.54 5.92 -1.32
C GLU C 124 28.96 6.15 0.06
N ILE C 125 29.78 5.93 1.09
CA ILE C 125 29.35 6.09 2.47
C ILE C 125 28.91 7.52 2.75
N PHE C 126 29.78 8.51 2.46
CA PHE C 126 29.44 9.92 2.73
C PHE C 126 28.12 10.24 2.03
N LEU C 127 27.98 9.82 0.76
CA LEU C 127 26.75 10.09 0.02
C LEU C 127 25.50 9.49 0.69
N ASN C 128 25.59 8.23 1.10
CA ASN C 128 24.42 7.55 1.67
C ASN C 128 24.13 8.02 3.07
N ALA C 129 25.16 8.52 3.73
CA ALA C 129 25.05 8.99 5.10
C ALA C 129 24.70 10.47 5.21
N GLY C 130 24.75 11.22 4.10
CA GLY C 130 24.48 12.66 4.18
C GLY C 130 25.62 13.47 4.79
N VAL C 131 26.84 13.00 4.59
CA VAL C 131 27.98 13.85 4.96
C VAL C 131 28.46 14.59 3.72
N THR C 132 28.36 15.92 3.77
CA THR C 132 28.76 16.72 2.63
C THR C 132 29.88 17.66 3.02
N PRO C 133 31.10 17.43 2.48
CA PRO C 133 32.19 18.39 2.67
C PRO C 133 31.85 19.79 2.18
N TYR C 134 32.31 20.79 2.92
CA TYR C 134 32.23 22.18 2.55
C TYR C 134 33.26 22.43 1.44
N VAL C 135 32.83 23.07 0.34
CA VAL C 135 33.72 23.41 -0.79
C VAL C 135 33.53 24.88 -1.15
N TYR C 136 34.63 25.60 -1.38
CA TYR C 136 34.51 27.05 -1.68
C TYR C 136 34.31 27.31 -3.17
N GLU C 137 33.81 28.51 -3.49
CA GLU C 137 33.43 28.86 -4.86
C GLU C 137 34.63 29.25 -5.69
N PHE C 138 35.73 29.66 -5.05
CA PHE C 138 36.96 30.06 -5.75
C PHE C 138 38.11 29.13 -5.39
N GLY C 139 39.00 28.94 -6.36
CA GLY C 139 40.20 28.06 -6.23
C GLY C 139 40.56 27.29 -7.52
N SER C 140 39.57 27.07 -8.36
CA SER C 140 39.71 26.25 -9.57
C SER C 140 39.63 27.05 -10.87
N ILE C 141 40.62 26.83 -11.74
CA ILE C 141 40.57 27.26 -13.12
C ILE C 141 40.12 26.13 -14.09
N GLY C 142 39.58 25.05 -13.57
CA GLY C 142 38.98 24.00 -14.45
C GLY C 142 39.96 23.29 -15.39
N1 MDO C 143 41.11 23.07 -14.81
CA1 MDO C 143 42.11 22.23 -15.44
C1 MDO C 143 42.85 21.35 -14.47
CB MDO C 143 43.07 23.07 -16.23
N2 MDO C 143 44.22 21.28 -14.41
CA2 MDO C 143 44.58 20.40 -13.46
C2 MDO C 143 43.38 19.94 -12.99
O2 MDO C 143 43.22 18.92 -11.93
CB2 MDO C 143 45.99 19.98 -13.06
N3 MDO C 143 42.32 20.49 -13.57
CA3 MDO C 143 40.92 20.19 -13.22
C3 MDO C 143 40.43 21.15 -12.13
O3 MDO C 143 41.22 22.03 -11.70
N ASP C 144 39.83 20.43 -11.16
CA ASP C 144 39.32 21.01 -9.86
C ASP C 144 40.18 20.61 -8.66
N LEU C 145 41.49 20.73 -8.82
CA LEU C 145 42.48 20.51 -7.74
C LEU C 145 42.04 21.03 -6.38
N VAL C 146 41.83 22.33 -6.28
CA VAL C 146 41.60 22.98 -5.00
C VAL C 146 40.26 22.60 -4.35
N PRO C 147 39.14 22.63 -5.12
CA PRO C 147 37.88 22.17 -4.53
C PRO C 147 37.92 20.71 -4.14
N LEU C 148 38.68 19.90 -4.88
CA LEU C 148 38.67 18.46 -4.61
C LEU C 148 39.53 18.11 -3.41
N SER C 149 40.42 19.02 -3.02
CA SER C 149 41.26 18.80 -1.85
C SER C 149 40.42 18.87 -0.57
N TYR C 150 39.37 19.66 -0.60
CA TYR C 150 38.46 19.73 0.55
C TYR C 150 37.65 18.44 0.65
N ILE C 151 37.21 17.94 -0.48
CA ILE C 151 36.48 16.65 -0.49
C ILE C 151 37.34 15.51 0.04
N THR C 152 38.58 15.42 -0.45
CA THR C 152 39.57 14.41 -0.06
C THR C 152 40.02 14.48 1.40
N GLY C 153 40.50 15.65 1.86
CA GLY C 153 40.92 15.81 3.24
C GLY C 153 39.78 15.49 4.19
N SER C 154 38.57 15.82 3.78
CA SER C 154 37.37 15.44 4.55
C SER C 154 37.17 13.91 4.58
N LEU C 155 37.24 13.26 3.42
CA LEU C 155 36.98 11.81 3.34
C LEU C 155 37.95 11.01 4.19
N ILE C 156 39.23 11.39 4.11
CA ILE C 156 40.31 10.67 4.79
C ILE C 156 40.53 11.24 6.23
N GLY C 157 39.77 12.28 6.57
CA GLY C 157 39.81 12.94 7.90
C GLY C 157 41.17 13.50 8.26
N LEU C 158 41.78 14.21 7.32
CA LEU C 158 43.16 14.72 7.47
C LEU C 158 43.40 15.65 8.66
N ASP C 159 42.41 16.45 9.01
CA ASP C 159 42.62 17.57 9.96
C ASP C 159 41.27 18.12 10.45
N PRO C 160 41.23 18.65 11.68
CA PRO C 160 39.97 19.32 12.12
C PRO C 160 39.63 20.63 11.38
N SER C 161 40.53 21.14 10.55
CA SER C 161 40.24 22.36 9.77
C SER C 161 39.29 22.11 8.59
N PHE C 162 39.26 20.87 8.10
CA PHE C 162 38.26 20.43 7.12
C PHE C 162 36.88 20.26 7.76
N LYS C 163 35.87 20.92 7.20
CA LYS C 163 34.53 20.93 7.77
C LYS C 163 33.57 20.22 6.84
N VAL C 164 32.48 19.71 7.39
CA VAL C 164 31.48 19.01 6.61
C VAL C 164 30.13 19.32 7.20
N ASP C 165 29.10 19.17 6.36
CA ASP C 165 27.72 19.11 6.82
C ASP C 165 27.37 17.64 7.06
N PHE C 166 26.97 17.33 8.30
CA PHE C 166 26.48 16.02 8.68
C PHE C 166 24.98 16.15 8.92
N ASN C 167 24.19 15.91 7.87
CA ASN C 167 22.74 16.16 7.86
C ASN C 167 22.29 17.46 8.55
N GLY C 168 22.87 18.57 8.14
CA GLY C 168 22.41 19.86 8.65
C GLY C 168 23.23 20.36 9.81
N LYS C 169 24.01 19.45 10.40
CA LYS C 169 24.99 19.82 11.42
C LYS C 169 26.37 20.11 10.82
N GLU C 170 26.97 21.26 11.16
CA GLU C 170 28.40 21.50 10.89
C GLU C 170 29.26 20.73 11.88
N MSE C 171 30.24 19.98 11.36
CA MSE C 171 31.25 19.30 12.19
C MSE C 171 32.58 19.31 11.48
O MSE C 171 32.63 19.58 10.29
CB MSE C 171 30.96 17.83 12.38
CG MSE C 171 29.56 17.37 12.62
SE MSE C 171 29.82 15.42 12.56
CE MSE C 171 30.50 15.14 14.37
N ASP C 172 33.65 18.94 12.18
CA ASP C 172 34.90 18.66 11.50
C ASP C 172 34.93 17.21 11.00
N ALA C 173 35.81 16.95 10.04
CA ALA C 173 35.87 15.68 9.33
C ALA C 173 36.30 14.51 10.22
N PRO C 174 37.37 14.66 11.02
CA PRO C 174 37.66 13.57 11.98
C PRO C 174 36.45 13.15 12.84
N THR C 175 35.68 14.13 13.32
CA THR C 175 34.50 13.87 14.14
C THR C 175 33.36 13.19 13.34
N ALA C 176 33.28 13.48 12.04
CA ALA C 176 32.33 12.82 11.16
C ALA C 176 32.69 11.34 11.02
N LEU C 177 33.98 11.07 10.76
CA LEU C 177 34.52 9.71 10.65
C LEU C 177 34.29 8.85 11.90
N ARG C 178 34.61 9.36 13.07
CA ARG C 178 34.30 8.65 14.32
C ARG C 178 32.81 8.34 14.41
N GLN C 179 31.95 9.35 14.18
CA GLN C 179 30.48 9.14 14.08
C GLN C 179 30.08 7.99 13.15
N LEU C 180 30.81 7.83 12.04
CA LEU C 180 30.54 6.82 11.05
C LEU C 180 31.32 5.55 11.37
N ASN C 181 32.06 5.56 12.48
CA ASN C 181 32.95 4.47 12.83
C ASN C 181 33.93 4.14 11.74
N LEU C 182 34.46 5.19 11.10
CA LEU C 182 35.46 4.97 10.09
C LEU C 182 36.79 5.45 10.59
N SER C 183 37.83 4.76 10.17
CA SER C 183 39.18 5.13 10.52
C SER C 183 39.66 6.18 9.52
N PRO C 184 40.49 7.14 10.00
CA PRO C 184 41.18 8.01 9.07
C PRO C 184 42.04 7.21 8.08
N LEU C 185 42.14 7.67 6.84
CA LEU C 185 42.97 7.00 5.85
C LEU C 185 44.26 7.79 5.58
N THR C 186 45.28 7.08 5.13
CA THR C 186 46.52 7.68 4.64
C THR C 186 46.55 7.47 3.14
N LEU C 187 46.83 8.52 2.38
CA LEU C 187 46.92 8.41 0.90
C LEU C 187 48.15 7.61 0.41
N LEU C 188 47.93 6.69 -0.51
CA LEU C 188 49.04 5.97 -1.12
C LEU C 188 49.51 6.76 -2.37
N PRO C 189 50.71 6.44 -2.90
CA PRO C 189 51.13 7.21 -4.10
C PRO C 189 50.09 7.23 -5.25
N LYS C 190 49.99 8.40 -5.87
CA LYS C 190 49.01 8.72 -6.93
C LYS C 190 47.60 8.99 -6.45
N GLU C 191 47.20 8.37 -5.34
CA GLU C 191 45.83 8.47 -4.84
C GLU C 191 45.33 9.90 -4.57
N GLY C 192 46.23 10.81 -4.19
CA GLY C 192 45.84 12.21 -4.06
C GLY C 192 45.40 12.76 -5.41
N LEU C 193 46.21 12.48 -6.43
CA LEU C 193 45.96 12.93 -7.78
C LEU C 193 44.69 12.38 -8.34
N ALA C 194 44.55 11.05 -8.29
CA ALA C 194 43.32 10.39 -8.69
C ALA C 194 42.12 11.03 -7.97
N MSE C 195 42.30 11.45 -6.72
CA MSE C 195 41.25 12.18 -5.98
C MSE C 195 41.07 13.60 -6.44
O MSE C 195 39.94 14.09 -6.53
CB MSE C 195 41.50 12.18 -4.47
CG MSE C 195 41.07 10.88 -3.71
SE MSE C 195 39.18 10.43 -3.99
CE MSE C 195 38.34 12.16 -3.63
N MSE C 196 42.15 14.29 -6.73
CA MSE C 196 42.06 15.73 -6.93
C MSE C 196 42.18 16.24 -8.36
O MSE C 196 41.96 17.43 -8.63
CB MSE C 196 43.03 16.44 -6.02
CG MSE C 196 42.62 16.29 -4.59
SE MSE C 196 44.00 16.89 -3.46
CE MSE C 196 44.99 15.25 -3.13
N ASN C 197 42.49 15.36 -9.28
CA ASN C 197 42.92 15.78 -10.59
C ASN C 197 41.93 15.37 -11.65
N GLY C 198 40.81 16.08 -11.69
CA GLY C 198 39.74 15.81 -12.64
C GLY C 198 38.71 16.93 -12.72
N THR C 199 37.62 16.65 -13.42
CA THR C 199 36.62 17.66 -13.66
C THR C 199 35.30 17.38 -12.92
N SER C 200 35.34 16.70 -11.78
CA SER C 200 34.10 16.29 -11.11
C SER C 200 33.24 17.40 -10.53
N VAL C 201 33.86 18.37 -9.88
CA VAL C 201 33.13 19.48 -9.24
C VAL C 201 32.43 20.37 -10.28
N MSE C 202 33.20 20.84 -11.27
CA MSE C 202 32.61 21.68 -12.32
C MSE C 202 31.52 20.97 -13.13
O MSE C 202 30.53 21.57 -13.51
CB MSE C 202 33.70 22.27 -13.25
CG MSE C 202 34.22 21.34 -14.34
SE MSE C 202 35.79 22.10 -15.28
CE MSE C 202 37.18 21.41 -14.13
N THR C 203 31.72 19.68 -13.39
CA THR C 203 30.74 18.89 -14.12
C THR C 203 29.49 18.58 -13.26
N GLY C 204 29.68 18.38 -11.96
CA GLY C 204 28.55 18.21 -11.05
C GLY C 204 27.70 19.46 -10.96
N ILE C 205 28.33 20.64 -10.81
CA ILE C 205 27.60 21.90 -10.79
C ILE C 205 26.83 22.06 -12.10
N ALA C 206 27.51 21.78 -13.22
CA ALA C 206 26.93 21.88 -14.56
C ALA C 206 25.81 20.87 -14.84
N ALA C 207 25.89 19.67 -14.27
CA ALA C 207 24.80 18.68 -14.41
C ALA C 207 23.48 19.18 -13.82
N ASN C 208 23.56 19.74 -12.61
CA ASN C 208 22.42 20.33 -11.93
C ASN C 208 21.90 21.57 -12.66
N CYS C 209 22.81 22.38 -13.19
CA CYS C 209 22.38 23.50 -14.02
C CYS C 209 21.54 23.09 -15.24
N VAL C 210 21.98 22.06 -15.97
CA VAL C 210 21.26 21.60 -17.19
C VAL C 210 19.91 20.97 -16.85
N TYR C 211 19.91 20.23 -15.75
CA TYR C 211 18.69 19.71 -15.17
C TYR C 211 17.68 20.81 -14.93
N ASP C 212 18.08 21.87 -14.20
CA ASP C 212 17.17 22.95 -13.83
C ASP C 212 16.80 23.78 -15.06
N THR C 213 17.69 23.81 -16.05
CA THR C 213 17.42 24.60 -17.25
C THR C 213 16.44 23.90 -18.20
N GLN C 214 16.60 22.59 -18.38
CA GLN C 214 15.62 21.81 -19.14
C GLN C 214 14.21 22.06 -18.56
N ILE C 215 14.11 22.06 -17.23
CA ILE C 215 12.87 22.31 -16.53
C ILE C 215 12.29 23.70 -16.71
N LEU C 216 13.11 24.75 -16.59
CA LEU C 216 12.62 26.13 -16.73
C LEU C 216 12.23 26.38 -18.18
N THR C 217 12.94 25.71 -19.08
CA THR C 217 12.59 25.70 -20.51
C THR C 217 11.20 25.13 -20.74
N ALA C 218 10.84 24.09 -19.99
CA ALA C 218 9.50 23.49 -20.15
C ALA C 218 8.44 24.40 -19.57
N ILE C 219 8.70 24.93 -18.37
CA ILE C 219 7.82 25.93 -17.74
C ILE C 219 7.65 27.18 -18.61
N ALA C 220 8.77 27.67 -19.16
CA ALA C 220 8.80 28.83 -20.05
C ALA C 220 7.88 28.66 -21.26
N MSE C 221 7.86 27.45 -21.82
CA MSE C 221 6.95 27.07 -22.89
C MSE C 221 5.49 27.18 -22.45
O MSE C 221 4.68 27.80 -23.14
CB MSE C 221 7.26 25.64 -23.33
CG MSE C 221 8.54 25.50 -24.16
SE MSE C 221 8.22 26.01 -26.01
CE MSE C 221 7.50 24.33 -26.69
N GLY C 222 5.18 26.61 -21.29
CA GLY C 222 3.88 26.76 -20.70
C GLY C 222 3.51 28.21 -20.43
N VAL C 223 4.48 29.07 -20.14
CA VAL C 223 4.20 30.48 -19.95
C VAL C 223 3.79 31.11 -21.25
N HIS C 224 4.57 30.86 -22.30
CA HIS C 224 4.23 31.42 -23.62
C HIS C 224 2.82 31.01 -24.04
N ALA C 225 2.51 29.70 -23.95
CA ALA C 225 1.16 29.16 -24.27
C ALA C 225 0.03 29.86 -23.48
N LEU C 226 0.30 30.18 -22.21
CA LEU C 226 -0.57 31.06 -21.40
C LEU C 226 -0.63 32.49 -21.94
N ASP C 227 0.53 33.04 -22.32
CA ASP C 227 0.57 34.36 -22.97
C ASP C 227 -0.26 34.45 -24.24
N ILE C 228 -0.20 33.41 -25.06
CA ILE C 228 -0.83 33.40 -26.36
C ILE C 228 -2.35 33.40 -26.18
N GLN C 229 -2.83 32.64 -25.19
CA GLN C 229 -4.25 32.63 -24.79
C GLN C 229 -4.74 33.97 -24.28
N ALA C 230 -3.95 34.58 -23.38
CA ALA C 230 -4.27 35.88 -22.79
C ALA C 230 -4.43 36.95 -23.84
N LEU C 231 -3.78 36.74 -24.98
CA LEU C 231 -3.75 37.73 -26.05
C LEU C 231 -4.71 37.40 -27.21
N ASN C 232 -5.45 36.29 -27.09
CA ASN C 232 -6.25 35.82 -28.19
C ASN C 232 -5.36 35.67 -29.45
N GLY C 233 -4.16 35.11 -29.28
CA GLY C 233 -3.32 34.79 -30.42
C GLY C 233 -3.83 33.58 -31.20
N THR C 234 -3.23 33.31 -32.35
CA THR C 234 -3.72 32.24 -33.20
C THR C 234 -2.84 30.97 -33.11
N ASN C 235 -3.44 29.80 -33.30
CA ASN C 235 -2.62 28.59 -33.37
C ASN C 235 -1.87 28.42 -34.70
N GLN C 236 -2.29 29.15 -35.73
CA GLN C 236 -1.74 29.04 -37.09
C GLN C 236 -0.21 29.10 -37.18
N SER C 237 0.41 29.99 -36.41
CA SER C 237 1.87 30.03 -36.36
C SER C 237 2.54 28.66 -36.16
N PHE C 238 1.84 27.74 -35.50
CA PHE C 238 2.44 26.46 -35.07
C PHE C 238 2.11 25.29 -36.04
N HIS C 239 1.48 25.61 -37.16
CA HIS C 239 1.17 24.64 -38.20
C HIS C 239 2.40 23.88 -38.72
N PRO C 240 2.36 22.53 -38.65
CA PRO C 240 3.36 21.58 -39.15
C PRO C 240 3.92 21.96 -40.51
N PHE C 241 3.08 22.55 -41.38
CA PHE C 241 3.48 22.91 -42.74
C PHE C 241 4.55 23.98 -42.80
N ILE C 242 4.41 25.01 -41.94
CA ILE C 242 5.39 26.07 -41.82
C ILE C 242 6.71 25.44 -41.38
N HIS C 243 6.68 24.70 -40.28
CA HIS C 243 7.87 24.09 -39.69
C HIS C 243 8.48 22.90 -40.46
N ASN C 244 7.66 22.09 -41.13
CA ASN C 244 8.19 20.99 -41.93
C ASN C 244 9.05 21.50 -43.08
N SER C 245 8.80 22.74 -43.51
CA SER C 245 9.54 23.30 -44.62
C SER C 245 10.75 24.13 -44.15
N LYS C 246 10.96 24.23 -42.82
CA LYS C 246 12.20 24.81 -42.21
C LYS C 246 12.62 23.90 -41.04
N PRO C 247 12.97 22.61 -41.36
CA PRO C 247 12.98 21.54 -40.39
C PRO C 247 14.20 21.45 -39.44
N HIS C 248 14.52 22.55 -38.75
CA HIS C 248 15.43 22.51 -37.60
C HIS C 248 14.75 21.69 -36.51
N PRO C 249 15.45 20.70 -35.89
CA PRO C 249 14.88 19.86 -34.79
C PRO C 249 14.24 20.69 -33.70
N GLY C 250 14.97 21.69 -33.21
CA GLY C 250 14.51 22.61 -32.15
C GLY C 250 13.20 23.33 -32.49
N GLN C 251 13.10 23.84 -33.72
CA GLN C 251 11.88 24.52 -34.19
C GLN C 251 10.74 23.50 -34.40
N LEU C 252 11.00 22.43 -35.13
CA LEU C 252 10.05 21.32 -35.19
C LEU C 252 9.50 20.98 -33.80
N TRP C 253 10.39 20.78 -32.83
CA TRP C 253 9.95 20.44 -31.47
C TRP C 253 9.08 21.54 -30.83
N ALA C 254 9.55 22.79 -30.89
CA ALA C 254 8.83 23.91 -30.29
C ALA C 254 7.39 24.05 -30.82
N ALA C 255 7.24 24.08 -32.14
CA ALA C 255 5.96 24.34 -32.75
C ALA C 255 4.99 23.23 -32.35
N ASP C 256 5.48 21.99 -32.40
CA ASP C 256 4.68 20.82 -32.09
C ASP C 256 4.23 20.80 -30.61
N GLN C 257 5.09 21.26 -29.72
CA GLN C 257 4.72 21.35 -28.30
C GLN C 257 3.73 22.48 -28.06
N MSE C 258 3.86 23.58 -28.81
CA MSE C 258 2.85 24.62 -28.74
C MSE C 258 1.47 24.13 -29.17
O MSE C 258 0.47 24.51 -28.58
CB MSE C 258 3.27 25.79 -29.59
CG MSE C 258 2.58 27.06 -29.20
SE MSE C 258 2.60 27.42 -27.27
CE MSE C 258 4.56 27.38 -26.93
N ILE C 259 1.44 23.27 -30.18
CA ILE C 259 0.22 22.63 -30.68
C ILE C 259 -0.42 21.81 -29.56
N SER C 260 0.35 21.00 -28.85
CA SER C 260 -0.15 20.25 -27.68
C SER C 260 -0.58 21.13 -26.52
N LEU C 261 0.21 22.15 -26.24
CA LEU C 261 -0.07 23.10 -25.15
C LEU C 261 -1.33 23.88 -25.34
N LEU C 262 -1.59 24.30 -26.58
CA LEU C 262 -2.71 25.18 -26.92
C LEU C 262 -3.97 24.39 -27.29
N ALA C 263 -3.87 23.08 -27.41
CA ALA C 263 -5.02 22.29 -27.94
C ALA C 263 -6.23 22.39 -27.00
N ASN C 264 -7.39 22.64 -27.61
CA ASN C 264 -8.69 22.74 -26.92
C ASN C 264 -8.87 24.00 -26.09
N SER C 265 -8.03 25.01 -26.35
CA SER C 265 -8.15 26.28 -25.69
C SER C 265 -9.37 26.90 -26.28
N GLN C 266 -10.11 27.66 -25.47
CA GLN C 266 -11.23 28.43 -25.99
C GLN C 266 -10.81 29.87 -26.12
N LEU C 267 -9.52 30.11 -25.92
CA LEU C 267 -9.00 31.45 -25.91
C LEU C 267 -8.09 31.74 -27.11
N VAL C 268 -7.55 30.70 -27.75
CA VAL C 268 -6.86 30.92 -29.01
C VAL C 268 -7.82 31.14 -30.20
N ARG C 269 -7.42 31.97 -31.17
CA ARG C 269 -8.03 31.97 -32.49
C ARG C 269 -7.67 30.61 -33.13
N ASP C 270 -8.64 29.72 -33.33
CA ASP C 270 -8.34 28.40 -33.86
C ASP C 270 -8.35 28.43 -35.38
N GLU C 271 -7.16 28.49 -35.99
CA GLU C 271 -7.05 28.74 -37.42
C GLU C 271 -6.05 27.84 -38.18
N LEU C 272 -6.04 26.56 -37.85
CA LEU C 272 -5.15 25.62 -38.52
C LEU C 272 -5.64 25.21 -39.91
N ASP C 273 -6.90 25.56 -40.21
CA ASP C 273 -7.47 25.47 -41.57
C ASP C 273 -6.89 26.57 -42.48
N GLY C 274 -6.24 27.56 -41.88
CA GLY C 274 -5.66 28.65 -42.64
C GLY C 274 -6.57 29.86 -42.76
N LYS C 275 -7.54 29.98 -41.86
CA LYS C 275 -8.35 31.20 -41.81
C LYS C 275 -7.45 32.33 -41.36
N HIS C 276 -7.55 33.51 -42.00
CA HIS C 276 -6.91 34.74 -41.50
C HIS C 276 -7.57 36.01 -42.06
N ASP C 277 -8.75 36.35 -41.53
CA ASP C 277 -9.51 37.52 -41.98
C ASP C 277 -8.90 38.79 -41.36
N TYR C 278 -9.23 39.97 -41.87
CA TYR C 278 -8.76 41.17 -41.19
C TYR C 278 -9.32 41.21 -39.77
N ARG C 279 -8.56 41.85 -38.90
CA ARG C 279 -8.99 42.16 -37.54
C ARG C 279 -8.94 43.69 -37.43
N ASP C 280 -9.89 44.30 -36.73
CA ASP C 280 -9.69 45.71 -36.33
C ASP C 280 -9.82 45.98 -34.83
N HIS C 281 -9.18 47.04 -34.34
CA HIS C 281 -8.26 47.87 -35.11
C HIS C 281 -6.85 47.21 -35.24
N GLU C 282 -6.83 45.88 -35.18
CA GLU C 282 -5.63 45.06 -35.01
C GLU C 282 -4.90 44.74 -36.31
N LEU C 283 -3.62 44.39 -36.20
CA LEU C 283 -2.85 43.87 -37.31
C LEU C 283 -3.33 42.43 -37.67
N ILE C 284 -3.25 42.08 -38.95
CA ILE C 284 -3.81 40.82 -39.47
C ILE C 284 -3.05 39.59 -38.97
N GLN C 285 -1.80 39.82 -38.55
CA GLN C 285 -0.98 38.78 -37.95
C GLN C 285 -0.60 39.17 -36.53
N ASP C 286 -0.33 38.15 -35.73
CA ASP C 286 0.28 38.26 -34.42
C ASP C 286 1.69 38.81 -34.56
N ARG C 287 2.10 39.63 -33.60
CA ARG C 287 3.48 40.12 -33.53
C ARG C 287 4.54 39.02 -33.41
N TYR C 288 5.79 39.39 -33.60
CA TYR C 288 6.91 38.41 -33.68
C TYR C 288 7.05 37.51 -32.46
N SER C 289 7.07 38.10 -31.27
CA SER C 289 7.10 37.26 -30.04
C SER C 289 6.12 36.07 -30.03
N LEU C 290 4.99 36.18 -30.73
CA LEU C 290 4.08 35.00 -30.81
C LEU C 290 4.38 34.18 -32.04
N ARG C 291 4.42 34.84 -33.18
CA ARG C 291 4.46 34.21 -34.48
C ARG C 291 5.79 33.55 -34.78
N CYS C 292 6.86 34.11 -34.24
CA CYS C 292 8.18 33.56 -34.49
C CYS C 292 8.69 32.77 -33.30
N LEU C 293 7.81 32.51 -32.34
CA LEU C 293 8.21 31.73 -31.18
C LEU C 293 9.03 30.52 -31.56
N PRO C 294 8.50 29.62 -32.44
CA PRO C 294 9.29 28.37 -32.63
C PRO C 294 10.67 28.58 -33.30
N GLN C 295 10.74 29.48 -34.27
CA GLN C 295 12.00 29.78 -34.93
C GLN C 295 13.02 30.39 -33.95
N TYR C 296 12.53 31.23 -33.03
CA TYR C 296 13.39 31.89 -32.05
C TYR C 296 13.85 30.89 -30.99
N LEU C 297 12.94 30.02 -30.56
CA LEU C 297 13.27 29.04 -29.52
C LEU C 297 14.05 27.83 -30.03
N GLY C 298 13.89 27.47 -31.31
CA GLY C 298 14.60 26.30 -31.84
C GLY C 298 16.08 26.18 -31.41
N PRO C 299 16.90 27.18 -31.77
CA PRO C 299 18.35 27.20 -31.46
C PRO C 299 18.65 27.14 -29.95
N ILE C 300 17.71 27.61 -29.14
CA ILE C 300 17.87 27.54 -27.69
C ILE C 300 17.59 26.11 -27.20
N VAL C 301 16.53 25.50 -27.71
CA VAL C 301 16.23 24.09 -27.38
C VAL C 301 17.36 23.18 -27.83
N ASP C 302 17.77 23.33 -29.09
CA ASP C 302 18.85 22.51 -29.63
C ASP C 302 20.20 22.74 -28.98
N GLY C 303 20.43 23.97 -28.50
CA GLY C 303 21.66 24.32 -27.82
C GLY C 303 21.69 23.68 -26.44
N ILE C 304 20.58 23.81 -25.69
CA ILE C 304 20.43 23.12 -24.39
C ILE C 304 20.64 21.57 -24.54
N SER C 305 20.08 20.98 -25.59
N SER C 305 20.05 20.99 -25.59
CA SER C 305 20.22 19.53 -25.82
CA SER C 305 20.18 19.55 -25.89
C SER C 305 21.67 19.11 -26.11
C SER C 305 21.64 19.14 -26.11
N GLN C 306 22.32 19.83 -27.02
CA GLN C 306 23.75 19.65 -27.27
C GLN C 306 24.58 19.68 -25.99
N ILE C 307 24.39 20.71 -25.16
CA ILE C 307 25.10 20.80 -23.88
C ILE C 307 24.82 19.58 -22.97
N ALA C 308 23.53 19.24 -22.81
CA ALA C 308 23.10 18.03 -22.05
C ALA C 308 23.86 16.77 -22.50
N LYS C 309 23.95 16.57 -23.81
CA LYS C 309 24.72 15.48 -24.41
C LYS C 309 26.23 15.55 -24.05
N GLN C 310 26.80 16.76 -24.06
CA GLN C 310 28.23 16.91 -23.80
C GLN C 310 28.54 16.76 -22.30
N ILE C 311 27.67 17.33 -21.46
CA ILE C 311 27.82 17.09 -20.01
C ILE C 311 27.67 15.59 -19.69
N GLU C 312 26.73 14.89 -20.34
CA GLU C 312 26.60 13.43 -20.12
C GLU C 312 27.85 12.58 -20.41
N ILE C 313 28.58 12.87 -21.49
CA ILE C 313 29.89 12.24 -21.72
C ILE C 313 30.93 12.61 -20.65
N GLU C 314 31.03 13.91 -20.29
CA GLU C 314 31.95 14.36 -19.24
C GLU C 314 31.69 13.67 -17.89
N ILE C 315 30.41 13.54 -17.55
CA ILE C 315 30.00 12.85 -16.32
C ILE C 315 30.51 11.42 -16.28
N ASN C 316 30.63 10.82 -17.47
CA ASN C 316 31.01 9.43 -17.59
C ASN C 316 32.41 9.28 -18.11
N SER C 317 33.22 10.34 -17.99
CA SER C 317 34.59 10.21 -18.45
C SER C 317 35.57 9.90 -17.31
N VAL C 318 36.72 9.34 -17.69
CA VAL C 318 37.85 9.22 -16.80
C VAL C 318 38.60 10.52 -16.97
N THR C 319 38.69 11.31 -15.92
CA THR C 319 39.30 12.62 -16.02
C THR C 319 40.59 12.89 -15.25
N ASP C 320 41.21 11.89 -14.65
CA ASP C 320 42.50 12.20 -14.04
C ASP C 320 43.73 12.13 -14.97
N ASN C 321 44.92 12.14 -14.35
CA ASN C 321 46.21 12.07 -15.03
C ASN C 321 47.27 11.70 -13.99
N PRO C 322 48.15 10.73 -14.31
CA PRO C 322 48.18 9.82 -15.48
C PRO C 322 47.06 8.76 -15.54
N LEU C 323 46.79 8.24 -16.73
CA LEU C 323 45.84 7.15 -16.91
C LEU C 323 46.59 5.82 -16.99
N ILE C 324 46.23 4.89 -16.13
CA ILE C 324 46.87 3.56 -16.14
C ILE C 324 46.15 2.67 -17.11
N ASP C 325 46.92 2.17 -18.09
CA ASP C 325 46.46 1.13 -19.04
C ASP C 325 47.05 -0.18 -18.60
N VAL C 326 46.29 -1.00 -17.87
CA VAL C 326 46.85 -2.26 -17.34
C VAL C 326 47.16 -3.27 -18.43
N ASP C 327 46.26 -3.39 -19.41
CA ASP C 327 46.43 -4.34 -20.53
C ASP C 327 47.80 -4.27 -21.19
N ASN C 328 48.33 -3.06 -21.38
CA ASN C 328 49.68 -2.95 -21.94
C ASN C 328 50.70 -2.55 -20.90
N GLN C 329 50.32 -2.67 -19.64
CA GLN C 329 51.19 -2.29 -18.52
C GLN C 329 51.87 -0.94 -18.69
N ALA C 330 51.07 0.10 -18.95
CA ALA C 330 51.62 1.44 -19.16
C ALA C 330 50.76 2.52 -18.53
N SER C 331 51.40 3.65 -18.24
CA SER C 331 50.65 4.88 -17.91
C SER C 331 51.03 6.01 -18.86
N TYR C 332 50.02 6.85 -19.16
CA TYR C 332 50.14 7.91 -20.16
C TYR C 332 49.91 9.23 -19.52
N HIS C 333 50.73 10.19 -19.88
CA HIS C 333 50.50 11.57 -19.44
C HIS C 333 49.60 12.24 -20.49
N GLY C 334 48.42 12.66 -20.06
CA GLY C 334 47.39 13.21 -20.95
C GLY C 334 46.79 14.46 -20.35
N GLY C 335 45.67 14.91 -20.92
CA GLY C 335 45.00 16.12 -20.48
C GLY C 335 43.49 16.09 -20.19
N ASN C 336 42.93 14.91 -19.92
CA ASN C 336 41.51 14.79 -19.55
C ASN C 336 41.00 15.66 -18.38
N PHE C 337 41.91 16.09 -17.51
CA PHE C 337 41.56 17.02 -16.42
C PHE C 337 41.02 18.37 -16.92
N LEU C 338 41.19 18.67 -18.20
CA LEU C 338 40.76 19.97 -18.76
C LEU C 338 39.29 19.94 -19.18
N GLY C 339 38.46 20.66 -18.44
CA GLY C 339 37.03 20.68 -18.67
C GLY C 339 36.54 21.64 -19.72
N GLN C 340 37.12 21.63 -20.91
CA GLN C 340 36.68 22.59 -21.94
C GLN C 340 35.17 22.51 -22.30
N TYR C 341 34.57 21.30 -22.45
CA TYR C 341 33.12 21.15 -22.67
C TYR C 341 32.26 21.83 -21.61
N VAL C 342 32.72 21.80 -20.37
CA VAL C 342 32.04 22.49 -19.26
C VAL C 342 32.20 24.02 -19.29
N GLY C 343 33.41 24.50 -19.53
CA GLY C 343 33.64 25.95 -19.59
C GLY C 343 32.85 26.58 -20.71
N MSE C 344 32.89 25.93 -21.86
CA MSE C 344 32.22 26.45 -23.05
C MSE C 344 30.74 26.17 -23.02
O MSE C 344 29.96 27.01 -23.42
CB MSE C 344 32.86 25.92 -24.34
CG MSE C 344 34.25 26.50 -24.58
SE MSE C 344 35.24 25.74 -26.12
CE MSE C 344 34.06 26.32 -27.51
N GLY C 345 30.33 25.03 -22.50
CA GLY C 345 28.88 24.73 -22.42
C GLY C 345 28.13 25.63 -21.44
N MSE C 346 28.73 25.93 -20.31
CA MSE C 346 28.15 26.86 -19.33
C MSE C 346 28.09 28.28 -19.86
O MSE C 346 27.11 28.96 -19.70
CB MSE C 346 28.85 26.76 -17.99
CG MSE C 346 28.69 25.40 -17.34
SE MSE C 346 26.77 24.95 -17.10
CE MSE C 346 26.59 23.42 -18.34
N ASP C 347 29.15 28.67 -20.57
CA ASP C 347 29.10 29.88 -21.38
C ASP C 347 27.87 29.92 -22.28
N HIS C 348 27.62 28.84 -23.05
CA HIS C 348 26.45 28.76 -23.94
C HIS C 348 25.17 28.70 -23.11
N LEU C 349 25.18 27.91 -22.04
CA LEU C 349 23.99 27.81 -21.21
C LEU C 349 23.53 29.19 -20.73
N ARG C 350 24.46 29.98 -20.16
CA ARG C 350 24.11 31.31 -19.66
C ARG C 350 23.54 32.17 -20.75
N TYR C 351 24.23 32.19 -21.89
CA TYR C 351 23.81 32.97 -23.01
C TYR C 351 22.34 32.68 -23.45
N TYR C 352 21.98 31.40 -23.51
CA TYR C 352 20.62 30.95 -23.81
C TYR C 352 19.58 31.35 -22.80
N ILE C 353 19.95 31.31 -21.52
CA ILE C 353 19.02 31.68 -20.50
C ILE C 353 18.64 33.14 -20.68
N GLY C 354 19.61 33.97 -21.05
CA GLY C 354 19.34 35.39 -21.23
C GLY C 354 18.39 35.56 -22.40
N LEU C 355 18.56 34.72 -23.40
CA LEU C 355 17.73 34.87 -24.59
C LEU C 355 16.32 34.47 -24.31
N LEU C 356 16.17 33.56 -23.35
CA LEU C 356 14.86 33.05 -22.94
C LEU C 356 14.07 34.08 -22.16
N ALA C 357 14.76 34.73 -21.22
CA ALA C 357 14.24 35.79 -20.38
C ALA C 357 13.86 36.97 -21.23
N LYS C 358 14.73 37.33 -22.16
CA LYS C 358 14.47 38.48 -22.99
C LYS C 358 13.15 38.41 -23.78
N HIS C 359 12.89 37.24 -24.43
CA HIS C 359 11.65 36.91 -25.13
C HIS C 359 10.41 36.88 -24.21
N LEU C 360 10.55 36.24 -23.04
CA LEU C 360 9.47 36.27 -22.09
C LEU C 360 9.10 37.72 -21.67
N ASP C 361 10.11 38.57 -21.56
CA ASP C 361 9.90 39.93 -21.06
C ASP C 361 9.17 40.75 -22.09
N VAL C 362 9.42 40.38 -23.34
CA VAL C 362 8.73 40.93 -24.49
C VAL C 362 7.28 40.53 -24.43
N GLN C 363 6.97 39.27 -24.09
CA GLN C 363 5.55 38.86 -23.97
C GLN C 363 4.85 39.66 -22.86
N ILE C 364 5.54 39.85 -21.73
CA ILE C 364 4.97 40.64 -20.61
C ILE C 364 4.63 42.09 -21.01
N ALA C 365 5.48 42.70 -21.82
CA ALA C 365 5.32 44.08 -22.26
C ALA C 365 4.04 44.24 -23.09
N LEU C 366 3.75 43.24 -23.91
CA LEU C 366 2.50 43.20 -24.66
C LEU C 366 1.34 43.11 -23.66
N LEU C 367 1.39 42.10 -22.78
CA LEU C 367 0.33 41.89 -21.79
C LEU C 367 -0.02 43.17 -21.03
N ALA C 368 1.01 43.85 -20.53
CA ALA C 368 0.83 45.06 -19.69
C ALA C 368 0.35 46.29 -20.44
N SER C 369 0.58 46.36 -21.75
CA SER C 369 0.31 47.58 -22.52
C SER C 369 -1.02 47.46 -23.28
N PRO C 370 -2.00 48.33 -22.94
CA PRO C 370 -3.30 48.32 -23.64
C PRO C 370 -3.19 48.61 -25.14
N GLU C 371 -2.05 49.13 -25.59
CA GLU C 371 -1.84 49.39 -27.01
C GLU C 371 -1.62 48.08 -27.71
N PHE C 372 -1.14 47.08 -26.99
CA PHE C 372 -0.69 45.85 -27.62
C PHE C 372 -1.28 44.59 -27.04
N SER C 373 -2.08 44.72 -25.98
CA SER C 373 -2.63 43.55 -25.27
C SER C 373 -3.96 43.00 -25.79
N ASN C 374 -4.51 43.70 -26.81
CA ASN C 374 -5.76 43.27 -27.44
C ASN C 374 -6.94 43.34 -26.44
N GLY C 375 -7.03 44.47 -25.75
CA GLY C 375 -8.18 44.79 -24.91
C GLY C 375 -8.09 44.42 -23.45
N LEU C 376 -6.90 44.02 -22.97
CA LEU C 376 -6.69 43.78 -21.55
C LEU C 376 -6.52 45.14 -20.83
N PRO C 377 -6.88 45.22 -19.53
CA PRO C 377 -6.65 46.49 -18.84
C PRO C 377 -5.16 46.73 -18.68
N PRO C 378 -4.78 47.99 -18.43
CA PRO C 378 -3.38 48.37 -18.37
C PRO C 378 -2.71 47.78 -17.11
N SER C 379 -1.53 47.19 -17.28
CA SER C 379 -0.79 46.51 -16.20
C SER C 379 -1.56 45.33 -15.61
N LEU C 380 -2.54 44.82 -16.36
CA LEU C 380 -3.38 43.74 -15.88
C LEU C 380 -4.04 43.98 -14.50
N LEU C 381 -4.46 45.23 -14.25
CA LEU C 381 -5.20 45.53 -13.02
C LEU C 381 -6.47 44.71 -12.95
N GLY C 382 -6.82 44.30 -11.72
CA GLY C 382 -8.01 43.49 -11.45
C GLY C 382 -9.25 44.34 -11.23
N ASN C 383 -9.28 45.08 -10.12
CA ASN C 383 -10.46 45.88 -9.75
C ASN C 383 -10.36 47.27 -10.30
N ARG C 384 -11.04 47.50 -11.43
CA ARG C 384 -11.03 48.79 -12.10
C ARG C 384 -11.85 49.85 -11.39
N GLU C 385 -12.78 49.40 -10.54
CA GLU C 385 -13.63 50.30 -9.77
C GLU C 385 -12.81 51.08 -8.72
N ARG C 386 -11.63 50.58 -8.35
CA ARG C 386 -10.74 51.29 -7.43
C ARG C 386 -9.61 51.92 -8.20
N LYS C 387 -9.67 53.24 -8.37
CA LYS C 387 -8.76 53.93 -9.25
C LYS C 387 -7.30 54.06 -8.76
N VAL C 388 -7.03 53.75 -7.49
CA VAL C 388 -5.63 53.70 -7.03
C VAL C 388 -4.86 52.42 -7.44
N ASN C 389 -5.56 51.42 -7.99
CA ASN C 389 -4.90 50.18 -8.41
C ASN C 389 -4.05 50.42 -9.66
N MSE C 390 -2.78 50.04 -9.60
CA MSE C 390 -1.88 50.11 -10.74
C MSE C 390 -1.51 48.67 -11.16
O MSE C 390 -0.56 48.48 -11.91
CB MSE C 390 -0.60 50.88 -10.44
CG MSE C 390 -0.75 52.32 -9.98
SE MSE C 390 -1.56 53.48 -11.32
CE MSE C 390 -3.21 53.94 -10.30
N GLY C 391 -2.24 47.68 -10.63
CA GLY C 391 -2.11 46.28 -11.03
C GLY C 391 -0.73 45.64 -10.94
N LEU C 392 -0.11 45.36 -12.08
CA LEU C 392 1.14 44.59 -12.04
C LEU C 392 2.32 45.40 -12.49
N LYS C 393 2.16 46.73 -12.39
CA LYS C 393 3.16 47.65 -12.80
C LYS C 393 4.49 47.38 -12.08
N GLY C 394 4.45 47.28 -10.75
CA GLY C 394 5.66 46.97 -9.99
C GLY C 394 6.22 45.62 -10.38
N LEU C 395 5.36 44.68 -10.69
CA LEU C 395 5.88 43.35 -11.00
C LEU C 395 6.61 43.35 -12.36
N GLN C 396 6.08 44.03 -13.39
CA GLN C 396 6.81 44.28 -14.64
C GLN C 396 8.17 44.94 -14.40
N ILE C 397 8.22 46.06 -13.65
CA ILE C 397 9.48 46.75 -13.36
C ILE C 397 10.48 45.79 -12.77
N CYS C 398 10.07 45.04 -11.76
CA CYS C 398 10.91 44.00 -11.18
C CYS C 398 11.40 43.00 -12.23
N GLY C 399 10.52 42.65 -13.16
CA GLY C 399 10.86 41.70 -14.21
C GLY C 399 11.83 42.38 -15.15
N ASN C 400 11.70 43.70 -15.29
CA ASN C 400 12.58 44.52 -16.15
C ASN C 400 13.93 44.73 -15.47
N SER C 401 14.03 44.41 -14.19
CA SER C 401 15.31 44.57 -13.52
C SER C 401 16.12 43.28 -13.56
N ILE C 402 15.40 42.16 -13.65
CA ILE C 402 16.03 40.84 -13.70
C ILE C 402 16.57 40.42 -15.07
N MSE C 403 15.82 40.68 -16.14
CA MSE C 403 16.19 40.14 -17.46
C MSE C 403 17.50 40.68 -18.01
O MSE C 403 18.27 39.88 -18.56
CB MSE C 403 15.04 40.32 -18.45
CG MSE C 403 15.30 39.91 -19.85
SE MSE C 403 16.13 41.25 -20.99
CE MSE C 403 14.55 42.34 -21.34
N PRO C 404 17.74 42.02 -17.93
CA PRO C 404 19.02 42.54 -18.35
C PRO C 404 20.20 41.85 -17.62
N LEU C 405 20.06 41.57 -16.32
CA LEU C 405 21.08 40.87 -15.58
C LEU C 405 21.35 39.47 -16.17
N LEU C 406 20.30 38.75 -16.49
CA LEU C 406 20.45 37.46 -17.18
C LEU C 406 21.24 37.60 -18.50
N THR C 407 20.95 38.64 -19.30
CA THR C 407 21.69 38.80 -20.55
C THR C 407 23.15 39.13 -20.21
N PHE C 408 23.34 39.93 -19.15
CA PHE C 408 24.68 40.27 -18.65
C PHE C 408 25.48 39.03 -18.27
N TYR C 409 24.90 38.18 -17.46
CA TYR C 409 25.48 36.86 -17.20
C TYR C 409 25.66 35.97 -18.42
N GLY C 410 25.07 36.32 -19.56
CA GLY C 410 25.15 35.46 -20.77
C GLY C 410 26.45 35.72 -21.51
N ASN C 411 27.19 36.75 -21.07
CA ASN C 411 28.56 36.95 -21.48
C ASN C 411 29.40 35.72 -21.13
N SER C 412 30.52 35.56 -21.81
CA SER C 412 31.34 34.36 -21.69
C SER C 412 32.57 34.55 -20.77
N ILE C 413 33.14 33.43 -20.36
CA ILE C 413 34.33 33.46 -19.50
C ILE C 413 35.46 32.56 -20.02
N ALA C 414 35.15 31.55 -20.81
CA ALA C 414 36.17 30.61 -21.25
C ALA C 414 37.26 31.30 -22.09
N ASP C 415 36.87 32.32 -22.86
CA ASP C 415 37.83 33.15 -23.62
C ASP C 415 38.68 34.12 -22.76
N ARG C 416 38.38 34.20 -21.47
CA ARG C 416 39.10 35.12 -20.59
C ARG C 416 40.19 34.41 -19.79
N PHE C 417 40.53 33.17 -20.20
CA PHE C 417 41.58 32.42 -19.47
C PHE C 417 42.93 33.14 -19.40
N PRO C 418 43.59 33.04 -18.24
CA PRO C 418 44.93 33.57 -18.12
C PRO C 418 45.98 32.59 -18.68
N THR C 419 46.81 33.08 -19.58
CA THR C 419 47.85 32.27 -20.22
C THR C 419 49.09 32.17 -19.32
N HIS C 420 49.15 32.98 -18.28
CA HIS C 420 50.29 32.97 -17.33
C HIS C 420 50.09 32.03 -16.14
N ALA C 421 49.02 31.23 -16.19
CA ALA C 421 48.55 30.42 -15.06
C ALA C 421 49.55 29.37 -14.60
N GLU C 422 49.65 29.28 -13.26
CA GLU C 422 50.54 28.36 -12.56
C GLU C 422 51.93 28.24 -13.16
N GLN C 423 52.76 29.27 -13.02
CA GLN C 423 54.18 29.15 -13.40
C GLN C 423 54.31 28.98 -14.90
N PHE C 424 53.28 29.44 -15.63
CA PHE C 424 53.21 29.34 -17.10
C PHE C 424 53.04 27.91 -17.61
N ASN C 425 52.78 26.97 -16.73
CA ASN C 425 52.48 25.60 -17.12
C ASN C 425 51.05 25.44 -17.69
N GLN C 426 50.06 26.07 -17.07
CA GLN C 426 48.66 25.90 -17.47
C GLN C 426 48.30 27.06 -18.38
N ASN C 427 49.00 27.12 -19.49
CA ASN C 427 48.99 28.24 -20.37
C ASN C 427 47.70 28.27 -21.22
N ILE C 428 47.03 27.11 -21.40
CA ILE C 428 45.59 27.10 -21.70
C ILE C 428 44.80 26.54 -20.49
N ASN C 429 43.57 27.01 -20.29
CA ASN C 429 42.68 26.49 -19.24
C ASN C 429 41.21 26.81 -19.56
N SER C 430 40.27 26.14 -18.89
CA SER C 430 38.86 26.20 -19.28
C SER C 430 38.02 27.27 -18.57
N GLN C 431 38.45 27.65 -17.38
CA GLN C 431 37.68 28.58 -16.55
C GLN C 431 36.33 27.98 -16.20
N GLY C 432 36.23 26.67 -16.40
CA GLY C 432 34.99 25.90 -16.29
C GLY C 432 34.31 25.83 -14.94
N TYR C 433 35.10 25.95 -13.86
CA TYR C 433 34.56 25.96 -12.50
C TYR C 433 33.82 27.26 -12.19
N THR C 434 34.44 28.42 -12.41
CA THR C 434 33.69 29.65 -12.30
C THR C 434 32.61 29.83 -13.36
N SER C 435 32.79 29.24 -14.56
CA SER C 435 31.72 29.31 -15.55
C SER C 435 30.51 28.61 -15.07
N ALA C 436 30.73 27.45 -14.45
CA ALA C 436 29.68 26.59 -13.90
C ALA C 436 28.99 27.21 -12.69
N THR C 437 29.73 27.90 -11.83
CA THR C 437 29.12 28.66 -10.72
C THR C 437 28.34 29.89 -11.19
N LEU C 438 28.86 30.55 -12.21
CA LEU C 438 28.12 31.61 -12.87
C LEU C 438 26.80 31.10 -13.47
N ALA C 439 26.80 29.90 -14.02
CA ALA C 439 25.60 29.30 -14.57
C ALA C 439 24.57 28.97 -13.48
N ARG C 440 25.06 28.55 -12.30
CA ARG C 440 24.18 28.40 -11.14
C ARG C 440 23.56 29.75 -10.75
N ARG C 441 24.34 30.84 -10.75
CA ARG C 441 23.74 32.14 -10.49
C ARG C 441 22.64 32.44 -11.54
N SER C 442 22.91 32.15 -12.82
CA SER C 442 21.94 32.39 -13.88
C SER C 442 20.68 31.55 -13.73
N VAL C 443 20.81 30.26 -13.41
CA VAL C 443 19.61 29.45 -13.12
C VAL C 443 18.79 29.95 -11.90
N ASP C 444 19.46 30.25 -10.80
CA ASP C 444 18.78 30.78 -9.59
C ASP C 444 18.00 32.07 -9.85
N ILE C 445 18.56 32.92 -10.69
CA ILE C 445 17.92 34.18 -10.96
C ILE C 445 16.78 33.92 -11.94
N PHE C 446 17.00 32.95 -12.83
CA PHE C 446 15.99 32.68 -13.88
C PHE C 446 14.74 32.07 -13.26
N GLN C 447 14.94 31.33 -12.18
CA GLN C 447 13.85 30.75 -11.40
C GLN C 447 12.89 31.79 -10.84
N ASN C 448 13.44 32.88 -10.25
CA ASN C 448 12.62 34.03 -9.85
C ASN C 448 11.95 34.69 -11.05
N TYR C 449 12.74 34.93 -12.11
CA TYR C 449 12.20 35.51 -13.39
C TYR C 449 10.98 34.81 -13.92
N VAL C 450 11.10 33.50 -14.07
CA VAL C 450 10.00 32.63 -14.51
C VAL C 450 8.80 32.63 -13.55
N ALA C 451 9.05 32.61 -12.24
CA ALA C 451 7.95 32.89 -11.29
C ALA C 451 7.16 34.15 -11.70
N ILE C 452 7.87 35.21 -12.10
CA ILE C 452 7.18 36.47 -12.39
C ILE C 452 6.39 36.35 -13.69
N ALA C 453 7.02 35.70 -14.66
CA ALA C 453 6.34 35.41 -15.93
C ALA C 453 5.12 34.51 -15.75
N LEU C 454 5.14 33.63 -14.76
CA LEU C 454 3.95 32.77 -14.49
C LEU C 454 2.79 33.59 -13.95
N MSE C 455 3.13 34.56 -13.10
CA MSE C 455 2.17 35.43 -12.48
C MSE C 455 1.44 36.29 -13.48
O MSE C 455 0.20 36.36 -13.40
CB MSE C 455 2.83 36.28 -11.42
CG MSE C 455 3.19 35.42 -10.22
SE MSE C 455 4.57 36.24 -9.16
CE MSE C 455 3.57 37.76 -8.45
N PHE C 456 2.19 36.93 -14.41
CA PHE C 456 1.61 37.68 -15.57
C PHE C 456 0.71 36.79 -16.42
N GLY C 457 1.18 35.61 -16.78
CA GLY C 457 0.37 34.68 -17.56
C GLY C 457 -0.97 34.35 -16.89
N VAL C 458 -0.91 33.66 -15.76
CA VAL C 458 -2.08 33.39 -14.91
C VAL C 458 -3.04 34.61 -14.76
N GLN C 459 -2.56 35.75 -14.27
CA GLN C 459 -3.42 36.92 -14.15
C GLN C 459 -4.08 37.25 -15.49
N ALA C 460 -3.29 37.19 -16.56
CA ALA C 460 -3.75 37.57 -17.90
C ALA C 460 -4.86 36.70 -18.46
N VAL C 461 -4.73 35.38 -18.39
CA VAL C 461 -5.86 34.54 -18.82
C VAL C 461 -7.13 34.80 -18.02
N ASP C 462 -7.00 35.08 -16.71
CA ASP C 462 -8.21 35.38 -15.91
C ASP C 462 -8.92 36.58 -16.53
N LEU C 463 -8.15 37.61 -16.89
CA LEU C 463 -8.70 38.84 -17.46
C LEU C 463 -9.21 38.65 -18.90
N ARG C 464 -8.68 37.69 -19.64
CA ARG C 464 -9.18 37.45 -20.98
C ARG C 464 -10.48 36.66 -20.85
N THR C 465 -10.51 35.79 -19.83
CA THR C 465 -11.73 35.02 -19.56
C THR C 465 -12.89 35.95 -19.25
N TYR C 466 -12.66 36.92 -18.38
CA TYR C 466 -13.67 37.93 -18.09
C TYR C 466 -14.21 38.63 -19.34
N LYS C 467 -13.34 38.90 -20.30
CA LYS C 467 -13.75 39.48 -21.58
C LYS C 467 -14.65 38.54 -22.38
N LYS C 468 -14.33 37.25 -22.38
CA LYS C 468 -15.14 36.26 -23.10
C LYS C 468 -16.44 35.80 -22.38
N THR C 469 -16.41 35.71 -21.04
CA THR C 469 -17.45 34.99 -20.29
C THR C 469 -18.19 35.85 -19.27
N GLY C 470 -17.58 36.96 -18.85
CA GLY C 470 -18.11 37.77 -17.76
C GLY C 470 -17.75 37.21 -16.38
N HIS C 471 -16.71 36.36 -16.35
CA HIS C 471 -16.16 35.86 -15.08
C HIS C 471 -14.67 35.50 -15.16
N TYR C 472 -14.10 35.21 -13.99
CA TYR C 472 -12.64 35.09 -13.85
C TYR C 472 -12.13 33.66 -13.72
N ASP C 473 -13.01 32.69 -13.84
CA ASP C 473 -12.54 31.31 -13.68
C ASP C 473 -12.06 30.74 -15.01
N ALA C 474 -10.77 30.93 -15.30
CA ALA C 474 -10.17 30.53 -16.58
C ALA C 474 -10.05 29.02 -16.86
N ARG C 475 -10.27 28.20 -15.84
CA ARG C 475 -9.93 26.77 -15.96
C ARG C 475 -10.66 26.10 -17.14
N ALA C 476 -11.96 26.39 -17.31
CA ALA C 476 -12.71 25.82 -18.45
C ALA C 476 -12.25 26.33 -19.81
N SER C 477 -11.96 27.63 -19.91
CA SER C 477 -11.58 28.27 -21.18
C SER C 477 -10.16 27.97 -21.66
N LEU C 478 -9.26 27.65 -20.73
CA LEU C 478 -7.90 27.25 -21.08
C LEU C 478 -7.83 25.85 -21.71
N SER C 479 -6.76 25.62 -22.44
CA SER C 479 -6.43 24.27 -22.90
C SER C 479 -6.08 23.44 -21.68
N PRO C 480 -6.43 22.14 -21.68
CA PRO C 480 -6.07 21.23 -20.57
C PRO C 480 -4.60 21.17 -20.16
N ALA C 481 -3.67 21.41 -21.08
CA ALA C 481 -2.26 21.44 -20.69
C ALA C 481 -1.93 22.72 -19.91
N THR C 482 -2.45 23.86 -20.33
CA THR C 482 -2.17 25.08 -19.59
C THR C 482 -2.99 25.18 -18.29
N GLU C 483 -4.13 24.50 -18.24
CA GLU C 483 -4.96 24.50 -17.03
C GLU C 483 -4.24 23.82 -15.87
N ARG C 484 -3.49 22.75 -16.16
CA ARG C 484 -2.68 22.10 -15.12
C ARG C 484 -1.64 23.05 -14.52
N LEU C 485 -0.93 23.79 -15.35
CA LEU C 485 0.06 24.75 -14.88
C LEU C 485 -0.57 25.95 -14.16
N TYR C 486 -1.58 26.57 -14.78
CA TYR C 486 -2.37 27.61 -14.17
C TYR C 486 -2.83 27.17 -12.78
N SER C 487 -3.38 25.96 -12.65
CA SER C 487 -3.89 25.48 -11.37
C SER C 487 -2.80 25.04 -10.36
N ALA C 488 -1.64 24.61 -10.86
CA ALA C 488 -0.48 24.39 -10.03
C ALA C 488 0.02 25.73 -9.40
N VAL C 489 0.14 26.77 -10.21
CA VAL C 489 0.59 28.09 -9.72
C VAL C 489 -0.34 28.61 -8.65
N ARG C 490 -1.64 28.58 -8.93
CA ARG C 490 -2.64 29.06 -7.98
C ARG C 490 -2.64 28.23 -6.68
N HIS C 491 -2.27 26.96 -6.75
CA HIS C 491 -2.16 26.15 -5.54
C HIS C 491 -1.00 26.66 -4.69
N VAL C 492 0.16 26.87 -5.33
CA VAL C 492 1.41 27.27 -4.68
C VAL C 492 1.25 28.58 -3.94
N VAL C 493 0.67 29.57 -4.61
CA VAL C 493 0.56 30.92 -4.05
C VAL C 493 -0.63 30.99 -3.10
N GLY C 494 -1.52 29.99 -3.17
CA GLY C 494 -2.64 29.86 -2.21
C GLY C 494 -3.88 30.72 -2.46
N GLN C 495 -4.04 31.19 -3.71
CA GLN C 495 -5.23 31.95 -4.17
C GLN C 495 -6.00 31.10 -5.19
N LYS C 496 -7.18 30.62 -4.79
CA LYS C 496 -7.94 29.73 -5.65
C LYS C 496 -8.74 30.51 -6.71
N PRO C 497 -8.77 29.99 -7.94
CA PRO C 497 -9.66 30.43 -9.00
C PRO C 497 -11.10 30.57 -8.51
N THR C 498 -11.78 31.61 -8.97
CA THR C 498 -13.18 31.79 -8.62
C THR C 498 -13.80 32.66 -9.70
N SER C 499 -15.11 32.54 -9.86
CA SER C 499 -15.82 33.24 -10.91
C SER C 499 -15.83 34.76 -10.70
N ASP C 500 -15.99 35.21 -9.46
CA ASP C 500 -16.12 36.63 -9.12
C ASP C 500 -14.79 37.39 -9.02
N ARG C 501 -13.66 36.67 -9.01
CA ARG C 501 -12.34 37.28 -8.73
C ARG C 501 -11.18 36.73 -9.55
N PRO C 502 -10.32 37.62 -10.11
CA PRO C 502 -9.14 37.14 -10.79
C PRO C 502 -8.08 36.88 -9.77
N TYR C 503 -6.93 36.38 -10.21
CA TYR C 503 -5.78 36.09 -9.36
C TYR C 503 -5.45 37.29 -8.48
N ILE C 504 -5.31 38.49 -9.08
CA ILE C 504 -5.00 39.72 -8.33
C ILE C 504 -6.12 40.75 -8.52
N TRP C 505 -6.80 41.11 -7.43
CA TRP C 505 -7.97 41.98 -7.52
C TRP C 505 -7.59 43.41 -7.11
N ASN C 506 -7.33 43.61 -5.82
CA ASN C 506 -6.80 44.88 -5.31
C ASN C 506 -5.31 44.75 -4.96
N ASP C 507 -4.59 45.85 -5.07
CA ASP C 507 -3.14 45.84 -4.94
C ASP C 507 -2.70 45.61 -3.50
N ASN C 508 -3.59 45.92 -2.56
CA ASN C 508 -3.27 45.84 -1.12
C ASN C 508 -3.74 44.57 -0.43
N GLU C 509 -3.99 43.53 -1.23
CA GLU C 509 -4.51 42.27 -0.73
C GLU C 509 -3.45 41.18 -0.68
N GLN C 510 -2.30 41.40 -1.30
CA GLN C 510 -1.21 40.43 -1.25
C GLN C 510 0.12 41.10 -1.38
N GLY C 511 1.14 40.47 -0.80
CA GLY C 511 2.52 40.80 -1.11
C GLY C 511 2.99 40.01 -2.33
N LEU C 512 3.09 40.65 -3.50
CA LEU C 512 3.55 39.96 -4.69
C LEU C 512 4.91 39.22 -4.52
N ASP C 513 5.81 39.82 -3.77
CA ASP C 513 7.08 39.18 -3.39
C ASP C 513 6.94 37.83 -2.72
N GLU C 514 5.89 37.63 -1.92
CA GLU C 514 5.72 36.35 -1.25
C GLU C 514 5.27 35.29 -2.26
N HIS C 515 4.54 35.71 -3.29
CA HIS C 515 4.16 34.84 -4.44
C HIS C 515 5.34 34.54 -5.37
N ILE C 516 6.16 35.54 -5.65
CA ILE C 516 7.41 35.30 -6.38
C ILE C 516 8.16 34.20 -5.64
N ALA C 517 8.33 34.42 -4.34
CA ALA C 517 9.14 33.51 -3.52
C ALA C 517 8.56 32.09 -3.47
N ARG C 518 7.24 31.96 -3.33
CA ARG C 518 6.63 30.62 -3.22
C ARG C 518 6.71 29.86 -4.52
N ILE C 519 6.50 30.56 -5.62
CA ILE C 519 6.62 29.96 -6.95
C ILE C 519 8.06 29.48 -7.19
N SER C 520 9.03 30.37 -6.94
CA SER C 520 10.44 30.00 -7.15
C SER C 520 10.83 28.78 -6.36
N ALA C 521 10.43 28.76 -5.08
CA ALA C 521 10.74 27.64 -4.20
C ALA C 521 10.11 26.36 -4.72
N ASP C 522 8.91 26.44 -5.27
CA ASP C 522 8.22 25.23 -5.75
C ASP C 522 8.96 24.69 -6.98
N ILE C 523 9.44 25.59 -7.83
CA ILE C 523 10.22 25.22 -9.01
C ILE C 523 11.53 24.52 -8.59
N ALA C 524 12.29 25.16 -7.70
CA ALA C 524 13.51 24.59 -7.13
C ALA C 524 13.33 23.19 -6.50
N ALA C 525 12.20 22.96 -5.83
CA ALA C 525 11.94 21.67 -5.18
C ALA C 525 11.28 20.60 -6.07
N GLY C 526 10.92 20.96 -7.30
CA GLY C 526 10.31 19.99 -8.19
C GLY C 526 8.86 19.80 -7.81
N GLY C 527 8.24 20.88 -7.35
CA GLY C 527 6.86 20.84 -6.86
C GLY C 527 5.76 20.51 -7.88
N VAL C 528 4.61 21.15 -7.72
CA VAL C 528 3.47 20.85 -8.61
C VAL C 528 3.57 21.61 -9.96
N ILE C 529 4.28 22.73 -9.96
CA ILE C 529 4.52 23.51 -11.16
C ILE C 529 5.41 22.72 -12.14
N VAL C 530 6.42 22.04 -11.58
CA VAL C 530 7.32 21.23 -12.38
C VAL C 530 6.62 19.98 -12.94
N GLN C 531 5.80 19.33 -12.11
CA GLN C 531 5.03 18.15 -12.49
C GLN C 531 3.98 18.47 -13.55
N ALA C 532 3.39 19.65 -13.48
CA ALA C 532 2.43 20.11 -14.48
C ALA C 532 2.97 20.09 -15.91
N VAL C 533 4.30 20.19 -16.06
CA VAL C 533 4.94 20.14 -17.37
C VAL C 533 5.86 18.91 -17.54
N GLN C 534 5.55 17.84 -16.80
CA GLN C 534 6.17 16.51 -16.96
C GLN C 534 6.17 16.04 -18.41
N ASP C 535 5.03 16.18 -19.08
CA ASP C 535 4.82 15.62 -20.43
C ASP C 535 5.71 16.27 -21.51
N ILE C 536 6.36 17.39 -21.18
CA ILE C 536 7.26 18.13 -22.11
C ILE C 536 8.72 17.61 -22.00
N LEU C 537 9.13 17.28 -20.78
CA LEU C 537 10.48 16.80 -20.51
C LEU C 537 10.75 15.40 -21.10
N ASN D 1 8.46 0.17 9.63
CA ASN D 1 8.00 -0.99 10.45
C ASN D 1 7.43 -0.67 11.82
N VAL D 2 6.60 0.39 11.89
CA VAL D 2 5.71 0.64 13.04
C VAL D 2 4.23 0.81 12.58
N ILE D 3 3.45 -0.24 12.76
CA ILE D 3 2.03 -0.27 12.43
C ILE D 3 1.20 0.14 13.63
N ILE D 4 0.41 1.20 13.44
CA ILE D 4 -0.43 1.79 14.48
C ILE D 4 -1.82 1.18 14.41
N GLY D 5 -2.28 0.59 15.51
CA GLY D 5 -3.67 0.11 15.58
C GLY D 5 -3.89 -1.31 16.04
N ASN D 6 -3.19 -2.28 15.47
CA ASN D 6 -3.40 -3.66 15.89
C ASN D 6 -2.80 -3.93 17.28
N GLN D 7 -1.46 -4.07 17.33
CA GLN D 7 -0.76 -4.45 18.57
C GLN D 7 -0.24 -3.24 19.37
N LYS D 8 0.07 -3.50 20.63
CA LYS D 8 0.47 -2.44 21.54
C LYS D 8 1.83 -1.87 21.16
N LEU D 9 1.99 -0.57 21.39
CA LEU D 9 3.26 0.09 21.16
C LEU D 9 4.12 -0.10 22.39
N THR D 10 5.41 -0.32 22.18
CA THR D 10 6.37 -0.36 23.28
C THR D 10 7.04 1.01 23.41
N ILE D 11 7.78 1.23 24.49
CA ILE D 11 8.62 2.44 24.58
C ILE D 11 9.69 2.45 23.46
N ASN D 12 10.20 1.27 23.11
CA ASN D 12 11.15 1.11 22.02
C ASN D 12 10.54 1.55 20.67
N ASP D 13 9.29 1.18 20.40
CA ASP D 13 8.63 1.62 19.16
C ASP D 13 8.57 3.15 19.14
N VAL D 14 8.01 3.75 20.20
CA VAL D 14 7.94 5.21 20.31
C VAL D 14 9.28 5.98 20.15
N ALA D 15 10.34 5.46 20.78
CA ALA D 15 11.67 6.03 20.65
C ALA D 15 12.13 6.03 19.18
N ARG D 16 11.96 4.88 18.52
CA ARG D 16 12.36 4.70 17.12
C ARG D 16 11.61 5.61 16.14
N VAL D 17 10.29 5.74 16.29
CA VAL D 17 9.55 6.70 15.46
C VAL D 17 10.00 8.15 15.76
N ALA D 18 10.08 8.49 17.04
CA ALA D 18 10.39 9.87 17.46
C ALA D 18 11.79 10.34 17.10
N ARG D 19 12.80 9.51 17.39
CA ARG D 19 14.23 9.89 17.27
C ARG D 19 14.85 9.43 15.96
N ASN D 20 14.42 8.26 15.47
CA ASN D 20 15.05 7.62 14.32
C ASN D 20 14.30 7.82 13.01
N GLY D 21 13.09 8.37 13.11
CA GLY D 21 12.29 8.71 11.94
C GLY D 21 11.75 7.47 11.25
N THR D 22 11.70 6.37 12.01
CA THR D 22 11.08 5.13 11.52
C THR D 22 9.71 5.46 10.92
N LEU D 23 9.48 5.00 9.70
CA LEU D 23 8.20 5.18 9.03
C LEU D 23 7.11 4.55 9.88
N VAL D 24 5.91 5.10 9.75
CA VAL D 24 4.77 4.64 10.49
C VAL D 24 3.65 4.29 9.51
N SER D 25 2.73 3.43 9.94
CA SER D 25 1.61 3.01 9.09
C SER D 25 0.35 2.73 9.93
N LEU D 26 -0.78 3.33 9.57
CA LEU D 26 -2.07 2.97 10.17
C LEU D 26 -2.43 1.58 9.70
N THR D 27 -3.08 0.79 10.55
CA THR D 27 -3.50 -0.56 10.15
C THR D 27 -4.63 -0.53 9.09
N ASN D 28 -4.72 -1.58 8.29
CA ASN D 28 -5.76 -1.76 7.28
C ASN D 28 -6.91 -2.62 7.83
N ASN D 29 -6.62 -3.32 8.92
CA ASN D 29 -7.57 -4.17 9.63
C ASN D 29 -9.02 -3.69 9.52
N THR D 30 -9.92 -4.54 9.00
CA THR D 30 -11.32 -4.15 8.84
C THR D 30 -12.06 -3.99 10.16
N ASP D 31 -11.72 -4.78 11.17
CA ASP D 31 -12.31 -4.66 12.52
C ASP D 31 -12.03 -3.26 13.15
N ILE D 32 -10.77 -2.84 13.10
CA ILE D 32 -10.32 -1.56 13.68
C ILE D 32 -10.96 -0.38 12.93
N LEU D 33 -10.91 -0.44 11.61
CA LEU D 33 -11.40 0.65 10.79
C LEU D 33 -12.90 0.87 10.92
N GLN D 34 -13.66 -0.22 11.09
CA GLN D 34 -15.10 -0.13 11.42
C GLN D 34 -15.44 0.60 12.74
N GLY D 35 -14.66 0.35 13.79
CA GLY D 35 -14.83 1.02 15.08
C GLY D 35 -14.60 2.53 14.93
N ILE D 36 -13.62 2.88 14.11
CA ILE D 36 -13.30 4.29 13.85
C ILE D 36 -14.50 4.92 13.13
N GLN D 37 -15.04 4.19 12.15
CA GLN D 37 -16.21 4.62 11.39
C GLN D 37 -17.49 4.65 12.25
N ALA D 38 -17.72 3.61 13.03
CA ALA D 38 -18.93 3.51 13.86
C ALA D 38 -19.06 4.62 14.90
N SER D 39 -17.95 5.02 15.53
CA SER D 39 -18.01 6.07 16.57
C SER D 39 -18.21 7.44 15.92
N CYS D 40 -17.66 7.56 14.72
CA CYS D 40 -17.85 8.67 13.80
C CYS D 40 -19.34 8.84 13.43
N ASP D 41 -19.97 7.75 12.99
CA ASP D 41 -21.40 7.77 12.73
C ASP D 41 -22.16 8.05 14.03
N TYR D 42 -21.79 7.38 15.13
CA TYR D 42 -22.54 7.57 16.37
C TYR D 42 -22.61 9.05 16.75
N ILE D 43 -21.46 9.73 16.66
CA ILE D 43 -21.38 11.11 17.11
C ILE D 43 -22.11 12.03 16.14
N ASN D 44 -22.06 11.76 14.85
CA ASN D 44 -22.83 12.62 13.95
C ASN D 44 -24.34 12.41 14.02
N ASN D 45 -24.78 11.19 14.30
CA ASN D 45 -26.19 10.91 14.63
C ASN D 45 -26.63 11.56 15.96
N ALA D 46 -25.84 11.42 17.02
CA ALA D 46 -26.23 11.98 18.33
C ALA D 46 -26.37 13.50 18.30
N VAL D 47 -25.46 14.16 17.58
CA VAL D 47 -25.47 15.62 17.47
C VAL D 47 -26.66 16.10 16.62
N GLU D 48 -26.98 15.37 15.55
CA GLU D 48 -28.11 15.75 14.70
C GLU D 48 -29.42 15.58 15.46
N SER D 49 -29.47 14.58 16.34
CA SER D 49 -30.65 14.33 17.19
C SER D 49 -30.66 15.20 18.47
N GLY D 50 -29.72 16.15 18.54
CA GLY D 50 -29.65 17.16 19.62
C GLY D 50 -29.32 16.69 21.03
N GLU D 51 -28.71 15.51 21.15
CA GLU D 51 -28.39 14.95 22.47
C GLU D 51 -27.33 15.77 23.24
N PRO D 52 -27.51 15.93 24.56
CA PRO D 52 -26.55 16.75 25.31
C PRO D 52 -25.29 15.95 25.64
N ILE D 53 -24.16 16.44 25.18
CA ILE D 53 -22.89 15.76 25.38
C ILE D 53 -21.80 16.79 25.65
N TYR D 54 -20.96 16.49 26.65
CA TYR D 54 -19.96 17.43 27.11
C TYR D 54 -18.96 17.80 26.01
N GLY D 55 -18.66 19.08 25.89
CA GLY D 55 -17.66 19.56 24.94
C GLY D 55 -18.07 19.32 23.49
N VAL D 56 -19.34 19.02 23.27
CA VAL D 56 -19.87 18.75 21.94
C VAL D 56 -21.21 19.48 21.81
N THR D 57 -22.10 19.25 22.78
CA THR D 57 -23.32 20.08 22.94
C THR D 57 -23.23 20.98 24.19
N SER D 58 -22.01 21.21 24.67
CA SER D 58 -21.67 22.21 25.73
C SER D 58 -20.31 22.75 25.28
N GLY D 59 -19.73 23.83 25.81
CA GLY D 59 -19.64 24.21 27.20
C GLY D 59 -18.41 23.43 27.69
N PHE D 60 -17.22 24.06 27.79
CA PHE D 60 -16.00 23.37 28.24
C PHE D 60 -15.64 23.70 29.67
N GLY D 61 -15.16 22.69 30.40
CA GLY D 61 -14.77 22.86 31.80
C GLY D 61 -15.78 23.55 32.71
N GLY D 62 -15.36 24.67 33.30
CA GLY D 62 -16.18 25.45 34.24
C GLY D 62 -17.34 26.20 33.63
N MSE D 63 -17.46 26.13 32.30
CA MSE D 63 -18.55 26.76 31.54
C MSE D 63 -19.31 25.70 30.75
O MSE D 63 -19.93 25.99 29.72
CB MSE D 63 -18.02 27.82 30.59
CG MSE D 63 -17.31 28.96 31.31
SE MSE D 63 -16.41 30.07 30.01
CE MSE D 63 -17.98 30.84 29.06
N ALA D 64 -19.23 24.47 31.25
CA ALA D 64 -20.04 23.36 30.77
C ALA D 64 -21.48 23.48 31.28
N ASN D 65 -21.81 24.64 31.82
CA ASN D 65 -23.20 24.95 32.15
C ASN D 65 -23.88 25.59 30.94
N VAL D 66 -23.10 25.81 29.88
CA VAL D 66 -23.58 26.43 28.64
C VAL D 66 -24.03 25.35 27.66
N ALA D 67 -25.30 25.38 27.28
CA ALA D 67 -25.83 24.53 26.22
C ALA D 67 -25.39 25.08 24.87
N ILE D 68 -24.87 24.25 23.99
CA ILE D 68 -24.71 24.73 22.61
C ILE D 68 -25.43 23.81 21.64
N SER D 69 -26.16 24.41 20.70
CA SER D 69 -26.96 23.67 19.71
C SER D 69 -26.11 23.13 18.56
N ARG D 70 -26.70 22.20 17.81
CA ARG D 70 -26.06 21.54 16.68
C ARG D 70 -25.61 22.53 15.60
N GLU D 71 -26.30 23.67 15.54
CA GLU D 71 -25.97 24.71 14.55
C GLU D 71 -24.70 25.48 14.90
N GLN D 72 -24.21 25.40 16.14
CA GLN D 72 -22.82 25.85 16.40
C GLN D 72 -21.84 24.77 16.90
N ALA D 73 -22.17 23.50 16.67
CA ALA D 73 -21.37 22.39 17.17
C ALA D 73 -19.98 22.39 16.54
N SER D 74 -19.95 22.67 15.23
CA SER D 74 -18.72 22.77 14.47
C SER D 74 -17.88 24.00 14.87
N GLU D 75 -18.51 25.17 14.93
CA GLU D 75 -17.89 26.41 15.37
C GLU D 75 -17.22 26.24 16.74
N LEU D 76 -17.90 25.57 17.67
CA LEU D 76 -17.36 25.28 19.01
C LEU D 76 -15.95 24.69 18.95
N GLN D 77 -15.81 23.61 18.15
CA GLN D 77 -14.55 22.86 17.98
C GLN D 77 -13.41 23.66 17.37
N THR D 78 -13.74 24.45 16.37
CA THR D 78 -12.82 25.34 15.69
C THR D 78 -12.34 26.41 16.68
N ASN D 79 -13.26 26.96 17.48
CA ASN D 79 -12.89 28.00 18.46
C ASN D 79 -12.07 27.48 19.65
N LEU D 80 -12.11 26.15 19.84
CA LEU D 80 -11.35 25.49 20.92
C LEU D 80 -9.85 25.62 20.63
N VAL D 81 -9.46 25.42 19.38
CA VAL D 81 -8.08 25.60 18.97
C VAL D 81 -7.62 27.02 19.35
N TRP D 82 -8.47 28.01 19.11
CA TRP D 82 -8.08 29.41 19.26
C TRP D 82 -7.89 29.86 20.71
N PHE D 83 -8.78 29.47 21.61
CA PHE D 83 -8.69 29.98 22.98
C PHE D 83 -7.64 29.23 23.77
N LEU D 84 -7.20 28.08 23.24
CA LEU D 84 -6.10 27.27 23.75
C LEU D 84 -4.72 27.64 23.24
N LYS D 85 -4.64 28.59 22.31
CA LYS D 85 -3.34 29.00 21.77
C LYS D 85 -2.63 29.99 22.71
N THR D 86 -2.35 29.52 23.92
CA THR D 86 -1.72 30.31 24.96
C THR D 86 -0.47 29.65 25.52
N GLY D 87 0.35 29.02 24.67
CA GLY D 87 1.57 28.39 25.11
C GLY D 87 2.62 29.43 25.42
N ALA D 88 3.57 29.08 26.28
CA ALA D 88 4.67 29.98 26.62
C ALA D 88 5.97 29.23 26.84
N GLY D 89 7.08 29.96 26.85
CA GLY D 89 8.40 29.40 27.13
C GLY D 89 9.13 28.83 25.92
N ASN D 90 10.17 28.06 26.20
CA ASN D 90 10.92 27.35 25.16
C ASN D 90 10.06 26.28 24.47
N LYS D 91 10.49 25.82 23.30
CA LYS D 91 9.75 24.82 22.57
C LYS D 91 10.17 23.43 23.01
N LEU D 92 9.30 22.45 22.79
CA LEU D 92 9.67 21.05 22.94
C LEU D 92 10.67 20.65 21.87
N PRO D 93 11.67 19.80 22.25
CA PRO D 93 12.43 19.06 21.23
C PRO D 93 11.45 18.34 20.30
N LEU D 94 11.78 18.28 19.01
CA LEU D 94 10.88 17.76 17.98
C LEU D 94 10.52 16.28 18.15
N ALA D 95 11.45 15.50 18.70
CA ALA D 95 11.23 14.08 18.96
C ALA D 95 10.07 13.86 19.95
N ASP D 96 9.89 14.81 20.85
CA ASP D 96 8.79 14.74 21.80
C ASP D 96 7.46 15.10 21.17
N VAL D 97 7.48 15.98 20.18
CA VAL D 97 6.26 16.28 19.43
C VAL D 97 5.83 15.10 18.49
N ARG D 98 6.83 14.40 17.91
CA ARG D 98 6.62 13.19 17.09
C ARG D 98 6.02 12.07 17.92
N ALA D 99 6.58 11.83 19.10
CA ALA D 99 6.07 10.81 20.01
C ALA D 99 4.62 11.09 20.35
N ALA D 100 4.32 12.34 20.69
CA ALA D 100 2.97 12.78 21.01
C ALA D 100 1.97 12.50 19.88
N MSE D 101 2.39 12.70 18.62
CA MSE D 101 1.55 12.46 17.44
C MSE D 101 1.30 10.96 17.23
O MSE D 101 0.18 10.55 16.90
CB MSE D 101 2.17 13.07 16.19
CG MSE D 101 1.87 14.56 16.00
SE MSE D 101 2.34 15.43 14.29
CE MSE D 101 4.21 14.85 14.16
N LEU D 102 2.35 10.17 17.46
CA LEU D 102 2.26 8.72 17.43
C LEU D 102 1.22 8.18 18.43
N LEU D 103 1.24 8.73 19.63
CA LEU D 103 0.34 8.26 20.69
C LEU D 103 -1.08 8.70 20.45
N ARG D 104 -1.27 9.96 20.07
CA ARG D 104 -2.60 10.49 19.77
C ARG D 104 -3.28 9.68 18.67
N ALA D 105 -2.53 9.33 17.63
CA ALA D 105 -3.02 8.46 16.54
C ALA D 105 -3.36 7.06 17.05
N ASN D 106 -2.42 6.43 17.78
CA ASN D 106 -2.70 5.20 18.56
C ASN D 106 -3.98 5.28 19.37
N SER D 107 -4.16 6.37 20.12
CA SER D 107 -5.35 6.56 20.96
C SER D 107 -6.63 6.50 20.12
N HIS D 108 -6.65 7.28 19.04
CA HIS D 108 -7.78 7.43 18.14
C HIS D 108 -8.20 6.15 17.41
N MSE D 109 -7.21 5.31 17.08
CA MSE D 109 -7.42 4.04 16.37
C MSE D 109 -8.25 3.07 17.15
O MSE D 109 -8.81 2.15 16.57
CB MSE D 109 -6.09 3.36 16.04
CG MSE D 109 -5.17 4.15 15.14
SE MSE D 109 -5.79 4.22 13.28
CE MSE D 109 -5.28 2.44 12.70
N ARG D 110 -8.30 3.24 18.48
CA ARG D 110 -9.03 2.30 19.35
C ARG D 110 -10.54 2.42 19.18
N GLY D 111 -10.97 3.43 18.43
CA GLY D 111 -12.36 3.58 18.00
C GLY D 111 -13.40 4.11 18.98
N ALA D 112 -13.00 4.88 19.99
CA ALA D 112 -13.97 5.39 20.97
C ALA D 112 -14.07 6.92 21.00
N SER D 113 -13.54 7.57 19.97
CA SER D 113 -13.34 8.99 20.05
C SER D 113 -14.18 9.79 19.04
N GLY D 114 -14.67 9.10 18.00
CA GLY D 114 -15.57 9.70 17.02
C GLY D 114 -14.86 10.69 16.13
N ILE D 115 -13.58 10.44 15.86
CA ILE D 115 -12.79 11.24 14.94
C ILE D 115 -12.62 10.56 13.57
N ARG D 116 -12.69 11.37 12.52
CA ARG D 116 -12.55 10.91 11.13
C ARG D 116 -11.18 10.30 10.90
N LEU D 117 -11.15 9.13 10.25
CA LEU D 117 -9.91 8.47 9.85
C LEU D 117 -8.94 9.44 9.18
N GLU D 118 -9.49 10.43 8.46
CA GLU D 118 -8.68 11.35 7.65
C GLU D 118 -7.78 12.28 8.49
N LEU D 119 -8.23 12.60 9.70
CA LEU D 119 -7.46 13.45 10.60
C LEU D 119 -6.40 12.63 11.34
N ILE D 120 -6.68 11.35 11.57
CA ILE D 120 -5.68 10.40 12.07
C ILE D 120 -4.63 10.14 10.98
N LYS D 121 -5.11 9.99 9.74
CA LYS D 121 -4.24 9.87 8.56
C LYS D 121 -3.28 11.05 8.47
N ARG D 122 -3.82 12.25 8.67
CA ARG D 122 -3.04 13.50 8.67
C ARG D 122 -1.79 13.42 9.53
N MSE D 123 -1.88 12.73 10.65
CA MSE D 123 -0.74 12.53 11.55
C MSE D 123 0.27 11.48 11.07
O MSE D 123 1.45 11.60 11.36
CB MSE D 123 -1.23 12.15 12.94
CG MSE D 123 -1.85 13.31 13.66
SE MSE D 123 -2.52 12.80 15.41
CE MSE D 123 -4.36 12.44 14.96
N GLU D 124 -0.21 10.44 10.38
CA GLU D 124 0.69 9.49 9.75
C GLU D 124 1.56 10.27 8.75
N ILE D 125 0.90 11.09 7.94
CA ILE D 125 1.57 11.87 6.89
C ILE D 125 2.60 12.83 7.46
N PHE D 126 2.23 13.56 8.51
CA PHE D 126 3.18 14.46 9.17
C PHE D 126 4.37 13.68 9.74
N LEU D 127 4.09 12.52 10.33
CA LEU D 127 5.16 11.72 10.90
C LEU D 127 6.15 11.23 9.84
N ASN D 128 5.63 10.65 8.76
CA ASN D 128 6.49 10.10 7.70
C ASN D 128 7.16 11.14 6.79
N ALA D 129 6.65 12.37 6.77
CA ALA D 129 7.21 13.42 5.90
C ALA D 129 8.15 14.27 6.68
N GLY D 130 8.18 14.03 8.00
CA GLY D 130 9.03 14.83 8.88
C GLY D 130 8.54 16.25 9.06
N VAL D 131 7.22 16.42 9.20
CA VAL D 131 6.64 17.72 9.53
C VAL D 131 6.28 17.68 11.01
N THR D 132 6.81 18.62 11.81
CA THR D 132 6.65 18.61 13.26
C THR D 132 6.17 19.95 13.80
N PRO D 133 4.90 20.02 14.24
CA PRO D 133 4.45 21.29 14.80
C PRO D 133 5.34 21.80 15.95
N TYR D 134 5.57 23.11 16.03
CA TYR D 134 6.13 23.70 17.24
C TYR D 134 5.14 23.65 18.43
N VAL D 135 5.65 23.32 19.61
CA VAL D 135 4.82 23.10 20.82
C VAL D 135 5.62 23.66 22.01
N TYR D 136 4.96 24.38 22.90
CA TYR D 136 5.67 25.11 23.94
C TYR D 136 5.68 24.32 25.26
N GLU D 137 6.70 24.57 26.09
CA GLU D 137 6.93 23.82 27.32
C GLU D 137 5.92 24.13 28.43
N PHE D 138 5.29 25.30 28.37
CA PHE D 138 4.23 25.71 29.32
C PHE D 138 2.86 25.74 28.66
N GLY D 139 1.85 25.40 29.45
CA GLY D 139 0.46 25.48 29.00
C GLY D 139 -0.45 24.35 29.44
N SER D 140 0.11 23.24 29.90
CA SER D 140 -0.70 22.14 30.36
C SER D 140 -0.46 21.79 31.81
N ILE D 141 -1.54 21.52 32.54
CA ILE D 141 -1.44 20.98 33.89
C ILE D 141 -1.72 19.46 33.96
N GLY D 142 -1.78 18.79 32.82
CA GLY D 142 -1.84 17.34 32.80
C GLY D 142 -3.17 16.75 33.29
N1 MDO D 143 -4.01 17.55 32.62
CA1 MDO D 143 -5.38 17.05 32.79
C1 MDO D 143 -6.28 17.37 31.64
CB MDO D 143 -5.96 17.65 34.06
N2 MDO D 143 -7.51 17.95 31.77
CA2 MDO D 143 -8.09 18.07 30.55
C2 MDO D 143 -7.13 17.55 29.70
O2 MDO D 143 -7.27 17.47 28.22
CB2 MDO D 143 -9.46 18.65 30.22
N3 MDO D 143 -6.05 17.12 30.31
CA3 MDO D 143 -4.86 16.55 29.62
C3 MDO D 143 -3.92 17.70 29.32
O3 MDO D 143 -4.14 18.81 29.80
N ASP D 144 -3.56 17.57 28.04
CA ASP D 144 -2.61 18.45 27.30
C ASP D 144 -3.29 19.28 26.22
N LEU D 145 -4.44 19.87 26.59
CA LEU D 145 -5.25 20.67 25.70
C LEU D 145 -4.44 21.66 24.90
N VAL D 146 -3.66 22.49 25.61
CA VAL D 146 -2.99 23.60 24.94
C VAL D 146 -1.87 23.13 24.00
N PRO D 147 -0.98 22.22 24.48
CA PRO D 147 0.08 21.74 23.61
C PRO D 147 -0.50 21.08 22.36
N LEU D 148 -1.57 20.29 22.55
CA LEU D 148 -2.16 19.56 21.41
C LEU D 148 -2.99 20.47 20.52
N SER D 149 -3.30 21.66 20.99
CA SER D 149 -3.97 22.65 20.16
C SER D 149 -3.01 23.17 19.09
N TYR D 150 -1.71 23.21 19.39
CA TYR D 150 -0.71 23.55 18.39
C TYR D 150 -0.54 22.42 17.36
N ILE D 151 -0.69 21.18 17.81
CA ILE D 151 -0.66 20.06 16.86
C ILE D 151 -1.88 20.07 15.93
N THR D 152 -3.07 20.25 16.50
CA THR D 152 -4.34 20.34 15.75
C THR D 152 -4.39 21.52 14.78
N GLY D 153 -4.08 22.73 15.26
CA GLY D 153 -3.96 23.89 14.40
C GLY D 153 -3.02 23.64 13.22
N SER D 154 -1.86 23.07 13.49
CA SER D 154 -0.94 22.76 12.42
C SER D 154 -1.46 21.67 11.45
N LEU D 155 -1.99 20.57 11.96
CA LEU D 155 -2.53 19.47 11.14
C LEU D 155 -3.67 19.86 10.21
N ILE D 156 -4.52 20.79 10.62
CA ILE D 156 -5.66 21.21 9.79
C ILE D 156 -5.36 22.50 9.05
N GLY D 157 -4.21 23.09 9.34
CA GLY D 157 -3.78 24.30 8.67
C GLY D 157 -4.68 25.49 8.96
N LEU D 158 -5.12 25.59 10.20
CA LEU D 158 -6.05 26.63 10.65
C LEU D 158 -5.56 28.08 10.41
N ASP D 159 -4.28 28.34 10.60
CA ASP D 159 -3.79 29.70 10.55
C ASP D 159 -2.28 29.74 10.25
N PRO D 160 -1.80 30.84 9.62
CA PRO D 160 -0.35 31.02 9.42
C PRO D 160 0.45 31.21 10.70
N SER D 161 -0.23 31.43 11.83
CA SER D 161 0.47 31.69 13.10
C SER D 161 0.98 30.40 13.73
N PHE D 162 0.39 29.27 13.32
CA PHE D 162 0.82 27.93 13.71
C PHE D 162 2.02 27.56 12.87
N LYS D 163 3.17 27.38 13.52
CA LYS D 163 4.43 27.09 12.84
C LYS D 163 4.83 25.63 13.00
N VAL D 164 5.42 25.07 11.94
CA VAL D 164 5.96 23.71 11.98
C VAL D 164 7.45 23.72 11.67
N ASP D 165 8.10 22.60 11.93
CA ASP D 165 9.38 22.23 11.33
C ASP D 165 9.09 21.24 10.20
N PHE D 166 9.55 21.57 9.00
CA PHE D 166 9.45 20.69 7.84
C PHE D 166 10.90 20.35 7.47
N ASN D 167 11.37 19.20 7.96
CA ASN D 167 12.72 18.71 7.70
C ASN D 167 13.87 19.71 7.88
N GLY D 168 13.80 20.50 8.94
CA GLY D 168 14.89 21.41 9.31
C GLY D 168 14.51 22.84 9.05
N LYS D 169 13.51 23.03 8.20
CA LYS D 169 13.07 24.34 7.79
C LYS D 169 11.80 24.73 8.56
N GLU D 170 11.78 25.93 9.12
CA GLU D 170 10.55 26.48 9.69
C GLU D 170 9.69 27.07 8.59
N MSE D 171 8.40 26.77 8.65
CA MSE D 171 7.41 27.39 7.79
C MSE D 171 6.08 27.32 8.53
O MSE D 171 5.98 26.62 9.55
CB MSE D 171 7.31 26.65 6.46
CG MSE D 171 6.85 25.22 6.54
SE MSE D 171 6.86 24.39 4.77
CE MSE D 171 8.73 24.71 4.25
N ASP D 172 5.08 28.04 8.04
CA ASP D 172 3.78 27.97 8.66
C ASP D 172 3.02 26.70 8.23
N ALA D 173 1.97 26.36 8.97
CA ALA D 173 1.21 25.13 8.73
C ALA D 173 0.47 25.16 7.39
N PRO D 174 -0.24 26.25 7.06
CA PRO D 174 -0.89 26.27 5.74
C PRO D 174 0.12 26.12 4.58
N THR D 175 1.29 26.72 4.69
CA THR D 175 2.36 26.52 3.71
C THR D 175 2.81 25.06 3.63
N ALA D 176 2.94 24.41 4.80
CA ALA D 176 3.38 23.02 4.91
C ALA D 176 2.40 22.09 4.25
N LEU D 177 1.09 22.28 4.48
CA LEU D 177 0.07 21.46 3.82
C LEU D 177 -0.02 21.73 2.32
N ARG D 178 0.35 22.94 1.87
CA ARG D 178 0.35 23.23 0.44
C ARG D 178 1.37 22.33 -0.24
N GLN D 179 2.53 22.20 0.40
CA GLN D 179 3.64 21.37 -0.09
C GLN D 179 3.32 19.87 -0.10
N LEU D 180 2.62 19.41 0.94
CA LEU D 180 2.24 18.00 1.07
C LEU D 180 1.06 17.71 0.16
N ASN D 181 0.56 18.75 -0.50
CA ASN D 181 -0.67 18.66 -1.31
C ASN D 181 -1.92 18.28 -0.53
N LEU D 182 -2.05 18.92 0.63
CA LEU D 182 -3.17 18.67 1.52
C LEU D 182 -4.04 19.90 1.64
N SER D 183 -5.34 19.66 1.58
CA SER D 183 -6.34 20.70 1.75
C SER D 183 -6.58 20.90 3.25
N PRO D 184 -6.73 22.16 3.70
CA PRO D 184 -7.02 22.40 5.12
C PRO D 184 -8.28 21.63 5.55
N LEU D 185 -8.38 21.28 6.83
CA LEU D 185 -9.59 20.60 7.29
C LEU D 185 -10.46 21.48 8.19
N THR D 186 -11.75 21.15 8.24
CA THR D 186 -12.68 21.79 9.14
C THR D 186 -13.08 20.70 10.12
N LEU D 187 -12.89 20.99 11.40
CA LEU D 187 -13.27 20.07 12.47
C LEU D 187 -14.79 20.00 12.64
N LEU D 188 -15.31 18.78 12.62
CA LEU D 188 -16.70 18.50 12.89
C LEU D 188 -16.87 18.29 14.42
N PRO D 189 -18.13 18.27 14.91
CA PRO D 189 -18.37 18.11 16.35
C PRO D 189 -17.56 17.03 17.04
N LYS D 190 -17.00 17.42 18.20
CA LYS D 190 -16.14 16.60 19.07
C LYS D 190 -14.67 16.50 18.59
N GLU D 191 -14.39 16.88 17.34
CA GLU D 191 -13.11 16.50 16.73
C GLU D 191 -11.94 17.25 17.30
N GLY D 192 -12.17 18.52 17.60
CA GLY D 192 -11.18 19.33 18.31
C GLY D 192 -10.90 18.79 19.70
N LEU D 193 -11.96 18.50 20.44
CA LEU D 193 -11.85 17.90 21.76
C LEU D 193 -11.13 16.56 21.71
N ALA D 194 -11.50 15.70 20.75
CA ALA D 194 -10.82 14.41 20.57
C ALA D 194 -9.33 14.58 20.21
N MSE D 195 -9.01 15.62 19.43
CA MSE D 195 -7.62 15.96 19.13
C MSE D 195 -6.86 16.47 20.35
O MSE D 195 -5.65 16.25 20.44
CB MSE D 195 -7.52 16.97 17.98
CG MSE D 195 -7.61 16.41 16.56
SE MSE D 195 -6.24 15.08 16.05
CE MSE D 195 -4.64 16.04 16.66
N MSE D 196 -7.53 17.16 21.25
CA MSE D 196 -6.79 17.91 22.30
C MSE D 196 -6.93 17.38 23.73
O MSE D 196 -6.19 17.81 24.63
CB MSE D 196 -7.14 19.40 22.24
CG MSE D 196 -6.78 20.01 20.89
SE MSE D 196 -7.49 21.78 20.52
CE MSE D 196 -8.99 21.28 19.39
N ASN D 197 -7.83 16.43 23.95
CA ASN D 197 -8.26 16.06 25.31
C ASN D 197 -7.62 14.76 25.77
N GLY D 198 -6.30 14.70 25.74
CA GLY D 198 -5.59 13.53 26.20
C GLY D 198 -4.24 13.84 26.82
N THR D 199 -3.49 12.77 27.02
CA THR D 199 -2.22 12.78 27.73
C THR D 199 -1.04 12.48 26.79
N SER D 200 -1.26 12.61 25.48
CA SER D 200 -0.29 12.11 24.49
C SER D 200 1.08 12.81 24.48
N VAL D 201 1.09 14.14 24.64
CA VAL D 201 2.34 14.90 24.71
C VAL D 201 3.22 14.60 25.97
N MSE D 202 2.64 14.79 27.15
CA MSE D 202 3.31 14.41 28.40
C MSE D 202 3.74 12.94 28.40
O MSE D 202 4.86 12.62 28.80
CB MSE D 202 2.46 14.77 29.62
CG MSE D 202 1.10 14.11 29.68
SE MSE D 202 0.15 14.26 31.40
CE MSE D 202 1.42 13.38 32.52
N THR D 203 2.87 12.03 27.94
CA THR D 203 3.26 10.61 27.87
C THR D 203 4.34 10.44 26.81
N GLY D 204 4.26 11.25 25.75
CA GLY D 204 5.28 11.28 24.73
C GLY D 204 6.62 11.67 25.30
N ILE D 205 6.66 12.83 25.95
CA ILE D 205 7.87 13.28 26.58
C ILE D 205 8.40 12.19 27.51
N ALA D 206 7.51 11.67 28.36
CA ALA D 206 7.81 10.65 29.36
C ALA D 206 8.36 9.33 28.79
N ALA D 207 7.80 8.85 27.69
CA ALA D 207 8.30 7.59 27.09
C ALA D 207 9.76 7.69 26.66
N ASN D 208 10.11 8.85 26.11
CA ASN D 208 11.47 9.13 25.65
C ASN D 208 12.44 9.21 26.79
N CYS D 209 11.96 9.74 27.94
CA CYS D 209 12.77 9.82 29.17
C CYS D 209 13.08 8.45 29.72
N VAL D 210 12.04 7.66 29.91
CA VAL D 210 12.22 6.25 30.31
C VAL D 210 13.23 5.49 29.43
N TYR D 211 13.07 5.56 28.12
CA TYR D 211 14.05 5.00 27.18
C TYR D 211 15.53 5.40 27.46
N ASP D 212 15.72 6.71 27.65
CA ASP D 212 17.01 7.33 27.84
C ASP D 212 17.59 6.96 29.20
N THR D 213 16.70 6.84 30.19
CA THR D 213 17.02 6.41 31.57
C THR D 213 17.39 4.95 31.64
N GLN D 214 16.65 4.09 30.91
CA GLN D 214 17.06 2.71 30.83
C GLN D 214 18.50 2.59 30.28
N ILE D 215 18.80 3.31 29.19
CA ILE D 215 20.14 3.32 28.62
C ILE D 215 21.19 3.85 29.60
N LEU D 216 20.91 4.97 30.27
CA LEU D 216 21.85 5.54 31.22
C LEU D 216 22.08 4.61 32.39
N THR D 217 21.04 3.89 32.80
CA THR D 217 21.24 2.83 33.82
C THR D 217 22.22 1.73 33.42
N ALA D 218 22.19 1.31 32.16
CA ALA D 218 23.16 0.29 31.72
C ALA D 218 24.58 0.87 31.68
N ILE D 219 24.68 2.11 31.24
CA ILE D 219 25.99 2.77 31.22
C ILE D 219 26.59 2.92 32.63
N ALA D 220 25.72 3.22 33.59
CA ALA D 220 26.11 3.38 34.97
C ALA D 220 26.68 2.08 35.54
N MSE D 221 25.98 0.96 35.33
CA MSE D 221 26.49 -0.37 35.69
C MSE D 221 27.91 -0.53 35.18
O MSE D 221 28.81 -0.95 35.90
CB MSE D 221 25.59 -1.47 35.07
CG MSE D 221 24.16 -1.47 35.62
SE MSE D 221 24.23 -2.14 37.43
CE MSE D 221 24.36 -4.04 36.94
N GLY D 222 28.11 -0.17 33.91
CA GLY D 222 29.42 -0.19 33.29
C GLY D 222 30.41 0.71 34.00
N VAL D 223 29.98 1.93 34.39
CA VAL D 223 30.87 2.84 35.15
C VAL D 223 31.29 2.21 36.47
N HIS D 224 30.33 1.66 37.22
CA HIS D 224 30.66 1.04 38.50
C HIS D 224 31.61 -0.14 38.26
N ALA D 225 31.42 -0.83 37.15
CA ALA D 225 32.22 -2.05 36.89
C ALA D 225 33.66 -1.67 36.63
N LEU D 226 33.87 -0.54 35.95
CA LEU D 226 35.22 -0.03 35.71
C LEU D 226 35.76 0.47 37.00
N ASP D 227 34.92 1.17 37.77
CA ASP D 227 35.30 1.71 39.09
C ASP D 227 35.73 0.58 40.02
N ILE D 228 34.99 -0.53 40.03
CA ILE D 228 35.36 -1.67 40.89
C ILE D 228 36.75 -2.22 40.50
N GLN D 229 36.98 -2.28 39.19
CA GLN D 229 38.25 -2.77 38.65
C GLN D 229 39.46 -1.85 38.98
N ALA D 230 39.26 -0.54 38.82
CA ALA D 230 40.32 0.44 39.11
C ALA D 230 40.68 0.50 40.56
N LEU D 231 39.71 0.18 41.42
CA LEU D 231 39.90 0.19 42.88
C LEU D 231 40.35 -1.18 43.47
N ASN D 232 40.65 -2.13 42.58
CA ASN D 232 40.90 -3.53 42.97
C ASN D 232 39.94 -4.00 44.08
N GLY D 233 38.64 -3.73 43.92
CA GLY D 233 37.62 -4.26 44.84
C GLY D 233 37.43 -5.74 44.49
N THR D 234 36.57 -6.43 45.24
CA THR D 234 36.40 -7.86 45.06
C THR D 234 35.10 -8.10 44.35
N ASN D 235 34.93 -9.30 43.76
CA ASN D 235 33.67 -9.64 43.14
C ASN D 235 32.77 -10.41 44.06
N GLN D 236 33.23 -10.61 45.28
CA GLN D 236 32.51 -11.41 46.24
C GLN D 236 31.17 -10.81 46.70
N SER D 237 30.96 -9.50 46.52
CA SER D 237 29.71 -8.86 46.93
C SER D 237 28.51 -9.30 46.07
N PHE D 238 28.86 -9.84 44.92
CA PHE D 238 27.90 -10.17 43.88
C PHE D 238 27.58 -11.69 43.87
N HIS D 239 28.17 -12.42 44.81
CA HIS D 239 27.92 -13.84 44.94
C HIS D 239 26.43 -14.12 45.04
N PRO D 240 25.91 -15.03 44.18
CA PRO D 240 24.48 -15.39 44.18
C PRO D 240 23.91 -15.86 45.50
N PHE D 241 24.73 -16.31 46.45
CA PHE D 241 24.24 -16.75 47.76
C PHE D 241 23.76 -15.53 48.58
N ILE D 242 24.56 -14.47 48.66
CA ILE D 242 24.14 -13.24 49.36
C ILE D 242 22.73 -12.81 48.94
N HIS D 243 22.56 -12.68 47.63
CA HIS D 243 21.37 -12.08 47.02
C HIS D 243 20.11 -12.93 46.92
N ASN D 244 20.25 -14.24 46.67
CA ASN D 244 19.11 -15.19 46.82
C ASN D 244 18.53 -15.17 48.25
N SER D 245 19.34 -14.81 49.24
CA SER D 245 18.86 -14.73 50.60
C SER D 245 18.13 -13.39 50.91
N LYS D 246 18.33 -12.40 50.02
CA LYS D 246 17.59 -11.15 50.05
C LYS D 246 17.02 -10.91 48.65
N PRO D 247 15.97 -11.67 48.29
CA PRO D 247 15.64 -11.81 46.87
C PRO D 247 14.74 -10.74 46.22
N HIS D 248 15.11 -9.47 46.37
CA HIS D 248 14.46 -8.46 45.55
C HIS D 248 14.85 -8.68 44.08
N PRO D 249 13.88 -8.62 43.15
CA PRO D 249 14.20 -8.72 41.71
C PRO D 249 15.28 -7.72 41.22
N GLY D 250 15.14 -6.44 41.56
CA GLY D 250 16.16 -5.43 41.20
C GLY D 250 17.55 -5.76 41.75
N GLN D 251 17.61 -6.18 43.01
CA GLN D 251 18.87 -6.55 43.62
C GLN D 251 19.46 -7.80 43.00
N LEU D 252 18.62 -8.81 42.71
CA LEU D 252 19.12 -10.04 42.09
C LEU D 252 19.70 -9.76 40.72
N TRP D 253 18.99 -8.92 39.94
CA TRP D 253 19.43 -8.48 38.61
C TRP D 253 20.75 -7.70 38.67
N ALA D 254 20.83 -6.68 39.52
CA ALA D 254 22.08 -5.90 39.65
C ALA D 254 23.29 -6.74 40.04
N ALA D 255 23.08 -7.66 41.00
CA ALA D 255 24.13 -8.55 41.42
C ALA D 255 24.57 -9.41 40.25
N ASP D 256 23.61 -10.02 39.57
CA ASP D 256 23.94 -10.97 38.46
C ASP D 256 24.57 -10.30 37.22
N GLN D 257 24.10 -9.09 36.87
CA GLN D 257 24.71 -8.27 35.81
C GLN D 257 26.13 -7.81 36.13
N MSE D 258 26.44 -7.69 37.42
CA MSE D 258 27.79 -7.26 37.81
C MSE D 258 28.73 -8.45 37.72
O MSE D 258 29.92 -8.28 37.39
CB MSE D 258 27.79 -6.63 39.20
CG MSE D 258 29.08 -5.92 39.55
SE MSE D 258 29.59 -4.48 38.28
CE MSE D 258 28.07 -3.30 38.55
N ILE D 259 28.22 -9.66 37.98
CA ILE D 259 29.00 -10.88 37.77
C ILE D 259 29.41 -10.98 36.30
N SER D 260 28.46 -10.78 35.39
CA SER D 260 28.78 -10.74 33.95
C SER D 260 29.69 -9.59 33.53
N LEU D 261 29.46 -8.38 34.05
CA LEU D 261 30.31 -7.25 33.74
C LEU D 261 31.74 -7.44 34.18
N LEU D 262 31.93 -8.12 35.31
CA LEU D 262 33.24 -8.35 35.86
C LEU D 262 33.91 -9.66 35.42
N ALA D 263 33.20 -10.51 34.68
CA ALA D 263 33.68 -11.86 34.40
C ALA D 263 35.00 -11.86 33.62
N ASN D 264 36.00 -12.51 34.19
CA ASN D 264 37.28 -12.67 33.52
C ASN D 264 38.15 -11.42 33.56
N SER D 265 37.74 -10.43 34.36
CA SER D 265 38.64 -9.31 34.66
C SER D 265 39.87 -9.79 35.44
N GLN D 266 40.97 -9.06 35.29
CA GLN D 266 42.25 -9.41 35.91
C GLN D 266 42.63 -8.30 36.88
N LEU D 267 41.74 -7.32 37.01
CA LEU D 267 41.96 -6.17 37.87
C LEU D 267 41.08 -6.24 39.10
N VAL D 268 40.41 -7.37 39.28
CA VAL D 268 39.52 -7.57 40.41
C VAL D 268 40.12 -8.66 41.31
N ARG D 269 39.71 -8.69 42.57
CA ARG D 269 40.06 -9.80 43.44
C ARG D 269 38.99 -10.85 43.23
N ASP D 270 39.36 -11.98 42.64
CA ASP D 270 38.44 -13.07 42.31
C ASP D 270 38.24 -13.92 43.57
N GLU D 271 37.10 -13.77 44.24
CA GLU D 271 36.90 -14.39 45.55
C GLU D 271 35.49 -14.98 45.69
N LEU D 272 34.95 -15.55 44.62
CA LEU D 272 33.62 -16.14 44.68
C LEU D 272 33.64 -17.44 45.49
N ASP D 273 34.84 -17.78 45.95
CA ASP D 273 35.13 -18.93 46.82
C ASP D 273 34.95 -18.57 48.30
N GLY D 274 34.88 -17.27 48.59
CA GLY D 274 34.70 -16.79 49.95
C GLY D 274 36.04 -16.55 50.64
N LYS D 275 37.08 -16.31 49.83
CA LYS D 275 38.36 -15.87 50.37
C LYS D 275 38.29 -14.40 50.71
N HIS D 276 38.80 -14.06 51.89
CA HIS D 276 38.84 -12.68 52.38
C HIS D 276 39.91 -12.50 53.48
N ASP D 277 41.18 -12.60 53.08
CA ASP D 277 42.32 -12.32 53.98
C ASP D 277 42.39 -10.83 54.38
N TYR D 278 43.24 -10.54 55.37
CA TYR D 278 43.48 -9.15 55.81
C TYR D 278 44.24 -8.38 54.72
N ARG D 279 43.95 -7.08 54.61
CA ARG D 279 44.48 -6.26 53.51
C ARG D 279 45.36 -5.14 54.04
N HIS D 281 47.58 -2.14 55.19
CA HIS D 281 46.39 -2.01 56.04
C HIS D 281 45.24 -1.30 55.28
N GLU D 282 44.66 -2.00 54.31
CA GLU D 282 43.36 -1.63 53.77
C GLU D 282 42.32 -2.36 54.64
N LEU D 283 41.07 -1.90 54.61
CA LEU D 283 40.03 -2.57 55.37
C LEU D 283 39.76 -3.95 54.79
N ILE D 284 39.37 -4.88 55.66
CA ILE D 284 39.09 -6.27 55.26
C ILE D 284 38.00 -6.30 54.19
N GLN D 285 37.16 -5.25 54.18
CA GLN D 285 36.04 -5.12 53.25
C GLN D 285 36.14 -3.86 52.36
N ASP D 286 35.49 -3.93 51.20
CA ASP D 286 35.31 -2.77 50.31
C ASP D 286 34.27 -1.88 50.96
N ARG D 287 34.44 -0.57 50.85
CA ARG D 287 33.46 0.39 51.36
C ARG D 287 32.09 0.17 50.70
N TYR D 288 31.05 0.75 51.30
CA TYR D 288 29.67 0.42 50.96
C TYR D 288 29.28 0.64 49.52
N SER D 289 29.84 1.69 48.90
CA SER D 289 29.63 1.95 47.45
C SER D 289 29.89 0.78 46.49
N LEU D 290 30.84 -0.09 46.84
CA LEU D 290 31.12 -1.29 46.03
C LEU D 290 30.28 -2.44 46.53
N ARG D 291 30.33 -2.70 47.83
CA ARG D 291 29.79 -3.91 48.50
C ARG D 291 28.28 -3.99 48.56
N CYS D 292 27.65 -2.83 48.83
CA CYS D 292 26.18 -2.72 48.88
C CYS D 292 25.64 -2.17 47.59
N LEU D 293 26.41 -2.27 46.53
CA LEU D 293 25.97 -1.77 45.23
C LEU D 293 24.66 -2.38 44.80
N PRO D 294 24.54 -3.72 44.82
CA PRO D 294 23.27 -4.28 44.35
C PRO D 294 22.06 -3.94 45.20
N GLN D 295 22.23 -3.92 46.52
CA GLN D 295 21.16 -3.54 47.43
C GLN D 295 20.71 -2.08 47.21
N TYR D 296 21.63 -1.21 46.84
CA TYR D 296 21.30 0.17 46.66
C TYR D 296 20.60 0.37 45.32
N LEU D 297 21.11 -0.30 44.29
CA LEU D 297 20.54 -0.13 42.95
C LEU D 297 19.20 -0.81 42.77
N GLY D 298 18.93 -1.89 43.52
CA GLY D 298 17.71 -2.71 43.32
C GLY D 298 16.39 -1.94 43.23
N PRO D 299 16.04 -1.14 44.27
CA PRO D 299 14.83 -0.26 44.24
C PRO D 299 14.83 0.71 43.04
N ILE D 300 15.99 1.21 42.68
CA ILE D 300 16.10 2.09 41.52
C ILE D 300 15.79 1.33 40.23
N VAL D 301 16.55 0.25 39.99
CA VAL D 301 16.27 -0.66 38.87
C VAL D 301 14.80 -1.02 38.87
N ASP D 302 14.29 -1.51 40.00
CA ASP D 302 12.91 -2.01 40.08
C ASP D 302 11.87 -0.88 39.81
N GLY D 303 12.15 0.32 40.34
CA GLY D 303 11.30 1.49 40.14
C GLY D 303 11.26 1.96 38.70
N ILE D 304 12.43 1.99 38.03
CA ILE D 304 12.43 2.36 36.61
C ILE D 304 11.57 1.33 35.78
N SER D 305 11.68 0.02 36.06
CA SER D 305 10.81 -0.99 35.38
C SER D 305 9.31 -0.78 35.64
N GLN D 306 8.95 -0.53 36.90
CA GLN D 306 7.57 -0.22 37.27
C GLN D 306 7.06 0.97 36.43
N ILE D 307 7.86 2.05 36.35
CA ILE D 307 7.46 3.21 35.60
C ILE D 307 7.32 2.84 34.13
N ALA D 308 8.34 2.18 33.57
CA ALA D 308 8.23 1.73 32.17
C ALA D 308 6.94 0.94 31.86
N LYS D 309 6.53 0.09 32.79
CA LYS D 309 5.29 -0.68 32.66
C LYS D 309 4.06 0.25 32.66
N GLN D 310 4.08 1.27 33.53
CA GLN D 310 2.98 2.25 33.68
C GLN D 310 2.87 3.10 32.43
N ILE D 311 4.01 3.60 31.97
CA ILE D 311 4.08 4.38 30.74
C ILE D 311 3.58 3.61 29.51
N GLU D 312 3.95 2.33 29.34
CA GLU D 312 3.44 1.49 28.23
C GLU D 312 1.90 1.26 28.25
N ILE D 313 1.29 1.24 29.43
CA ILE D 313 -0.18 1.18 29.53
C ILE D 313 -0.81 2.51 29.10
N GLU D 314 -0.19 3.62 29.55
CA GLU D 314 -0.61 4.97 29.20
C GLU D 314 -0.47 5.26 27.70
N ILE D 315 0.63 4.80 27.11
CA ILE D 315 0.81 4.87 25.67
C ILE D 315 -0.35 4.21 24.91
N ASN D 316 -0.95 3.17 25.49
CA ASN D 316 -1.94 2.37 24.76
C ASN D 316 -3.34 2.52 25.28
N SER D 317 -3.55 3.59 26.04
CA SER D 317 -4.85 3.87 26.62
C SER D 317 -5.57 4.87 25.75
N VAL D 318 -6.90 4.81 25.76
CA VAL D 318 -7.70 5.85 25.12
C VAL D 318 -7.80 6.98 26.15
N THR D 319 -7.21 8.13 25.83
CA THR D 319 -7.22 9.30 26.71
C THR D 319 -7.94 10.39 25.95
N ASP D 320 -9.23 10.47 26.17
CA ASP D 320 -10.03 11.65 25.89
C ASP D 320 -11.37 11.44 26.54
N ASN D 321 -12.29 12.35 26.28
CA ASN D 321 -13.55 12.42 26.97
C ASN D 321 -14.41 13.37 26.13
N PRO D 322 -15.70 13.07 25.94
CA PRO D 322 -16.39 11.81 26.30
C PRO D 322 -15.94 10.62 25.43
N LEU D 323 -16.24 9.42 25.90
CA LEU D 323 -15.83 8.19 25.24
C LEU D 323 -17.06 7.59 24.58
N ILE D 324 -16.93 7.11 23.34
CA ILE D 324 -18.08 6.52 22.62
C ILE D 324 -18.09 4.97 22.73
N ASP D 325 -19.15 4.43 23.30
CA ASP D 325 -19.33 2.98 23.43
C ASP D 325 -20.30 2.57 22.32
N VAL D 326 -19.75 2.10 21.20
CA VAL D 326 -20.59 1.89 20.01
C VAL D 326 -21.53 0.74 20.21
N ASP D 327 -21.03 -0.27 20.93
CA ASP D 327 -21.80 -1.47 21.26
C ASP D 327 -23.11 -1.21 22.01
N ASN D 328 -23.12 -0.20 22.88
CA ASN D 328 -24.33 0.12 23.65
C ASN D 328 -24.99 1.41 23.18
N GLN D 329 -24.46 1.95 22.08
CA GLN D 329 -24.87 3.25 21.54
C GLN D 329 -24.97 4.27 22.66
N ALA D 330 -23.82 4.55 23.26
CA ALA D 330 -23.74 5.44 24.42
C ALA D 330 -22.39 6.14 24.45
N SER D 331 -22.36 7.32 25.04
CA SER D 331 -21.11 7.99 25.39
C SER D 331 -21.07 8.23 26.90
N TYR D 332 -19.87 8.21 27.47
CA TYR D 332 -19.68 8.36 28.91
C TYR D 332 -18.78 9.55 29.25
N HIS D 333 -19.21 10.35 30.19
CA HIS D 333 -18.40 11.44 30.70
C HIS D 333 -17.45 10.88 31.77
N GLY D 334 -16.14 10.98 31.53
CA GLY D 334 -15.12 10.35 32.39
C GLY D 334 -13.90 11.24 32.54
N GLY D 335 -12.77 10.67 32.92
CA GLY D 335 -11.60 11.48 33.20
C GLY D 335 -10.27 10.87 32.84
N ASN D 336 -10.22 10.19 31.68
CA ASN D 336 -9.00 9.51 31.25
C ASN D 336 -7.90 10.46 30.83
N PHE D 337 -8.27 11.73 30.69
CA PHE D 337 -7.28 12.76 30.37
C PHE D 337 -6.34 13.07 31.51
N LEU D 338 -6.63 12.59 32.72
CA LEU D 338 -5.76 12.83 33.87
C LEU D 338 -4.52 12.02 33.77
N GLY D 339 -3.38 12.68 33.54
CA GLY D 339 -2.09 11.96 33.46
C GLY D 339 -1.34 11.67 34.76
N GLN D 340 -2.05 11.23 35.77
CA GLN D 340 -1.44 10.98 37.10
C GLN D 340 -0.24 10.01 37.12
N TYR D 341 -0.32 8.86 36.41
CA TYR D 341 0.83 7.94 36.26
C TYR D 341 2.02 8.64 35.66
N VAL D 342 1.80 9.61 34.78
CA VAL D 342 2.94 10.31 34.20
C VAL D 342 3.53 11.30 35.20
N GLY D 343 2.70 12.11 35.86
CA GLY D 343 3.20 13.11 36.81
C GLY D 343 3.94 12.46 37.99
N MSE D 344 3.35 11.42 38.57
CA MSE D 344 3.94 10.75 39.72
C MSE D 344 5.09 9.86 39.28
O MSE D 344 6.10 9.78 39.98
CB MSE D 344 2.91 9.90 40.45
CG MSE D 344 1.84 10.74 41.10
SE MSE D 344 0.44 9.65 41.81
CE MSE D 344 1.47 8.73 43.21
N GLY D 345 4.92 9.15 38.16
CA GLY D 345 5.97 8.33 37.60
C GLY D 345 7.23 9.15 37.32
N MSE D 346 7.05 10.36 36.82
CA MSE D 346 8.15 11.25 36.46
C MSE D 346 8.86 11.86 37.67
O MSE D 346 10.09 12.01 37.65
CB MSE D 346 7.74 12.33 35.43
CG MSE D 346 7.52 11.85 33.99
SE MSE D 346 9.01 10.89 33.09
CE MSE D 346 8.32 9.07 33.32
N ASP D 347 8.09 12.17 38.74
CA ASP D 347 8.69 12.61 40.03
C ASP D 347 9.62 11.51 40.52
N HIS D 348 9.13 10.26 40.43
CA HIS D 348 9.92 9.09 40.79
C HIS D 348 11.20 8.97 39.96
N LEU D 349 11.08 9.07 38.63
CA LEU D 349 12.22 8.94 37.75
C LEU D 349 13.29 10.00 38.04
N ARG D 350 12.85 11.25 38.19
CA ARG D 350 13.76 12.29 38.62
C ARG D 350 14.40 11.90 39.95
N TYR D 351 13.61 11.44 40.91
CA TYR D 351 14.19 11.03 42.21
C TYR D 351 15.26 9.92 42.08
N TYR D 352 14.96 8.89 41.26
CA TYR D 352 15.87 7.78 40.99
C TYR D 352 17.15 8.21 40.27
N ILE D 353 17.02 9.07 39.27
CA ILE D 353 18.22 9.65 38.64
C ILE D 353 19.15 10.38 39.64
N GLY D 354 18.59 11.05 40.62
CA GLY D 354 19.47 11.78 41.55
C GLY D 354 20.26 10.80 42.42
N LEU D 355 19.62 9.64 42.67
CA LEU D 355 20.16 8.62 43.55
C LEU D 355 21.27 7.85 42.87
N LEU D 356 21.11 7.65 41.56
CA LEU D 356 22.16 7.07 40.70
C LEU D 356 23.37 7.99 40.59
N ALA D 357 23.14 9.30 40.48
CA ALA D 357 24.24 10.26 40.37
C ALA D 357 24.98 10.40 41.66
N LYS D 358 24.26 10.52 42.77
CA LYS D 358 24.90 10.54 44.09
C LYS D 358 25.84 9.37 44.35
N HIS D 359 25.40 8.16 44.02
CA HIS D 359 26.20 6.95 44.18
C HIS D 359 27.45 7.00 43.29
N LEU D 360 27.28 7.41 42.04
CA LEU D 360 28.41 7.54 41.11
C LEU D 360 29.44 8.53 41.59
N ASP D 361 28.95 9.62 42.20
CA ASP D 361 29.82 10.72 42.65
C ASP D 361 30.66 10.29 43.85
N VAL D 362 30.11 9.37 44.67
CA VAL D 362 30.86 8.83 45.80
C VAL D 362 31.98 7.90 45.30
N GLN D 363 31.75 7.18 44.19
CA GLN D 363 32.76 6.28 43.64
C GLN D 363 33.90 7.14 43.14
N ILE D 364 33.57 8.26 42.49
CA ILE D 364 34.60 9.17 41.97
C ILE D 364 35.48 9.67 43.10
N ALA D 365 34.90 9.93 44.28
CA ALA D 365 35.63 10.50 45.41
C ALA D 365 36.67 9.53 45.92
N LEU D 366 36.29 8.25 45.89
CA LEU D 366 37.18 7.13 46.18
C LEU D 366 38.33 7.11 45.20
N LEU D 367 38.02 7.24 43.90
CA LEU D 367 39.07 7.29 42.86
C LEU D 367 40.07 8.46 42.98
N ALA D 368 39.57 9.67 43.14
CA ALA D 368 40.40 10.89 43.24
C ALA D 368 41.26 11.00 44.51
N SER D 369 40.86 10.32 45.56
CA SER D 369 41.46 10.52 46.88
C SER D 369 42.34 9.35 47.21
N PRO D 370 43.67 9.58 47.34
CA PRO D 370 44.57 8.44 47.60
C PRO D 370 44.47 7.87 49.03
N GLU D 371 43.72 8.53 49.91
CA GLU D 371 43.32 7.93 51.18
C GLU D 371 42.44 6.69 50.96
N PHE D 372 41.61 6.72 49.90
CA PHE D 372 40.60 5.68 49.65
C PHE D 372 40.74 4.96 48.31
N SER D 373 41.61 5.46 47.43
CA SER D 373 41.79 4.87 46.07
C SER D 373 42.61 3.55 45.97
N ASN D 374 43.08 3.04 47.11
CA ASN D 374 43.93 1.85 47.14
C ASN D 374 45.11 1.94 46.14
N GLY D 375 45.87 3.03 46.22
CA GLY D 375 47.13 3.13 45.50
C GLY D 375 47.11 3.82 44.14
N LEU D 376 45.96 4.24 43.66
CA LEU D 376 45.91 5.12 42.48
C LEU D 376 46.44 6.48 42.87
N PRO D 377 46.96 7.22 41.88
CA PRO D 377 47.51 8.57 42.07
C PRO D 377 46.42 9.61 42.37
N PRO D 378 46.77 10.72 43.06
CA PRO D 378 45.75 11.71 43.45
C PRO D 378 45.06 12.30 42.21
N SER D 379 43.78 12.69 42.34
CA SER D 379 42.96 13.16 41.18
C SER D 379 43.21 12.41 39.86
N LEU D 380 43.63 11.14 39.96
CA LEU D 380 43.94 10.33 38.79
C LEU D 380 44.93 11.00 37.81
N LEU D 381 45.89 11.70 38.39
CA LEU D 381 46.98 12.32 37.66
C LEU D 381 47.73 11.29 36.79
N GLY D 382 48.09 11.67 35.56
CA GLY D 382 48.88 10.84 34.66
C GLY D 382 50.36 11.05 34.84
N ASN D 383 50.91 12.06 34.16
CA ASN D 383 52.33 12.36 34.22
C ASN D 383 52.76 13.10 35.48
N ARG D 384 53.22 12.36 36.49
CA ARG D 384 53.70 12.99 37.74
C ARG D 384 55.18 13.39 37.69
N GLU D 385 55.82 13.17 36.54
CA GLU D 385 57.12 13.76 36.26
C GLU D 385 56.98 15.28 36.12
N ARG D 386 55.78 15.73 35.72
CA ARG D 386 55.46 17.15 35.63
C ARG D 386 54.67 17.57 36.86
N LYS D 387 55.29 18.40 37.69
CA LYS D 387 54.82 18.64 39.03
C LYS D 387 53.59 19.56 39.09
N VAL D 388 53.40 20.37 38.03
CA VAL D 388 52.24 21.29 37.96
C VAL D 388 50.90 20.62 37.61
N ASN D 389 50.95 19.36 37.15
CA ASN D 389 49.75 18.57 36.82
C ASN D 389 48.87 18.31 38.05
N MSE D 390 47.55 18.41 37.86
CA MSE D 390 46.58 18.19 38.93
C MSE D 390 45.54 17.18 38.48
O MSE D 390 44.57 16.89 39.18
CB MSE D 390 45.94 19.51 39.36
CG MSE D 390 46.97 20.59 39.76
SE MSE D 390 47.65 20.35 41.59
CE MSE D 390 49.58 20.79 41.38
N GLY D 391 45.75 16.63 37.29
CA GLY D 391 44.93 15.56 36.75
C GLY D 391 43.48 15.98 36.60
N LEU D 392 42.58 15.16 37.17
CA LEU D 392 41.14 15.29 36.96
C LEU D 392 40.43 16.11 38.08
N LYS D 393 41.24 16.90 38.79
CA LYS D 393 40.75 17.79 39.84
C LYS D 393 39.56 18.68 39.37
N GLY D 394 39.69 19.26 38.18
CA GLY D 394 38.65 20.13 37.63
C GLY D 394 37.42 19.33 37.27
N LEU D 395 37.67 18.15 36.71
CA LEU D 395 36.62 17.26 36.29
C LEU D 395 35.79 16.75 37.48
N GLN D 396 36.41 16.38 38.59
CA GLN D 396 35.64 16.06 39.80
C GLN D 396 34.79 17.21 40.25
N ILE D 397 35.36 18.43 40.37
CA ILE D 397 34.58 19.60 40.75
C ILE D 397 33.39 19.76 39.83
N CYS D 398 33.58 19.72 38.52
CA CYS D 398 32.43 19.80 37.64
C CYS D 398 31.35 18.76 37.93
N GLY D 399 31.76 17.52 38.23
CA GLY D 399 30.83 16.42 38.61
C GLY D 399 30.17 16.72 39.96
N ASN D 400 30.90 17.41 40.86
CA ASN D 400 30.39 17.78 42.19
C ASN D 400 29.35 18.88 42.04
N SER D 401 29.33 19.58 40.91
CA SER D 401 28.33 20.68 40.74
C SER D 401 27.04 20.23 40.03
N ILE D 402 27.09 19.06 39.42
CA ILE D 402 25.99 18.53 38.65
C ILE D 402 25.15 17.58 39.51
N MSE D 403 25.81 16.70 40.26
CA MSE D 403 25.12 15.77 41.14
C MSE D 403 24.12 16.41 42.14
O MSE D 403 23.00 15.96 42.22
CB MSE D 403 26.14 14.87 41.85
CG MSE D 403 25.50 13.73 42.59
SE MSE D 403 24.99 14.44 44.31
CE MSE D 403 26.75 14.35 45.22
N PRO D 404 24.53 17.43 42.93
CA PRO D 404 23.54 18.13 43.78
C PRO D 404 22.33 18.66 43.03
N LEU D 405 22.52 19.16 41.83
CA LEU D 405 21.44 19.62 40.98
C LEU D 405 20.53 18.45 40.59
N LEU D 406 21.10 17.29 40.24
CA LEU D 406 20.24 16.12 39.95
C LEU D 406 19.33 15.76 41.13
N THR D 407 19.89 15.69 42.34
CA THR D 407 19.04 15.46 43.52
C THR D 407 17.98 16.57 43.76
N PHE D 408 18.36 17.82 43.56
CA PHE D 408 17.40 18.93 43.57
C PHE D 408 16.23 18.68 42.62
N TYR D 409 16.52 18.29 41.39
CA TYR D 409 15.44 17.98 40.46
C TYR D 409 14.62 16.77 40.90
N GLY D 410 15.17 15.98 41.82
CA GLY D 410 14.54 14.75 42.30
C GLY D 410 13.36 15.06 43.20
N ASN D 411 13.26 16.34 43.60
CA ASN D 411 12.10 16.88 44.27
C ASN D 411 10.87 16.62 43.41
N SER D 412 9.69 16.65 44.01
CA SER D 412 8.46 16.26 43.33
C SER D 412 7.59 17.45 42.97
N ILE D 413 6.69 17.28 41.99
CA ILE D 413 5.79 18.37 41.57
C ILE D 413 4.30 17.98 41.55
N ALA D 414 3.98 16.68 41.42
CA ALA D 414 2.59 16.27 41.39
C ALA D 414 1.78 16.62 42.68
N ASP D 415 2.47 16.70 43.81
CA ASP D 415 1.86 17.02 45.09
C ASP D 415 1.66 18.56 45.20
N ARG D 416 2.13 19.31 44.22
CA ARG D 416 2.08 20.79 44.22
C ARG D 416 0.99 21.35 43.28
N PHE D 417 0.02 20.51 42.93
CA PHE D 417 -1.05 20.96 42.05
C PHE D 417 -1.93 22.05 42.69
N PRO D 418 -2.34 23.05 41.89
CA PRO D 418 -3.27 24.12 42.26
C PRO D 418 -4.72 23.65 42.27
N THR D 419 -5.38 23.80 43.42
CA THR D 419 -6.75 23.29 43.57
C THR D 419 -7.81 24.25 43.02
N HIS D 420 -7.39 25.45 42.70
CA HIS D 420 -8.27 26.47 42.14
C HIS D 420 -8.17 26.49 40.61
N ALA D 421 -7.57 25.45 40.02
CA ALA D 421 -7.21 25.48 38.59
C ALA D 421 -8.49 25.56 37.70
N GLU D 422 -8.42 26.33 36.62
CA GLU D 422 -9.51 26.45 35.63
C GLU D 422 -10.91 26.56 36.24
N GLN D 423 -11.22 27.71 36.83
CA GLN D 423 -12.53 28.08 37.34
C GLN D 423 -12.98 27.20 38.49
N PHE D 424 -12.03 26.68 39.25
CA PHE D 424 -12.28 25.72 40.33
C PHE D 424 -12.83 24.36 39.82
N ASN D 425 -12.75 24.11 38.52
CA ASN D 425 -13.32 22.85 38.00
C ASN D 425 -12.28 21.70 38.00
N GLN D 426 -11.02 22.09 37.74
CA GLN D 426 -9.91 21.19 37.66
C GLN D 426 -9.26 21.18 39.02
N ASN D 427 -10.04 20.77 40.01
CA ASN D 427 -9.66 20.88 41.43
C ASN D 427 -8.66 19.79 41.87
N ILE D 428 -8.60 18.65 41.14
CA ILE D 428 -7.37 17.89 41.08
C ILE D 428 -6.78 17.91 39.66
N ASN D 429 -5.45 17.89 39.57
CA ASN D 429 -4.79 17.77 38.28
C ASN D 429 -3.43 17.13 38.52
N SER D 430 -2.73 16.77 37.45
CA SER D 430 -1.56 15.89 37.62
C SER D 430 -0.22 16.61 37.64
N GLN D 431 -0.18 17.82 37.11
CA GLN D 431 1.09 18.52 36.87
C GLN D 431 2.03 17.64 36.05
N GLY D 432 1.45 16.71 35.30
CA GLY D 432 2.20 15.67 34.66
C GLY D 432 3.05 16.12 33.48
N TYR D 433 2.69 17.27 32.91
CA TYR D 433 3.34 17.76 31.71
C TYR D 433 4.64 18.49 32.07
N THR D 434 4.57 19.34 33.11
CA THR D 434 5.77 19.96 33.63
C THR D 434 6.64 18.92 34.32
N SER D 435 6.01 17.95 34.99
CA SER D 435 6.82 16.91 35.60
C SER D 435 7.66 16.20 34.52
N ALA D 436 7.05 16.00 33.34
CA ALA D 436 7.71 15.33 32.23
C ALA D 436 8.80 16.20 31.63
N THR D 437 8.53 17.48 31.45
CA THR D 437 9.58 18.41 31.00
C THR D 437 10.69 18.50 32.06
N LEU D 438 10.33 18.42 33.34
CA LEU D 438 11.34 18.36 34.38
C LEU D 438 12.22 17.10 34.21
N ALA D 439 11.59 15.94 33.98
CA ALA D 439 12.35 14.71 33.73
C ALA D 439 13.31 14.83 32.53
N ARG D 440 12.87 15.43 31.42
CA ARG D 440 13.78 15.64 30.28
C ARG D 440 15.05 16.41 30.69
N ARG D 441 14.87 17.42 31.54
CA ARG D 441 16.01 18.18 32.00
C ARG D 441 16.90 17.27 32.86
N SER D 442 16.32 16.50 33.78
CA SER D 442 17.09 15.53 34.59
C SER D 442 17.89 14.62 33.70
N VAL D 443 17.25 14.08 32.65
CA VAL D 443 17.92 13.14 31.76
C VAL D 443 19.06 13.82 30.98
N ASP D 444 18.79 15.01 30.42
CA ASP D 444 19.85 15.76 29.66
C ASP D 444 21.08 16.08 30.50
N ILE D 445 20.84 16.48 31.75
CA ILE D 445 21.91 16.67 32.71
C ILE D 445 22.63 15.37 33.11
N PHE D 446 21.87 14.30 33.31
CA PHE D 446 22.43 13.02 33.72
C PHE D 446 23.39 12.45 32.66
N GLN D 447 23.14 12.79 31.40
CA GLN D 447 23.94 12.34 30.27
C GLN D 447 25.31 13.02 30.34
N ASN D 448 25.33 14.30 30.69
CA ASN D 448 26.57 15.06 30.95
C ASN D 448 27.34 14.54 32.16
N TYR D 449 26.61 14.26 33.24
CA TYR D 449 27.18 13.62 34.44
C TYR D 449 27.80 12.26 34.14
N VAL D 450 27.06 11.39 33.44
CA VAL D 450 27.59 10.09 33.09
C VAL D 450 28.88 10.14 32.26
N ALA D 451 28.92 10.97 31.22
CA ALA D 451 30.14 11.21 30.47
C ALA D 451 31.29 11.44 31.42
N ILE D 452 31.09 12.25 32.45
CA ILE D 452 32.14 12.53 33.43
C ILE D 452 32.53 11.29 34.19
N ALA D 453 31.53 10.53 34.59
CA ALA D 453 31.72 9.27 35.30
C ALA D 453 32.53 8.27 34.45
N LEU D 454 32.26 8.23 33.14
CA LEU D 454 32.93 7.34 32.21
C LEU D 454 34.37 7.78 32.06
N MSE D 455 34.61 9.08 32.10
CA MSE D 455 35.94 9.56 31.92
C MSE D 455 36.83 9.23 33.12
O MSE D 455 37.97 8.81 32.94
CB MSE D 455 35.94 11.05 31.60
CG MSE D 455 35.41 11.39 30.17
SE MSE D 455 34.94 13.30 30.18
CE MSE D 455 36.71 14.06 30.48
N PHE D 456 36.31 9.41 34.33
CA PHE D 456 36.98 8.91 35.54
C PHE D 456 37.29 7.40 35.50
N GLY D 457 36.31 6.60 35.12
CA GLY D 457 36.44 5.12 35.02
C GLY D 457 37.54 4.69 34.06
N VAL D 458 37.45 5.17 32.82
CA VAL D 458 38.50 4.94 31.79
C VAL D 458 39.90 5.32 32.28
N GLN D 459 40.07 6.54 32.78
CA GLN D 459 41.37 6.97 33.32
C GLN D 459 41.84 6.08 34.46
N ALA D 460 40.96 5.86 35.43
CA ALA D 460 41.28 5.01 36.57
C ALA D 460 41.76 3.60 36.17
N VAL D 461 41.07 2.94 35.24
CA VAL D 461 41.48 1.57 34.92
C VAL D 461 42.81 1.51 34.13
N ASP D 462 43.20 2.62 33.52
CA ASP D 462 44.48 2.71 32.79
C ASP D 462 45.63 2.80 33.77
N LEU D 463 45.40 3.53 34.87
CA LEU D 463 46.37 3.69 35.94
C LEU D 463 46.50 2.44 36.83
N ARG D 464 45.42 1.66 36.88
CA ARG D 464 45.39 0.41 37.64
C ARG D 464 46.23 -0.60 36.88
N THR D 465 45.85 -0.87 35.63
CA THR D 465 46.67 -1.67 34.71
C THR D 465 48.16 -1.28 34.80
N TYR D 466 48.43 0.01 35.03
CA TYR D 466 49.80 0.51 35.21
C TYR D 466 50.46 0.09 36.51
N LYS D 467 49.68 0.11 37.59
CA LYS D 467 50.14 -0.41 38.87
C LYS D 467 50.47 -1.87 38.72
N LYS D 468 49.61 -2.57 37.99
CA LYS D 468 49.63 -4.00 37.88
C LYS D 468 50.74 -4.51 36.97
N THR D 469 50.93 -3.86 35.81
CA THR D 469 51.75 -4.36 34.71
C THR D 469 52.83 -3.41 34.21
N GLY D 470 52.74 -2.13 34.54
CA GLY D 470 53.73 -1.16 34.10
C GLY D 470 53.45 -0.49 32.76
N HIS D 471 52.33 -0.88 32.13
CA HIS D 471 51.82 -0.16 30.96
C HIS D 471 50.36 0.31 31.17
N TYR D 472 49.87 1.11 30.21
CA TYR D 472 48.66 1.89 30.39
C TYR D 472 47.49 1.44 29.51
N ASP D 473 47.66 0.29 28.87
CA ASP D 473 46.62 -0.31 28.03
C ASP D 473 45.71 -1.21 28.87
N ALA D 474 44.57 -0.68 29.30
CA ALA D 474 43.62 -1.47 30.09
C ALA D 474 42.99 -2.67 29.38
N ARG D 475 43.09 -2.71 28.04
CA ARG D 475 42.21 -3.57 27.23
C ARG D 475 42.29 -5.09 27.52
N ALA D 476 43.49 -5.63 27.63
CA ALA D 476 43.71 -7.05 28.00
C ALA D 476 43.41 -7.39 29.47
N SER D 477 43.52 -6.39 30.35
CA SER D 477 43.30 -6.59 31.79
C SER D 477 41.84 -6.55 32.24
N LEU D 478 40.99 -5.90 31.45
CA LEU D 478 39.60 -5.71 31.77
C LEU D 478 38.84 -6.94 31.40
N SER D 479 37.70 -7.14 32.07
CA SER D 479 36.78 -8.14 31.61
C SER D 479 36.40 -7.75 30.19
N PRO D 480 36.22 -8.74 29.31
CA PRO D 480 35.71 -8.42 27.98
C PRO D 480 34.51 -7.45 27.98
N ALA D 481 33.56 -7.60 28.91
CA ALA D 481 32.35 -6.78 28.89
C ALA D 481 32.65 -5.27 29.08
N THR D 482 33.46 -4.92 30.08
CA THR D 482 33.81 -3.51 30.27
C THR D 482 34.88 -3.02 29.28
N GLU D 483 35.57 -3.93 28.60
CA GLU D 483 36.53 -3.53 27.59
C GLU D 483 35.76 -2.93 26.40
N ARG D 484 34.61 -3.52 26.07
CA ARG D 484 33.77 -2.96 25.00
C ARG D 484 33.42 -1.50 25.32
N LEU D 485 32.99 -1.23 26.55
CA LEU D 485 32.62 0.11 26.94
C LEU D 485 33.83 1.03 26.97
N TYR D 486 34.95 0.56 27.51
CA TYR D 486 36.21 1.29 27.51
C TYR D 486 36.69 1.69 26.10
N SER D 487 36.73 0.74 25.20
CA SER D 487 37.20 1.09 23.86
C SER D 487 36.25 2.04 23.13
N ALA D 488 34.95 1.88 23.38
CA ALA D 488 33.91 2.78 22.86
C ALA D 488 34.10 4.23 23.31
N VAL D 489 34.44 4.47 24.57
CA VAL D 489 34.63 5.82 25.10
C VAL D 489 35.87 6.46 24.48
N ARG D 490 36.91 5.65 24.30
CA ARG D 490 38.19 6.14 23.81
C ARG D 490 38.10 6.42 22.32
N HIS D 491 37.37 5.56 21.61
CA HIS D 491 36.99 5.86 20.25
C HIS D 491 36.31 7.24 20.11
N VAL D 492 35.26 7.44 20.89
CA VAL D 492 34.41 8.63 20.82
C VAL D 492 35.21 9.92 21.10
N VAL D 493 36.08 9.85 22.09
CA VAL D 493 36.93 10.99 22.44
C VAL D 493 38.14 11.16 21.52
N GLY D 494 38.54 10.10 20.82
CA GLY D 494 39.63 10.18 19.86
C GLY D 494 41.01 10.07 20.47
N GLN D 495 41.11 9.29 21.54
CA GLN D 495 42.38 9.04 22.23
C GLN D 495 42.53 7.52 22.36
N LYS D 496 43.42 6.94 21.57
CA LYS D 496 43.59 5.51 21.50
C LYS D 496 44.25 4.94 22.76
N PRO D 497 43.84 3.73 23.17
CA PRO D 497 44.57 3.01 24.22
C PRO D 497 45.98 2.68 23.73
N THR D 498 46.99 3.07 24.51
CA THR D 498 48.41 2.82 24.19
C THR D 498 49.11 2.32 25.44
N SER D 499 50.13 1.48 25.30
CA SER D 499 50.93 1.06 26.46
C SER D 499 51.80 2.19 27.03
N ASP D 500 52.26 3.11 26.17
CA ASP D 500 53.01 4.31 26.58
C ASP D 500 52.27 5.29 27.51
N ARG D 501 50.96 5.40 27.33
CA ARG D 501 50.23 6.57 27.84
C ARG D 501 48.81 6.20 28.25
N PRO D 502 48.35 6.74 29.40
CA PRO D 502 46.96 6.53 29.73
C PRO D 502 46.08 7.57 29.00
N TYR D 503 44.77 7.51 29.24
CA TYR D 503 43.81 8.45 28.66
C TYR D 503 44.24 9.91 28.86
N ILE D 504 44.61 10.28 30.07
CA ILE D 504 45.03 11.67 30.40
C ILE D 504 46.44 11.66 30.96
N TRP D 505 47.37 12.21 30.17
CA TRP D 505 48.77 12.25 30.54
C TRP D 505 49.06 13.60 31.17
N ASN D 506 49.10 14.64 30.34
CA ASN D 506 49.33 16.03 30.81
C ASN D 506 48.04 16.83 30.72
N ASP D 507 47.81 17.74 31.65
CA ASP D 507 46.57 18.54 31.68
C ASP D 507 46.36 19.40 30.43
N ASN D 508 47.46 19.90 29.88
CA ASN D 508 47.40 20.87 28.77
C ASN D 508 47.33 20.26 27.36
N GLU D 509 47.04 18.97 27.28
CA GLU D 509 46.98 18.27 26.00
C GLU D 509 45.58 18.06 25.43
N GLN D 510 44.56 18.34 26.26
CA GLN D 510 43.16 18.22 25.87
C GLN D 510 42.31 19.18 26.66
N GLY D 511 41.18 19.55 26.07
CA GLY D 511 40.14 20.27 26.80
C GLY D 511 39.18 19.20 27.24
N LEU D 512 39.05 19.01 28.55
CA LEU D 512 38.17 17.98 29.07
C LEU D 512 36.72 18.32 28.78
N ASP D 513 36.38 19.61 28.79
CA ASP D 513 35.07 20.06 28.33
C ASP D 513 34.65 19.45 26.98
N GLU D 514 35.61 19.32 26.04
CA GLU D 514 35.36 18.71 24.72
C GLU D 514 35.02 17.22 24.78
N HIS D 515 35.69 16.51 25.69
CA HIS D 515 35.47 15.08 25.91
C HIS D 515 34.09 14.84 26.54
N ILE D 516 33.71 15.68 27.51
CA ILE D 516 32.36 15.60 28.11
C ILE D 516 31.33 15.82 27.00
N ALA D 517 31.47 16.90 26.24
CA ALA D 517 30.53 17.13 25.13
C ALA D 517 30.45 15.94 24.14
N ARG D 518 31.57 15.33 23.79
CA ARG D 518 31.61 14.26 22.78
C ARG D 518 30.98 12.94 23.25
N ILE D 519 31.27 12.53 24.49
CA ILE D 519 30.59 11.38 25.10
C ILE D 519 29.08 11.58 25.26
N SER D 520 28.69 12.74 25.81
CA SER D 520 27.28 13.13 25.99
C SER D 520 26.47 12.98 24.71
N ALA D 521 26.97 13.55 23.61
CA ALA D 521 26.33 13.52 22.30
C ALA D 521 26.26 12.08 21.72
N ASP D 522 27.28 11.27 21.99
CA ASP D 522 27.30 9.87 21.58
C ASP D 522 26.19 9.09 22.28
N ILE D 523 26.13 9.18 23.62
CA ILE D 523 25.04 8.59 24.39
C ILE D 523 23.66 9.03 23.85
N ALA D 524 23.44 10.35 23.75
CA ALA D 524 22.19 10.91 23.21
C ALA D 524 21.84 10.35 21.83
N ALA D 525 22.86 10.08 21.02
CA ALA D 525 22.67 9.61 19.65
C ALA D 525 22.53 8.10 19.58
N GLY D 526 22.65 7.40 20.69
CA GLY D 526 22.65 5.95 20.66
C GLY D 526 23.89 5.39 19.97
N GLY D 527 25.02 6.03 20.18
CA GLY D 527 26.23 5.69 19.45
C GLY D 527 26.94 4.53 20.07
N VAL D 528 28.26 4.46 19.89
CA VAL D 528 28.98 3.23 20.26
C VAL D 528 29.03 2.94 21.77
N ILE D 529 28.93 3.97 22.61
CA ILE D 529 28.96 3.81 24.05
C ILE D 529 27.70 3.09 24.53
N VAL D 530 26.56 3.42 23.93
CA VAL D 530 25.27 2.74 24.17
C VAL D 530 25.26 1.31 23.62
N GLN D 531 25.90 1.12 22.47
CA GLN D 531 25.98 -0.20 21.86
C GLN D 531 26.86 -1.16 22.65
N ALA D 532 27.89 -0.60 23.28
CA ALA D 532 28.77 -1.32 24.19
C ALA D 532 28.02 -2.02 25.33
N VAL D 533 26.86 -1.49 25.68
CA VAL D 533 26.08 -2.05 26.79
C VAL D 533 24.69 -2.57 26.37
N GLN D 534 24.45 -2.65 25.05
CA GLN D 534 23.16 -3.12 24.50
C GLN D 534 22.61 -4.35 25.21
N ASP D 535 23.51 -5.22 25.67
CA ASP D 535 23.15 -6.53 26.23
C ASP D 535 22.71 -6.50 27.70
N ILE D 536 23.21 -5.52 28.46
CA ILE D 536 22.78 -5.25 29.84
C ILE D 536 21.28 -4.93 29.86
N LEU D 537 20.81 -4.32 28.78
CA LEU D 537 19.39 -4.11 28.53
C LEU D 537 18.78 -5.43 28.00
N PRO D 538 17.97 -6.13 28.84
CA PRO D 538 17.46 -7.43 28.35
C PRO D 538 16.28 -7.27 27.39
#